data_6VGS
#
_entry.id   6VGS
#
_cell.length_a   128.195
_cell.length_b   128.268
_cell.length_c   147.737
_cell.angle_alpha   90.000
_cell.angle_beta   90.000
_cell.angle_gamma   90.000
#
_symmetry.space_group_name_H-M   'P 21 21 21'
#
loop_
_entity.id
_entity.type
_entity.pdbx_description
1 polymer 'Alpha-keto acid decarboxylase'
2 non-polymer 'MAGNESIUM ION'
3 non-polymer 'THIAMINE DIPHOSPHATE'
4 water water
#
_entity_poly.entity_id   1
_entity_poly.type   'polypeptide(L)'
_entity_poly.pdbx_seq_one_letter_code
;MGSSHHHHHHSSGLVPRGSHMYTVGDYLLDRLHELGIEEIFGVPGDYNLQFLDHIISRKDMKWVGNANELNASYMADGYA
RTKKAAAFLTTFGVGELSAVNGLAGSYAENLPVVEIVGSPTSKVQNEGKFVHHTLADGDFKHFMKMHEPVTAARTLLTAE
NATVEIDRVLSALLKERKPVYINLPVDVAAAKAEKPSLPLKKENSTSNTSDQEILNKIQESLKNAKKPIVITGHEIISFG
LEKTVSQFISKTKLPITTLNFGKSSVDEALPSFLGIYNGKLSEPNLKEFVESADFILMLGVKLTDSSTGVFTHHLNENKM
ISLNIDEGKIFNESIQNFDFESLISSLLDLSEIEYKGKYIDKKQEDFVPSNALLSQDRLWQAVENLTQSNETIVAEQGTS
FFGASPIFLKPKSHFIGQPLWGSIGYTFPAALGSQIADKESRHLLFIGDGSLQLTVQELGLAIREKINPICFIINNDGYT
VEREIHGPNQSYNDIPMWNYSKLPESFGATEERVVSKIVRTENEFVSVMKEAQADPNRMYWIELILAKEDAPKVLKKMGK
LFAEQNKS
;
_entity_poly.pdbx_strand_id   AAA,BBB,CCC,DDD
#
loop_
_chem_comp.id
_chem_comp.type
_chem_comp.name
_chem_comp.formula
MG non-polymer 'MAGNESIUM ION' 'Mg 2'
TPP non-polymer 'THIAMINE DIPHOSPHATE' 'C12 H19 N4 O7 P2 S 1'
#
# COMPACT_ATOMS: atom_id res chain seq x y z
N MET A 21 29.82 45.12 40.71
CA MET A 21 29.39 44.06 41.65
C MET A 21 29.24 42.75 40.87
N TYR A 22 29.91 41.69 41.32
CA TYR A 22 29.79 40.32 40.76
C TYR A 22 28.48 39.69 41.22
N THR A 23 27.70 39.16 40.28
CA THR A 23 26.32 38.69 40.54
C THR A 23 26.23 37.17 40.32
N VAL A 24 25.11 36.61 40.73
CA VAL A 24 24.68 35.23 40.40
C VAL A 24 24.74 35.03 38.88
N GLY A 25 24.25 35.99 38.11
CA GLY A 25 24.33 35.90 36.62
C GLY A 25 25.77 35.75 36.16
N ASP A 26 26.69 36.51 36.74
CA ASP A 26 28.12 36.45 36.39
C ASP A 26 28.66 35.08 36.75
N TYR A 27 28.27 34.54 37.91
CA TYR A 27 28.68 33.17 38.37
C TYR A 27 28.27 32.15 37.32
N LEU A 28 27.02 32.21 36.86
CA LEU A 28 26.48 31.29 35.84
C LEU A 28 27.33 31.42 34.55
N LEU A 29 27.58 32.63 34.11
CA LEU A 29 28.30 32.85 32.82
C LEU A 29 29.76 32.41 32.96
N ASP A 30 30.40 32.62 34.13
CA ASP A 30 31.76 32.08 34.36
C ASP A 30 31.75 30.54 34.23
N ARG A 31 30.75 29.87 34.80
CA ARG A 31 30.65 28.39 34.70
C ARG A 31 30.42 27.98 33.25
N LEU A 32 29.56 28.71 32.52
CA LEU A 32 29.35 28.36 31.08
C LEU A 32 30.66 28.55 30.29
N HIS A 33 31.40 29.62 30.56
CA HIS A 33 32.73 29.85 29.94
C HIS A 33 33.62 28.62 30.20
N GLU A 34 33.60 28.09 31.44
CA GLU A 34 34.43 26.93 31.83
C GLU A 34 34.08 25.73 30.96
N LEU A 35 32.83 25.63 30.54
CA LEU A 35 32.33 24.48 29.72
C LEU A 35 32.76 24.66 28.26
N GLY A 36 33.38 25.77 27.90
CA GLY A 36 33.85 26.05 26.53
C GLY A 36 32.81 26.78 25.70
N ILE A 37 31.76 27.31 26.32
CA ILE A 37 30.67 28.04 25.59
C ILE A 37 31.15 29.48 25.30
N GLU A 38 31.11 29.89 24.05
CA GLU A 38 31.55 31.23 23.58
C GLU A 38 30.40 32.00 22.94
N GLU A 39 29.26 31.33 22.72
CA GLU A 39 28.07 31.97 22.13
C GLU A 39 26.86 31.49 22.92
N ILE A 40 25.96 32.41 23.22
CA ILE A 40 24.65 32.08 23.83
C ILE A 40 23.56 32.46 22.84
N PHE A 41 22.69 31.49 22.53
CA PHE A 41 21.53 31.66 21.63
C PHE A 41 20.30 32.06 22.45
N GLY A 42 19.23 32.43 21.73
CA GLY A 42 17.91 32.57 22.37
C GLY A 42 17.17 33.81 21.94
N VAL A 43 16.18 34.20 22.72
CA VAL A 43 15.27 35.34 22.40
C VAL A 43 15.04 36.12 23.68
N PRO A 44 15.21 37.45 23.67
CA PRO A 44 14.97 38.26 24.85
C PRO A 44 13.49 38.29 25.27
N GLY A 45 13.27 38.63 26.53
CA GLY A 45 11.97 39.08 27.04
C GLY A 45 12.21 39.88 28.30
N ASP A 46 11.19 40.60 28.78
CA ASP A 46 11.40 41.54 29.90
C ASP A 46 12.00 40.77 31.09
N TYR A 47 11.64 39.50 31.29
CA TYR A 47 12.08 38.70 32.45
C TYR A 47 13.58 38.33 32.35
N ASN A 48 14.26 38.59 31.22
CA ASN A 48 15.70 38.24 31.07
C ASN A 48 16.58 39.40 30.58
N LEU A 49 16.06 40.60 30.31
CA LEU A 49 16.89 41.70 29.70
C LEU A 49 18.05 42.10 30.61
N GLN A 50 17.82 42.19 31.91
CA GLN A 50 18.85 42.67 32.86
C GLN A 50 19.99 41.66 32.92
N PHE A 51 19.69 40.37 33.01
CA PHE A 51 20.71 39.28 32.87
C PHE A 51 21.44 39.42 31.52
N LEU A 52 20.69 39.66 30.45
CA LEU A 52 21.27 39.72 29.07
C LEU A 52 22.36 40.80 29.03
N ASP A 53 22.20 41.91 29.76
CA ASP A 53 23.25 42.96 29.83
C ASP A 53 24.61 42.34 30.19
N HIS A 54 24.59 41.31 31.03
CA HIS A 54 25.81 40.65 31.56
C HIS A 54 26.46 39.81 30.46
N ILE A 55 25.66 39.22 29.56
CA ILE A 55 26.22 38.52 28.37
C ILE A 55 26.86 39.57 27.44
N ILE A 56 26.17 40.67 27.17
CA ILE A 56 26.65 41.74 26.24
C ILE A 56 28.01 42.21 26.74
N SER A 57 28.14 42.47 28.04
CA SER A 57 29.35 43.04 28.70
C SER A 57 30.55 42.11 28.59
N ARG A 58 30.35 40.80 28.62
CA ARG A 58 31.47 39.81 28.64
C ARG A 58 32.29 39.92 27.34
N LYS A 59 33.62 39.92 27.43
CA LYS A 59 34.51 39.95 26.25
C LYS A 59 34.60 38.55 25.64
N ASP A 60 34.38 37.49 26.45
CA ASP A 60 34.70 36.09 26.09
C ASP A 60 33.44 35.37 25.57
N MET A 61 32.31 36.06 25.46
CA MET A 61 31.01 35.42 25.12
C MET A 61 30.16 36.37 24.28
N LYS A 62 29.51 35.85 23.24
CA LYS A 62 28.69 36.65 22.31
C LYS A 62 27.23 36.22 22.46
N TRP A 63 26.33 37.19 22.53
CA TRP A 63 24.86 37.00 22.35
C TRP A 63 24.59 36.82 20.86
N VAL A 64 23.98 35.71 20.50
CA VAL A 64 23.52 35.46 19.10
C VAL A 64 22.01 35.27 19.10
N GLY A 65 21.26 36.38 18.97
CA GLY A 65 19.80 36.38 19.08
C GLY A 65 19.14 35.69 17.89
N ASN A 66 18.21 34.78 18.17
CA ASN A 66 17.44 34.02 17.17
C ASN A 66 16.13 34.73 16.84
N ALA A 67 15.49 34.34 15.73
CA ALA A 67 14.14 34.82 15.37
C ALA A 67 13.12 34.22 16.34
N ASN A 68 13.22 32.91 16.59
CA ASN A 68 12.30 32.25 17.57
C ASN A 68 13.04 31.23 18.41
N GLU A 69 12.39 30.79 19.48
CA GLU A 69 13.02 29.99 20.54
C GLU A 69 13.15 28.53 20.11
N LEU A 70 12.22 27.96 19.34
CA LEU A 70 12.41 26.56 18.85
C LEU A 70 13.73 26.54 18.05
N ASN A 71 13.95 27.55 17.20
CA ASN A 71 15.14 27.63 16.35
C ASN A 71 16.37 27.77 17.27
N ALA A 72 16.30 28.59 18.32
CA ALA A 72 17.41 28.78 19.28
C ALA A 72 17.78 27.43 19.89
N SER A 73 16.80 26.63 20.28
CA SER A 73 17.05 25.32 20.93
C SER A 73 17.71 24.35 19.92
N TYR A 74 17.25 24.32 18.69
CA TYR A 74 17.87 23.55 17.59
C TYR A 74 19.31 24.04 17.34
N MET A 75 19.50 25.37 17.32
CA MET A 75 20.83 25.96 17.03
C MET A 75 21.81 25.61 18.17
N ALA A 76 21.37 25.65 19.42
CA ALA A 76 22.21 25.30 20.59
C ALA A 76 22.58 23.82 20.52
N ASP A 77 21.66 22.97 20.09
CA ASP A 77 21.92 21.51 19.92
C ASP A 77 23.03 21.29 18.89
N GLY A 78 22.91 21.90 17.71
CA GLY A 78 23.94 21.85 16.66
C GLY A 78 25.27 22.37 17.19
N TYR A 79 25.25 23.47 17.95
CA TYR A 79 26.47 24.04 18.58
C TYR A 79 27.10 23.01 19.52
N ALA A 80 26.30 22.37 20.36
CA ALA A 80 26.75 21.35 21.33
C ALA A 80 27.36 20.15 20.60
N ARG A 81 26.82 19.75 19.46
CA ARG A 81 27.38 18.58 18.72
C ARG A 81 28.85 18.84 18.32
N THR A 82 29.22 20.10 18.13
CA THR A 82 30.56 20.50 17.61
C THR A 82 31.39 21.02 18.78
N LYS A 83 30.84 21.91 19.60
CA LYS A 83 31.59 22.59 20.69
C LYS A 83 31.66 21.68 21.92
N LYS A 84 30.71 20.74 22.08
CA LYS A 84 30.61 19.76 23.21
C LYS A 84 30.04 20.42 24.47
N ALA A 85 29.45 21.60 24.35
CA ALA A 85 28.55 22.23 25.34
C ALA A 85 27.85 23.39 24.63
N ALA A 86 26.67 23.77 25.11
CA ALA A 86 25.91 24.89 24.54
C ALA A 86 24.96 25.46 25.59
N ALA A 87 24.50 26.68 25.35
CA ALA A 87 23.49 27.33 26.21
C ALA A 87 22.59 28.19 25.33
N PHE A 88 21.34 28.32 25.74
CA PHE A 88 20.44 29.33 25.15
C PHE A 88 19.55 29.87 26.25
N LEU A 89 19.02 31.07 26.01
CA LEU A 89 18.27 31.88 26.98
C LEU A 89 16.87 32.11 26.41
N THR A 90 15.84 31.85 27.23
CA THR A 90 14.44 32.13 26.89
C THR A 90 13.79 32.91 28.02
N THR A 91 12.61 33.42 27.76
CA THR A 91 11.74 34.03 28.77
C THR A 91 10.72 32.99 29.28
N PHE A 92 10.35 33.17 30.54
CA PHE A 92 9.39 32.35 31.29
C PHE A 92 8.14 32.06 30.43
N GLY A 93 7.70 30.79 30.43
CA GLY A 93 6.44 30.37 29.82
C GLY A 93 6.52 30.34 28.30
N VAL A 94 6.36 31.49 27.65
CA VAL A 94 6.24 31.58 26.17
C VAL A 94 7.56 31.20 25.50
N GLY A 95 8.70 31.58 26.07
CA GLY A 95 10.00 31.25 25.45
C GLY A 95 10.34 29.79 25.69
N GLU A 96 10.34 29.34 26.94
CA GLU A 96 10.74 27.96 27.30
C GLU A 96 9.79 26.95 26.63
N LEU A 97 8.48 27.18 26.57
CA LEU A 97 7.56 26.16 25.98
C LEU A 97 7.73 26.12 24.46
N SER A 98 8.11 27.23 23.83
CA SER A 98 8.44 27.28 22.38
C SER A 98 9.66 26.40 22.10
N ALA A 99 10.58 26.27 23.07
CA ALA A 99 11.88 25.58 22.89
C ALA A 99 11.83 24.09 23.29
N VAL A 100 10.77 23.61 23.96
CA VAL A 100 10.83 22.29 24.65
C VAL A 100 11.00 21.15 23.64
N ASN A 101 10.56 21.28 22.39
CA ASN A 101 10.80 20.23 21.38
C ASN A 101 12.30 20.15 21.06
N GLY A 102 12.99 21.29 20.98
CA GLY A 102 14.44 21.28 20.80
C GLY A 102 15.15 20.67 21.99
N LEU A 103 14.78 21.05 23.21
CA LEU A 103 15.39 20.42 24.40
C LEU A 103 15.10 18.91 24.45
N ALA A 104 13.91 18.45 24.03
CA ALA A 104 13.55 17.03 23.99
C ALA A 104 14.48 16.28 23.02
N GLY A 105 14.77 16.89 21.85
CA GLY A 105 15.75 16.35 20.87
C GLY A 105 17.12 16.23 21.50
N SER A 106 17.53 17.24 22.28
CA SER A 106 18.84 17.25 22.96
C SER A 106 18.86 16.16 24.02
N TYR A 107 17.72 15.87 24.63
CA TYR A 107 17.63 14.79 25.64
C TYR A 107 17.71 13.43 24.94
N ALA A 108 16.88 13.22 23.93
CA ALA A 108 16.84 11.96 23.13
C ALA A 108 18.23 11.59 22.62
N GLU A 109 18.96 12.55 22.03
CA GLU A 109 20.23 12.24 21.32
C GLU A 109 21.40 12.68 22.20
N ASN A 110 21.11 13.05 23.46
CA ASN A 110 22.12 13.15 24.55
C ASN A 110 23.11 14.27 24.23
N LEU A 111 22.63 15.52 24.03
CA LEU A 111 23.53 16.67 23.82
C LEU A 111 23.54 17.56 25.05
N PRO A 112 24.75 18.03 25.44
CA PRO A 112 24.92 18.87 26.64
C PRO A 112 24.53 20.34 26.43
N VAL A 113 23.22 20.61 26.47
CA VAL A 113 22.64 21.96 26.25
C VAL A 113 22.08 22.47 27.56
N VAL A 114 22.43 23.70 27.94
CA VAL A 114 21.85 24.38 29.12
C VAL A 114 20.77 25.33 28.62
N GLU A 115 19.54 25.19 29.12
CA GLU A 115 18.51 26.23 28.90
C GLU A 115 18.43 27.11 30.13
N ILE A 116 18.61 28.42 29.95
CA ILE A 116 18.40 29.45 31.01
C ILE A 116 17.05 30.09 30.75
N VAL A 117 16.16 30.11 31.74
CA VAL A 117 14.80 30.71 31.63
C VAL A 117 14.72 31.89 32.59
N GLY A 118 14.67 33.10 32.07
CA GLY A 118 14.48 34.31 32.88
C GLY A 118 13.05 34.36 33.36
N SER A 119 12.83 34.54 34.66
CA SER A 119 11.49 34.50 35.27
C SER A 119 11.24 35.76 36.09
N PRO A 120 9.97 36.02 36.44
CA PRO A 120 9.60 37.21 37.22
C PRO A 120 10.34 37.26 38.57
N THR A 121 10.40 38.45 39.18
CA THR A 121 11.05 38.65 40.50
C THR A 121 10.44 37.67 41.47
N SER A 122 11.20 37.22 42.47
CA SER A 122 10.68 36.29 43.49
C SER A 122 9.49 36.95 44.19
N LYS A 123 9.47 38.27 44.35
CA LYS A 123 8.33 39.01 44.97
C LYS A 123 7.04 38.71 44.17
N VAL A 124 7.09 38.85 42.86
CA VAL A 124 5.92 38.61 41.97
C VAL A 124 5.51 37.13 42.07
N GLN A 125 6.49 36.22 42.01
CA GLN A 125 6.21 34.75 42.12
C GLN A 125 5.58 34.44 43.48
N ASN A 126 6.16 34.96 44.56
CA ASN A 126 5.72 34.69 45.95
C ASN A 126 4.29 35.22 46.16
N GLU A 127 3.96 36.36 45.55
CA GLU A 127 2.60 36.99 45.70
C GLU A 127 1.58 36.33 44.76
N GLY A 128 2.01 35.43 43.86
CA GLY A 128 1.09 34.71 42.96
C GLY A 128 0.39 35.63 41.96
N LYS A 129 1.07 36.69 41.49
CA LYS A 129 0.44 37.76 40.65
C LYS A 129 0.09 37.19 39.28
N PHE A 130 -1.01 37.64 38.70
CA PHE A 130 -1.51 37.22 37.37
C PHE A 130 -0.76 38.01 36.29
N VAL A 131 0.50 37.66 36.09
CA VAL A 131 1.38 38.44 35.16
C VAL A 131 1.46 37.70 33.82
N HIS A 132 1.93 38.44 32.79
CA HIS A 132 2.07 37.96 31.41
C HIS A 132 2.94 36.70 31.40
N HIS A 133 2.63 35.76 30.51
CA HIS A 133 3.30 34.45 30.33
C HIS A 133 2.97 33.49 31.49
N THR A 134 1.84 33.69 32.18
CA THR A 134 1.32 32.69 33.15
C THR A 134 -0.07 32.26 32.72
N LEU A 135 -0.61 31.31 33.46
CA LEU A 135 -2.01 30.87 33.26
C LEU A 135 -2.95 31.69 34.15
N ALA A 136 -2.47 32.75 34.79
CA ALA A 136 -3.25 33.60 35.73
C ALA A 136 -3.89 32.70 36.80
N ASP A 137 -3.08 31.79 37.36
CA ASP A 137 -3.44 30.97 38.53
C ASP A 137 -2.41 31.16 39.66
N GLY A 138 -1.47 32.09 39.51
CA GLY A 138 -0.45 32.40 40.53
C GLY A 138 0.60 31.32 40.68
N ASP A 139 0.65 30.34 39.78
CA ASP A 139 1.60 29.19 39.88
C ASP A 139 2.75 29.37 38.90
N PHE A 140 3.98 29.50 39.41
CA PHE A 140 5.18 29.80 38.57
C PHE A 140 6.05 28.54 38.43
N LYS A 141 5.49 27.36 38.74
CA LYS A 141 6.27 26.10 38.77
C LYS A 141 5.78 25.08 37.74
N HIS A 142 4.69 25.33 37.01
CA HIS A 142 4.15 24.38 36.01
C HIS A 142 5.23 24.03 34.97
N PHE A 143 5.90 25.03 34.43
CA PHE A 143 6.71 24.89 33.20
C PHE A 143 8.00 24.16 33.57
N MET A 144 8.54 24.42 34.75
CA MET A 144 9.74 23.67 35.20
C MET A 144 9.34 22.19 35.36
N LYS A 145 8.17 21.91 35.95
CA LYS A 145 7.68 20.51 36.10
C LYS A 145 7.55 19.84 34.71
N MET A 146 7.03 20.56 33.71
CA MET A 146 6.84 20.00 32.34
C MET A 146 8.19 19.62 31.72
N HIS A 147 9.31 20.13 32.23
CA HIS A 147 10.65 19.79 31.66
C HIS A 147 11.23 18.53 32.31
N GLU A 148 10.59 17.98 33.36
CA GLU A 148 11.19 16.87 34.14
C GLU A 148 11.59 15.70 33.25
N PRO A 149 10.76 15.23 32.31
CA PRO A 149 11.12 14.07 31.47
C PRO A 149 12.19 14.35 30.39
N VAL A 150 12.54 15.61 30.14
CA VAL A 150 13.47 15.97 29.02
C VAL A 150 14.68 16.73 29.56
N THR A 151 15.01 16.60 30.84
CA THR A 151 16.20 17.22 31.46
C THR A 151 16.84 16.21 32.41
N ALA A 152 18.17 16.19 32.48
CA ALA A 152 18.94 15.44 33.48
C ALA A 152 18.79 16.08 34.86
N ALA A 153 18.57 17.39 34.91
CA ALA A 153 18.49 18.18 36.16
C ALA A 153 17.82 19.49 35.83
N ARG A 154 17.15 20.06 36.83
CA ARG A 154 16.48 21.37 36.71
CA ARG A 154 16.49 21.38 36.71
C ARG A 154 16.56 22.07 38.06
N THR A 155 16.48 23.39 38.06
CA THR A 155 16.51 24.19 39.31
C THR A 155 15.79 25.53 39.09
N LEU A 156 15.12 25.99 40.13
CA LEU A 156 14.64 27.38 40.31
C LEU A 156 15.55 28.03 41.32
N LEU A 157 16.36 28.98 40.88
CA LEU A 157 17.42 29.60 41.72
C LEU A 157 16.73 30.53 42.74
N THR A 158 17.33 30.60 43.91
CA THR A 158 17.12 31.66 44.94
C THR A 158 18.48 32.30 45.21
N ALA A 159 18.50 33.50 45.79
CA ALA A 159 19.74 34.19 46.21
C ALA A 159 20.57 33.21 47.06
N GLU A 160 19.91 32.44 47.93
CA GLU A 160 20.55 31.54 48.92
C GLU A 160 21.19 30.34 48.22
N ASN A 161 20.51 29.73 47.25
CA ASN A 161 20.86 28.39 46.71
C ASN A 161 21.67 28.55 45.42
N ALA A 162 21.81 29.77 44.91
CA ALA A 162 22.16 29.99 43.48
C ALA A 162 23.45 29.24 43.15
N THR A 163 24.55 29.48 43.87
CA THR A 163 25.88 28.95 43.45
C THR A 163 25.89 27.43 43.55
N VAL A 164 25.30 26.86 44.61
CA VAL A 164 25.22 25.38 44.79
C VAL A 164 24.39 24.78 43.65
N GLU A 165 23.24 25.38 43.33
CA GLU A 165 22.28 24.81 42.36
C GLU A 165 22.82 24.96 40.94
N ILE A 166 23.45 26.08 40.61
CA ILE A 166 24.15 26.22 39.31
C ILE A 166 25.15 25.10 39.19
N ASP A 167 25.98 24.89 40.22
CA ASP A 167 27.06 23.88 40.16
C ASP A 167 26.40 22.49 40.11
N ARG A 168 25.30 22.27 40.81
CA ARG A 168 24.64 20.94 40.82
C ARG A 168 24.15 20.60 39.41
N VAL A 169 23.42 21.50 38.75
CA VAL A 169 22.82 21.14 37.42
C VAL A 169 23.92 21.06 36.35
N LEU A 170 24.94 21.92 36.40
CA LEU A 170 26.06 21.87 35.42
C LEU A 170 26.91 20.62 35.68
N SER A 171 27.05 20.18 36.93
CA SER A 171 27.70 18.87 37.24
C SER A 171 26.93 17.72 36.59
N ALA A 172 25.60 17.77 36.62
CA ALA A 172 24.72 16.75 36.00
C ALA A 172 24.98 16.78 34.48
N LEU A 173 25.10 17.98 33.91
CA LEU A 173 25.42 18.12 32.47
C LEU A 173 26.77 17.45 32.19
N LEU A 174 27.78 17.66 33.03
CA LEU A 174 29.13 17.07 32.83
C LEU A 174 29.08 15.54 32.93
N LYS A 175 28.33 15.01 33.89
CA LYS A 175 28.24 13.55 34.16
C LYS A 175 27.45 12.85 33.04
N GLU A 176 26.34 13.41 32.60
CA GLU A 176 25.35 12.73 31.72
C GLU A 176 25.42 13.23 30.26
N ARG A 177 25.95 14.44 30.04
CA ARG A 177 25.99 15.18 28.75
C ARG A 177 24.58 15.26 28.16
N LYS A 178 23.57 15.29 29.03
CA LYS A 178 22.17 15.56 28.70
C LYS A 178 21.83 16.99 29.05
N PRO A 179 20.74 17.53 28.50
CA PRO A 179 20.34 18.90 28.77
C PRO A 179 19.92 19.12 30.22
N VAL A 180 20.15 20.35 30.67
CA VAL A 180 19.70 20.81 32.01
C VAL A 180 19.03 22.17 31.88
N TYR A 181 18.34 22.57 32.95
CA TYR A 181 17.39 23.70 32.93
C TYR A 181 17.62 24.54 34.17
N ILE A 182 17.80 25.85 33.98
CA ILE A 182 18.00 26.83 35.08
C ILE A 182 16.97 27.95 34.92
N ASN A 183 16.02 28.00 35.84
CA ASN A 183 15.07 29.12 36.02
C ASN A 183 15.72 30.17 36.90
N LEU A 184 15.91 31.36 36.33
CA LEU A 184 16.70 32.47 36.92
C LEU A 184 15.78 33.67 37.11
N PRO A 185 15.16 33.85 38.29
CA PRO A 185 14.36 35.05 38.53
C PRO A 185 15.20 36.32 38.41
N VAL A 186 14.58 37.40 37.93
CA VAL A 186 15.24 38.74 37.70
C VAL A 186 16.09 39.15 38.91
N ASP A 187 15.51 39.12 40.11
CA ASP A 187 16.17 39.66 41.33
C ASP A 187 17.31 38.71 41.72
N VAL A 188 17.16 37.41 41.46
CA VAL A 188 18.16 36.38 41.82
C VAL A 188 19.39 36.53 40.91
N ALA A 189 19.21 36.80 39.63
CA ALA A 189 20.30 37.08 38.67
C ALA A 189 21.15 38.25 39.17
N ALA A 190 20.50 39.28 39.71
CA ALA A 190 21.14 40.56 40.12
C ALA A 190 21.79 40.43 41.50
N ALA A 191 21.54 39.33 42.24
CA ALA A 191 21.98 39.19 43.65
C ALA A 191 23.48 38.96 43.69
N LYS A 192 24.12 39.33 44.81
CA LYS A 192 25.60 39.24 44.98
C LYS A 192 26.02 37.76 44.89
N ALA A 193 27.19 37.48 44.34
CA ALA A 193 27.86 36.17 44.47
C ALA A 193 29.37 36.39 44.55
N GLU A 194 30.13 35.33 44.83
CA GLU A 194 31.61 35.37 44.80
C GLU A 194 32.08 34.46 43.66
N LYS A 195 33.06 34.88 42.88
CA LYS A 195 33.65 34.10 41.76
C LYS A 195 34.01 32.71 42.28
N PRO A 196 33.80 31.62 41.49
CA PRO A 196 34.20 30.29 41.93
C PRO A 196 35.73 30.21 42.04
N SER A 197 36.25 29.49 43.03
CA SER A 197 37.71 29.39 43.34
C SER A 197 38.33 28.17 42.64
N LEU A 198 37.53 27.13 42.36
CA LEU A 198 37.93 25.97 41.52
C LEU A 198 36.90 25.74 40.43
N PRO A 199 37.32 25.32 39.21
CA PRO A 199 36.38 24.88 38.17
C PRO A 199 35.67 23.57 38.55
N LEU A 200 34.51 23.30 37.95
CA LEU A 200 33.65 22.11 38.18
C LEU A 200 34.42 20.82 37.91
N LYS A 201 34.02 19.73 38.57
CA LYS A 201 34.66 18.38 38.49
C LYS A 201 35.90 18.45 37.59
N ASN A 208 34.99 1.33 39.47
CA ASN A 208 36.48 1.27 39.59
C ASN A 208 36.95 -0.18 39.39
N THR A 209 36.59 -1.05 40.35
CA THR A 209 36.74 -2.53 40.24
C THR A 209 35.85 -3.02 39.09
N SER A 210 34.67 -2.41 38.90
CA SER A 210 33.72 -2.64 37.79
C SER A 210 34.29 -2.17 36.43
N ASP A 211 34.84 -0.95 36.41
CA ASP A 211 35.60 -0.42 35.25
C ASP A 211 36.65 -1.47 34.84
N GLN A 212 37.43 -1.94 35.81
CA GLN A 212 38.57 -2.85 35.51
C GLN A 212 38.05 -4.20 35.00
N GLU A 213 36.98 -4.73 35.59
CA GLU A 213 36.37 -6.03 35.15
C GLU A 213 35.91 -5.88 33.71
N ILE A 214 35.26 -4.77 33.37
CA ILE A 214 34.77 -4.50 31.99
C ILE A 214 35.97 -4.47 31.04
N LEU A 215 37.01 -3.70 31.38
CA LEU A 215 38.22 -3.55 30.53
C LEU A 215 38.87 -4.92 30.34
N ASN A 216 39.03 -5.69 31.42
CA ASN A 216 39.64 -7.05 31.35
C ASN A 216 38.85 -7.95 30.39
N LYS A 217 37.51 -7.91 30.43
CA LYS A 217 36.66 -8.78 29.57
C LYS A 217 36.75 -8.34 28.11
N ILE A 218 36.79 -7.03 27.87
CA ILE A 218 36.99 -6.48 26.50
C ILE A 218 38.35 -6.97 25.96
N GLN A 219 39.42 -6.78 26.73
CA GLN A 219 40.79 -7.17 26.33
C GLN A 219 40.81 -8.66 25.95
N GLU A 220 40.18 -9.51 26.77
CA GLU A 220 40.17 -10.99 26.60
C GLU A 220 39.38 -11.35 25.33
N SER A 221 38.22 -10.73 25.12
CA SER A 221 37.37 -11.01 23.93
C SER A 221 38.11 -10.57 22.66
N LEU A 222 38.78 -9.41 22.71
CA LEU A 222 39.48 -8.87 21.52
C LEU A 222 40.70 -9.73 21.24
N LYS A 223 41.44 -10.12 22.29
CA LYS A 223 42.60 -11.05 22.19
C LYS A 223 42.18 -12.31 21.42
N ASN A 224 41.01 -12.87 21.73
CA ASN A 224 40.59 -14.22 21.29
C ASN A 224 39.83 -14.14 19.96
N ALA A 225 39.32 -12.97 19.58
CA ALA A 225 38.43 -12.83 18.39
C ALA A 225 39.21 -13.03 17.08
N LYS A 226 38.65 -13.79 16.14
CA LYS A 226 39.15 -13.94 14.75
C LYS A 226 38.60 -12.80 13.89
N LYS A 227 37.40 -12.30 14.22
CA LYS A 227 36.64 -11.37 13.37
C LYS A 227 35.83 -10.44 14.24
N PRO A 228 36.46 -9.58 15.04
CA PRO A 228 35.72 -8.66 15.91
C PRO A 228 35.13 -7.54 15.05
N ILE A 229 34.05 -6.93 15.53
CA ILE A 229 33.49 -5.67 14.98
C ILE A 229 33.30 -4.70 16.14
N VAL A 230 33.79 -3.49 15.98
CA VAL A 230 33.48 -2.35 16.89
C VAL A 230 32.35 -1.58 16.24
N ILE A 231 31.34 -1.24 17.03
CA ILE A 231 30.25 -0.33 16.60
C ILE A 231 30.25 0.86 17.57
N THR A 232 30.39 2.07 17.04
CA THR A 232 30.30 3.31 17.88
C THR A 232 29.03 4.08 17.53
N GLY A 233 28.52 4.84 18.49
CA GLY A 233 27.26 5.57 18.32
C GLY A 233 27.33 6.97 18.91
N HIS A 234 26.15 7.55 19.05
CA HIS A 234 25.95 8.99 19.33
C HIS A 234 26.56 9.36 20.70
N GLU A 235 26.62 8.44 21.67
CA GLU A 235 27.06 8.83 23.03
C GLU A 235 28.57 9.17 22.99
N ILE A 236 29.31 8.61 22.04
CA ILE A 236 30.73 9.02 21.77
C ILE A 236 30.77 10.49 21.38
N ILE A 237 29.83 10.91 20.52
CA ILE A 237 29.78 12.33 20.06
C ILE A 237 29.44 13.21 21.27
N SER A 238 28.49 12.76 22.11
CA SER A 238 28.00 13.49 23.32
C SER A 238 29.17 13.92 24.18
N PHE A 239 30.14 13.04 24.39
CA PHE A 239 31.31 13.25 25.28
C PHE A 239 32.52 13.81 24.52
N GLY A 240 32.44 14.03 23.21
CA GLY A 240 33.59 14.48 22.42
C GLY A 240 34.70 13.43 22.38
N LEU A 241 34.33 12.15 22.27
CA LEU A 241 35.31 11.03 22.32
C LEU A 241 35.66 10.55 20.91
N GLU A 242 35.28 11.29 19.85
CA GLU A 242 35.52 10.79 18.47
C GLU A 242 37.03 10.56 18.29
N LYS A 243 37.86 11.52 18.72
CA LYS A 243 39.32 11.47 18.44
C LYS A 243 39.93 10.27 19.20
N THR A 244 39.39 9.98 20.38
CA THR A 244 39.84 8.85 21.25
C THR A 244 39.52 7.54 20.53
N VAL A 245 38.28 7.38 20.09
CA VAL A 245 37.85 6.17 19.32
C VAL A 245 38.73 6.02 18.07
N SER A 246 38.97 7.11 17.33
CA SER A 246 39.79 7.10 16.10
C SER A 246 41.23 6.63 16.43
N GLN A 247 41.80 7.11 17.52
CA GLN A 247 43.17 6.72 17.95
C GLN A 247 43.17 5.22 18.29
N PHE A 248 42.15 4.75 19.00
CA PHE A 248 41.98 3.33 19.39
C PHE A 248 41.91 2.44 18.14
N ILE A 249 41.06 2.81 17.18
CA ILE A 249 40.89 2.02 15.92
C ILE A 249 42.16 2.10 15.06
N SER A 250 42.80 3.27 14.97
CA SER A 250 44.03 3.42 14.14
C SER A 250 45.13 2.50 14.65
N LYS A 251 45.34 2.46 15.98
CA LYS A 251 46.38 1.64 16.65
C LYS A 251 46.09 0.15 16.50
N THR A 252 44.85 -0.28 16.75
CA THR A 252 44.45 -1.71 16.83
C THR A 252 44.13 -2.28 15.46
N LYS A 253 43.76 -1.43 14.49
CA LYS A 253 43.31 -1.82 13.12
C LYS A 253 41.97 -2.59 13.19
N LEU A 254 41.23 -2.46 14.28
CA LEU A 254 39.93 -3.16 14.47
C LEU A 254 38.93 -2.71 13.43
N PRO A 255 38.20 -3.67 12.81
CA PRO A 255 37.06 -3.35 11.96
C PRO A 255 36.06 -2.50 12.78
N ILE A 256 35.59 -1.42 12.16
CA ILE A 256 34.59 -0.56 12.82
C ILE A 256 33.49 -0.18 11.84
N THR A 257 32.28 -0.11 12.36
CA THR A 257 31.08 0.42 11.67
C THR A 257 30.44 1.39 12.65
N THR A 258 29.59 2.28 12.16
CA THR A 258 28.67 3.04 13.04
C THR A 258 27.28 2.86 12.47
N LEU A 259 26.27 3.13 13.28
CA LEU A 259 24.92 3.39 12.79
C LEU A 259 24.89 4.79 12.18
N ASN A 260 23.77 5.12 11.54
CA ASN A 260 23.49 6.48 11.05
C ASN A 260 23.16 7.37 12.26
N PHE A 261 22.85 6.74 13.39
CA PHE A 261 22.70 7.39 14.72
C PHE A 261 24.07 7.37 15.40
N GLY A 262 24.82 8.47 15.31
CA GLY A 262 26.21 8.54 15.78
C GLY A 262 27.20 8.44 14.63
N LYS A 263 26.74 8.70 13.39
CA LYS A 263 27.64 8.82 12.22
C LYS A 263 28.69 9.90 12.51
N SER A 264 29.96 9.56 12.27
CA SER A 264 31.18 10.39 12.47
C SER A 264 31.66 10.28 13.92
N SER A 265 31.16 9.31 14.69
CA SER A 265 31.73 8.94 16.02
C SER A 265 33.14 8.35 15.89
N VAL A 266 33.52 7.97 14.68
CA VAL A 266 34.93 7.62 14.31
C VAL A 266 35.25 8.36 13.03
N ASP A 267 36.54 8.50 12.76
CA ASP A 267 37.08 8.97 11.47
C ASP A 267 36.79 7.93 10.39
N GLU A 268 35.86 8.24 9.48
CA GLU A 268 35.41 7.31 8.40
C GLU A 268 36.52 7.06 7.38
N ALA A 269 37.57 7.88 7.36
CA ALA A 269 38.69 7.73 6.40
C ALA A 269 39.65 6.63 6.88
N LEU A 270 39.49 6.11 8.11
CA LEU A 270 40.41 5.04 8.62
C LEU A 270 40.24 3.77 7.77
N PRO A 271 41.33 3.04 7.47
CA PRO A 271 41.25 1.90 6.56
C PRO A 271 40.29 0.81 7.04
N SER A 272 40.07 0.67 8.35
CA SER A 272 39.26 -0.42 8.94
C SER A 272 37.81 0.03 9.13
N PHE A 273 37.47 1.24 8.75
CA PHE A 273 36.05 1.69 8.77
C PHE A 273 35.31 1.05 7.60
N LEU A 274 34.22 0.33 7.86
CA LEU A 274 33.54 -0.54 6.84
C LEU A 274 32.42 0.23 6.14
N GLY A 275 31.89 1.26 6.78
CA GLY A 275 30.69 1.96 6.33
C GLY A 275 29.61 1.92 7.39
N ILE A 276 28.39 2.30 7.00
CA ILE A 276 27.25 2.47 7.93
C ILE A 276 26.44 1.18 7.94
N TYR A 277 26.33 0.56 9.10
CA TYR A 277 25.44 -0.60 9.31
C TYR A 277 24.02 -0.11 9.61
N ASN A 278 23.07 -0.54 8.79
CA ASN A 278 21.66 -0.08 8.82
C ASN A 278 20.78 -1.31 8.59
N GLY A 279 20.96 -2.34 9.43
CA GLY A 279 20.27 -3.63 9.27
C GLY A 279 20.33 -4.14 7.84
N LYS A 280 19.21 -4.64 7.31
CA LYS A 280 19.22 -5.31 6.00
C LYS A 280 19.39 -4.28 4.86
N LEU A 281 19.36 -2.97 5.15
CA LEU A 281 19.62 -1.94 4.10
C LEU A 281 21.10 -1.60 4.00
N SER A 282 21.96 -2.26 4.74
CA SER A 282 23.44 -2.13 4.67
C SER A 282 23.93 -2.58 3.29
N GLU A 283 25.02 -1.99 2.82
CA GLU A 283 25.82 -2.54 1.71
C GLU A 283 26.11 -4.01 2.03
N PRO A 284 25.89 -4.96 1.09
CA PRO A 284 25.98 -6.39 1.40
C PRO A 284 27.30 -6.86 2.01
N ASN A 285 28.45 -6.39 1.55
CA ASN A 285 29.77 -6.84 2.08
C ASN A 285 29.87 -6.44 3.56
N LEU A 286 29.44 -5.23 3.87
CA LEU A 286 29.42 -4.73 5.28
C LEU A 286 28.47 -5.59 6.12
N LYS A 287 27.26 -5.83 5.62
CA LYS A 287 26.19 -6.59 6.35
C LYS A 287 26.74 -7.98 6.69
N GLU A 288 27.33 -8.64 5.71
CA GLU A 288 27.91 -10.02 5.84
C GLU A 288 29.00 -10.00 6.91
N PHE A 289 29.88 -9.00 6.89
CA PHE A 289 31.02 -8.91 7.84
C PHE A 289 30.49 -8.74 9.26
N VAL A 290 29.61 -7.75 9.48
CA VAL A 290 29.13 -7.38 10.84
C VAL A 290 28.40 -8.59 11.44
N GLU A 291 27.54 -9.25 10.65
CA GLU A 291 26.61 -10.28 11.17
C GLU A 291 27.33 -11.63 11.27
N SER A 292 28.56 -11.76 10.78
CA SER A 292 29.40 -12.98 10.94
C SER A 292 30.53 -12.75 11.95
N ALA A 293 30.67 -11.54 12.50
CA ALA A 293 31.70 -11.24 13.51
C ALA A 293 31.49 -12.17 14.71
N ASP A 294 32.60 -12.66 15.31
CA ASP A 294 32.59 -13.63 16.42
C ASP A 294 32.63 -12.87 17.75
N PHE A 295 32.82 -11.55 17.70
CA PHE A 295 32.69 -10.67 18.89
C PHE A 295 32.26 -9.28 18.44
N ILE A 296 31.32 -8.68 19.16
CA ILE A 296 30.78 -7.32 18.90
C ILE A 296 31.09 -6.44 20.09
N LEU A 297 31.77 -5.31 19.88
CA LEU A 297 31.97 -4.30 20.95
C LEU A 297 31.19 -3.05 20.53
N MET A 298 30.09 -2.75 21.22
CA MET A 298 29.27 -1.55 20.96
C MET A 298 29.60 -0.47 21.99
N LEU A 299 29.99 0.71 21.53
CA LEU A 299 30.34 1.84 22.41
C LEU A 299 29.40 3.02 22.12
N GLY A 300 28.50 3.33 23.06
CA GLY A 300 27.62 4.52 23.01
C GLY A 300 26.54 4.38 21.95
N VAL A 301 26.10 3.16 21.65
CA VAL A 301 25.10 2.87 20.59
C VAL A 301 23.70 2.72 21.21
N LYS A 302 22.67 3.24 20.55
CA LYS A 302 21.26 2.83 20.79
C LYS A 302 20.68 2.38 19.45
N LEU A 303 20.02 1.23 19.46
CA LEU A 303 19.44 0.60 18.23
C LEU A 303 18.02 1.13 18.08
N THR A 304 17.79 1.98 17.08
CA THR A 304 16.48 2.62 16.86
C THR A 304 15.98 2.21 15.47
N ASP A 305 14.71 2.45 15.19
CA ASP A 305 14.11 1.97 13.92
C ASP A 305 14.88 2.57 12.74
N SER A 306 15.16 3.86 12.74
CA SER A 306 15.74 4.56 11.56
C SER A 306 17.22 4.20 11.40
N SER A 307 17.85 3.68 12.44
CA SER A 307 19.29 3.34 12.49
C SER A 307 19.51 1.83 12.36
N THR A 308 18.45 1.01 12.25
CA THR A 308 18.61 -0.46 12.12
C THR A 308 17.83 -1.04 10.94
N GLY A 309 17.48 -0.24 9.94
CA GLY A 309 16.65 -0.73 8.83
C GLY A 309 15.32 -1.24 9.37
N VAL A 310 14.76 -0.51 10.32
CA VAL A 310 13.52 -0.86 11.06
C VAL A 310 13.68 -2.26 11.68
N PHE A 311 14.70 -2.39 12.53
CA PHE A 311 14.95 -3.55 13.42
C PHE A 311 15.20 -4.81 12.59
N THR A 312 15.94 -4.69 11.49
CA THR A 312 16.38 -5.82 10.65
C THR A 312 17.87 -6.08 10.88
N HIS A 313 18.41 -5.56 11.98
CA HIS A 313 19.79 -5.81 12.44
C HIS A 313 19.87 -7.24 13.00
N HIS A 314 21.06 -7.81 12.95
CA HIS A 314 21.38 -9.13 13.55
C HIS A 314 22.68 -8.96 14.35
N LEU A 315 22.52 -8.62 15.62
CA LEU A 315 23.63 -8.32 16.55
C LEU A 315 23.43 -9.20 17.76
N ASN A 316 24.01 -10.41 17.69
CA ASN A 316 23.81 -11.48 18.69
C ASN A 316 24.42 -11.03 20.03
N GLU A 317 23.58 -10.81 21.04
CA GLU A 317 23.98 -10.29 22.36
C GLU A 317 24.82 -11.34 23.09
N ASN A 318 24.72 -12.61 22.68
CA ASN A 318 25.54 -13.72 23.24
C ASN A 318 27.01 -13.49 22.94
N LYS A 319 27.36 -12.69 21.93
CA LYS A 319 28.77 -12.46 21.53
C LYS A 319 29.07 -10.96 21.56
N MET A 320 28.34 -10.20 22.40
CA MET A 320 28.41 -8.72 22.43
C MET A 320 28.79 -8.22 23.83
N ILE A 321 29.72 -7.27 23.89
CA ILE A 321 29.86 -6.33 25.04
C ILE A 321 29.39 -4.96 24.55
N SER A 322 28.36 -4.40 25.20
CA SER A 322 27.87 -3.04 24.91
C SER A 322 28.15 -2.15 26.13
N LEU A 323 28.64 -0.94 25.88
CA LEU A 323 28.83 0.10 26.92
C LEU A 323 28.04 1.34 26.53
N ASN A 324 27.23 1.85 27.46
CA ASN A 324 26.44 3.09 27.31
C ASN A 324 26.76 3.97 28.53
N ILE A 325 26.31 5.23 28.49
CA ILE A 325 26.50 6.16 29.63
C ILE A 325 25.84 5.54 30.87
N ASP A 326 24.62 5.04 30.76
CA ASP A 326 23.72 4.70 31.90
C ASP A 326 23.92 3.23 32.33
N GLU A 327 24.41 2.38 31.43
CA GLU A 327 24.44 0.92 31.66
C GLU A 327 25.31 0.23 30.60
N GLY A 328 25.59 -1.04 30.84
CA GLY A 328 26.38 -1.91 29.95
C GLY A 328 25.79 -3.30 29.98
N LYS A 329 26.18 -4.10 29.01
CA LYS A 329 25.84 -5.54 28.92
C LYS A 329 27.11 -6.29 28.54
N ILE A 330 27.49 -7.26 29.37
CA ILE A 330 28.58 -8.23 29.06
C ILE A 330 27.92 -9.56 28.73
N PHE A 331 27.87 -9.91 27.44
CA PHE A 331 27.28 -11.20 26.98
C PHE A 331 25.95 -11.40 27.71
N ASN A 332 25.07 -10.40 27.60
CA ASN A 332 23.63 -10.47 27.98
C ASN A 332 23.46 -10.22 29.49
N GLU A 333 24.54 -10.01 30.24
CA GLU A 333 24.47 -9.69 31.70
C GLU A 333 24.66 -8.18 31.91
N SER A 334 23.66 -7.51 32.47
CA SER A 334 23.68 -6.07 32.83
C SER A 334 24.83 -5.79 33.79
N ILE A 335 25.51 -4.65 33.62
CA ILE A 335 26.48 -4.07 34.60
C ILE A 335 26.21 -2.56 34.69
N GLN A 336 26.49 -1.92 35.84
CA GLN A 336 25.76 -0.66 36.22
C GLN A 336 26.74 0.43 36.69
N ASN A 337 27.75 0.07 37.48
CA ASN A 337 28.56 1.02 38.29
C ASN A 337 29.91 1.20 37.58
N PHE A 338 29.96 2.01 36.52
CA PHE A 338 31.23 2.34 35.80
C PHE A 338 31.18 3.76 35.25
N ASP A 339 32.33 4.30 34.88
CA ASP A 339 32.45 5.64 34.26
C ASP A 339 32.67 5.48 32.75
N PHE A 340 31.63 5.78 31.95
CA PHE A 340 31.66 5.68 30.47
C PHE A 340 32.87 6.43 29.89
N GLU A 341 33.06 7.71 30.19
CA GLU A 341 34.13 8.56 29.59
C GLU A 341 35.52 7.94 29.82
N SER A 342 35.88 7.63 31.08
CA SER A 342 37.23 7.10 31.40
C SER A 342 37.38 5.65 30.88
N LEU A 343 36.30 4.86 30.81
CA LEU A 343 36.34 3.48 30.25
C LEU A 343 36.72 3.56 28.78
N ILE A 344 36.05 4.40 28.00
CA ILE A 344 36.38 4.60 26.56
C ILE A 344 37.85 5.01 26.46
N SER A 345 38.27 6.02 27.22
CA SER A 345 39.67 6.52 27.24
C SER A 345 40.65 5.38 27.56
N SER A 346 40.26 4.47 28.46
CA SER A 346 41.12 3.34 28.94
C SER A 346 41.29 2.27 27.86
N LEU A 347 40.48 2.29 26.79
CA LEU A 347 40.69 1.35 25.65
C LEU A 347 42.06 1.59 25.02
N LEU A 348 42.61 2.81 25.12
CA LEU A 348 43.93 3.19 24.54
C LEU A 348 45.07 2.50 25.31
N ASP A 349 44.79 1.91 26.48
CA ASP A 349 45.79 1.24 27.35
C ASP A 349 45.82 -0.26 27.05
N LEU A 350 44.79 -0.82 26.40
CA LEU A 350 44.72 -2.27 26.10
C LEU A 350 45.95 -2.64 25.25
N SER A 351 46.72 -3.62 25.71
CA SER A 351 47.88 -4.18 24.98
C SER A 351 47.46 -5.48 24.31
N GLU A 352 48.28 -5.95 23.36
CA GLU A 352 48.11 -7.26 22.68
C GLU A 352 46.78 -7.25 21.93
N ILE A 353 46.32 -6.07 21.50
CA ILE A 353 45.19 -5.93 20.54
C ILE A 353 45.76 -5.43 19.20
N GLU A 354 45.73 -6.30 18.20
CA GLU A 354 45.98 -5.92 16.80
C GLU A 354 45.22 -6.91 15.93
N TYR A 355 44.26 -6.44 15.16
CA TYR A 355 43.57 -7.23 14.13
C TYR A 355 44.52 -7.48 12.95
N LYS A 356 44.58 -8.72 12.49
CA LYS A 356 45.52 -9.15 11.42
C LYS A 356 44.73 -9.65 10.22
N GLY A 357 43.41 -9.48 10.22
CA GLY A 357 42.54 -9.98 9.14
C GLY A 357 42.29 -8.95 8.06
N LYS A 358 41.32 -9.24 7.19
CA LYS A 358 40.89 -8.38 6.07
C LYS A 358 39.66 -7.59 6.50
N TYR A 359 39.33 -6.56 5.72
CA TYR A 359 38.10 -5.76 5.85
C TYR A 359 37.17 -6.20 4.72
N ILE A 360 36.65 -5.22 3.96
CA ILE A 360 35.80 -5.46 2.76
C ILE A 360 36.33 -4.58 1.63
N ASP A 361 35.88 -4.81 0.39
CA ASP A 361 36.14 -3.89 -0.75
C ASP A 361 35.40 -2.56 -0.47
N LYS A 362 36.14 -1.44 -0.44
CA LYS A 362 35.56 -0.07 -0.47
C LYS A 362 36.51 0.85 -1.26
N ASP A 366 34.10 6.64 -8.71
CA ASP A 366 34.50 7.83 -9.51
C ASP A 366 33.27 8.37 -10.26
N PHE A 367 32.99 9.68 -10.09
CA PHE A 367 31.74 10.31 -10.57
C PHE A 367 32.01 11.08 -11.85
N VAL A 368 31.38 10.65 -12.95
CA VAL A 368 31.43 11.38 -14.25
C VAL A 368 30.03 11.94 -14.54
N PRO A 369 29.85 13.27 -14.45
CA PRO A 369 28.56 13.89 -14.69
C PRO A 369 28.20 13.93 -16.17
N SER A 370 26.91 13.98 -16.46
CA SER A 370 26.35 14.23 -17.82
C SER A 370 25.44 15.45 -17.76
N ASN A 371 24.73 15.74 -18.85
CA ASN A 371 23.72 16.82 -18.87
C ASN A 371 22.36 16.29 -18.43
N ALA A 372 22.29 15.01 -18.05
CA ALA A 372 21.07 14.36 -17.52
C ALA A 372 20.52 15.17 -16.35
N LEU A 373 19.20 15.26 -16.26
CA LEU A 373 18.53 15.82 -15.07
C LEU A 373 19.04 15.10 -13.83
N LEU A 374 19.23 15.87 -12.75
CA LEU A 374 19.65 15.38 -11.42
C LEU A 374 18.63 14.35 -10.93
N SER A 375 19.13 13.20 -10.49
CA SER A 375 18.35 12.15 -9.80
C SER A 375 18.97 11.98 -8.41
N GLN A 376 18.18 11.48 -7.46
CA GLN A 376 18.60 11.27 -6.05
C GLN A 376 19.87 10.42 -5.98
N ASP A 377 19.85 9.24 -6.61
CA ASP A 377 20.99 8.30 -6.51
C ASP A 377 22.26 8.99 -7.05
N ARG A 378 22.19 9.72 -8.15
CA ARG A 378 23.40 10.33 -8.75
C ARG A 378 23.83 11.52 -7.89
N LEU A 379 22.88 12.25 -7.33
CA LEU A 379 23.18 13.37 -6.40
C LEU A 379 24.11 12.85 -5.29
N TRP A 380 23.75 11.76 -4.61
CA TRP A 380 24.50 11.29 -3.40
C TRP A 380 25.82 10.65 -3.83
N GLN A 381 25.89 10.03 -5.01
CA GLN A 381 27.20 9.63 -5.60
C GLN A 381 28.09 10.86 -5.82
N ALA A 382 27.53 11.96 -6.36
CA ALA A 382 28.29 13.19 -6.62
C ALA A 382 28.77 13.81 -5.31
N VAL A 383 27.90 13.86 -4.29
CA VAL A 383 28.27 14.45 -2.97
C VAL A 383 29.42 13.62 -2.38
N GLU A 384 29.33 12.29 -2.41
CA GLU A 384 30.40 11.42 -1.88
C GLU A 384 31.72 11.70 -2.60
N ASN A 385 31.66 11.88 -3.93
CA ASN A 385 32.85 12.11 -4.78
C ASN A 385 33.46 13.48 -4.43
N LEU A 386 32.63 14.49 -4.17
CA LEU A 386 33.12 15.89 -4.18
C LEU A 386 33.37 16.40 -2.76
N THR A 387 32.81 15.77 -1.73
CA THR A 387 33.06 16.20 -0.32
C THR A 387 34.57 16.21 -0.08
N GLN A 388 35.04 17.15 0.74
CA GLN A 388 36.48 17.37 0.97
C GLN A 388 36.76 17.17 2.47
N SER A 389 38.03 17.07 2.85
CA SER A 389 38.46 16.99 4.27
CA SER A 389 38.46 16.99 4.27
C SER A 389 37.97 18.21 5.04
N ASN A 390 37.72 18.01 6.34
CA ASN A 390 37.34 19.08 7.29
C ASN A 390 36.00 19.74 6.90
N GLU A 391 35.07 18.98 6.35
CA GLU A 391 33.69 19.45 6.10
C GLU A 391 32.79 18.84 7.17
N THR A 392 31.70 19.52 7.49
CA THR A 392 30.65 18.96 8.35
C THR A 392 29.41 18.85 7.47
N ILE A 393 28.93 17.62 7.27
CA ILE A 393 27.72 17.35 6.46
C ILE A 393 26.56 17.25 7.43
N VAL A 394 25.53 18.04 7.18
CA VAL A 394 24.29 18.09 7.99
C VAL A 394 23.16 17.66 7.07
N ALA A 395 22.34 16.70 7.49
CA ALA A 395 21.34 16.07 6.60
C ALA A 395 20.01 15.91 7.34
N GLU A 396 18.97 16.52 6.77
CA GLU A 396 17.60 16.52 7.32
C GLU A 396 16.88 15.19 7.04
N GLN A 397 16.04 14.78 7.98
CA GLN A 397 15.13 13.62 7.81
C GLN A 397 14.36 13.86 6.50
N GLY A 398 14.21 12.81 5.70
CA GLY A 398 13.76 12.95 4.31
C GLY A 398 14.78 12.33 3.38
N THR A 399 14.65 12.61 2.08
CA THR A 399 15.59 12.08 1.07
C THR A 399 17.02 12.44 1.49
N SER A 400 17.24 13.62 2.06
CA SER A 400 18.62 14.08 2.39
C SER A 400 19.31 13.09 3.36
N PHE A 401 18.68 12.76 4.48
CA PHE A 401 19.33 11.88 5.48
C PHE A 401 19.57 10.47 4.91
N PHE A 402 18.58 9.90 4.21
CA PHE A 402 18.64 8.53 3.67
C PHE A 402 19.67 8.48 2.54
N GLY A 403 19.84 9.57 1.79
CA GLY A 403 20.83 9.69 0.70
C GLY A 403 22.22 9.92 1.23
N ALA A 404 22.37 10.83 2.20
CA ALA A 404 23.68 11.32 2.67
C ALA A 404 24.29 10.42 3.75
N SER A 405 23.49 9.75 4.60
CA SER A 405 24.04 9.06 5.79
C SER A 405 25.00 7.93 5.38
N PRO A 406 24.80 7.21 4.25
CA PRO A 406 25.74 6.14 3.87
C PRO A 406 27.08 6.60 3.27
N ILE A 407 27.22 7.90 2.99
CA ILE A 407 28.37 8.48 2.25
C ILE A 407 29.63 8.34 3.10
N PHE A 408 30.72 7.88 2.50
CA PHE A 408 32.05 7.85 3.16
C PHE A 408 32.58 9.28 3.27
N LEU A 409 32.88 9.70 4.50
CA LEU A 409 33.42 11.07 4.75
C LEU A 409 34.93 11.05 4.50
N LYS A 410 35.49 12.20 4.14
CA LYS A 410 36.95 12.44 4.07
C LYS A 410 37.50 12.62 5.48
N PRO A 411 38.84 12.59 5.64
CA PRO A 411 39.48 12.87 6.92
C PRO A 411 38.96 14.17 7.58
N LYS A 412 38.98 14.20 8.92
CA LYS A 412 38.66 15.34 9.78
C LYS A 412 37.27 15.88 9.46
N SER A 413 36.36 15.02 9.04
CA SER A 413 34.98 15.45 8.68
C SER A 413 34.03 15.00 9.78
N HIS A 414 32.90 15.69 9.85
CA HIS A 414 31.83 15.39 10.83
C HIS A 414 30.51 15.32 10.11
N PHE A 415 29.53 14.73 10.80
CA PHE A 415 28.17 14.56 10.27
C PHE A 415 27.22 14.91 11.39
N ILE A 416 26.14 15.60 11.05
CA ILE A 416 25.03 15.84 12.00
C ILE A 416 23.77 15.37 11.31
N GLY A 417 23.09 14.43 11.96
CA GLY A 417 21.73 14.02 11.64
C GLY A 417 21.05 13.61 12.92
N GLN A 418 19.72 13.54 12.90
CA GLN A 418 18.90 13.40 14.11
C GLN A 418 17.90 12.26 13.89
N PRO A 419 18.37 11.01 13.70
CA PRO A 419 17.47 9.92 13.29
C PRO A 419 16.55 9.40 14.40
N LEU A 420 16.90 9.62 15.66
CA LEU A 420 16.04 9.15 16.78
C LEU A 420 14.94 10.18 17.02
N TRP A 421 15.29 11.43 17.32
CA TRP A 421 14.24 12.44 17.58
C TRP A 421 13.54 12.77 16.25
N GLY A 422 14.31 13.01 15.18
CA GLY A 422 13.79 13.18 13.80
C GLY A 422 12.80 14.33 13.63
N SER A 423 13.15 15.50 14.15
CA SER A 423 12.26 16.69 14.09
C SER A 423 12.61 17.52 12.86
N ILE A 424 11.78 17.49 11.82
CA ILE A 424 12.16 18.19 10.56
C ILE A 424 12.24 19.69 10.81
N GLY A 425 13.22 20.33 10.18
CA GLY A 425 13.54 21.75 10.38
C GLY A 425 14.75 21.92 11.30
N TYR A 426 14.97 20.98 12.18
CA TYR A 426 16.10 20.96 13.14
C TYR A 426 17.38 21.38 12.41
N THR A 427 17.63 20.78 11.25
CA THR A 427 18.99 20.77 10.65
C THR A 427 19.37 22.19 10.21
N PHE A 428 18.43 23.05 9.83
CA PHE A 428 18.83 24.41 9.34
C PHE A 428 19.43 25.21 10.49
N PRO A 429 18.70 25.51 11.60
CA PRO A 429 19.37 26.16 12.73
C PRO A 429 20.56 25.37 13.28
N ALA A 430 20.47 24.04 13.34
CA ALA A 430 21.55 23.20 13.91
C ALA A 430 22.81 23.40 13.09
N ALA A 431 22.71 23.41 11.76
CA ALA A 431 23.88 23.59 10.88
C ALA A 431 24.50 24.95 11.17
N LEU A 432 23.68 25.96 11.34
CA LEU A 432 24.19 27.34 11.60
C LEU A 432 24.87 27.35 12.99
N GLY A 433 24.29 26.69 14.01
CA GLY A 433 24.92 26.56 15.35
C GLY A 433 26.28 25.89 15.27
N SER A 434 26.35 24.77 14.56
CA SER A 434 27.60 23.98 14.43
C SER A 434 28.63 24.81 13.64
N GLN A 435 28.18 25.58 12.64
CA GLN A 435 29.08 26.40 11.78
C GLN A 435 29.67 27.51 12.64
N ILE A 436 28.88 28.10 13.53
CA ILE A 436 29.34 29.10 14.52
C ILE A 436 30.32 28.45 15.48
N ALA A 437 30.07 27.22 15.92
CA ALA A 437 30.94 26.49 16.89
C ALA A 437 32.31 26.22 16.27
N ASP A 438 32.37 25.91 14.98
CA ASP A 438 33.69 25.71 14.29
C ASP A 438 33.69 26.42 12.94
N LYS A 439 34.15 27.67 12.90
CA LYS A 439 34.24 28.50 11.67
C LYS A 439 35.23 27.87 10.68
N GLU A 440 36.11 26.96 11.11
CA GLU A 440 37.16 26.38 10.22
C GLU A 440 36.67 25.11 9.52
N SER A 441 35.49 24.59 9.85
CA SER A 441 34.92 23.40 9.15
C SER A 441 33.83 23.89 8.20
N ARG A 442 33.97 23.67 6.89
CA ARG A 442 32.92 24.14 5.95
C ARG A 442 31.68 23.25 6.13
N HIS A 443 30.55 23.86 6.48
CA HIS A 443 29.28 23.14 6.70
C HIS A 443 28.55 23.05 5.36
N LEU A 444 28.17 21.82 5.00
CA LEU A 444 27.31 21.50 3.86
C LEU A 444 25.99 21.01 4.43
N LEU A 445 24.92 21.77 4.22
CA LEU A 445 23.58 21.37 4.73
C LEU A 445 22.76 20.84 3.55
N PHE A 446 22.16 19.66 3.72
CA PHE A 446 21.16 19.09 2.79
C PHE A 446 19.83 19.09 3.52
N ILE A 447 18.91 19.95 3.10
CA ILE A 447 17.58 20.12 3.74
C ILE A 447 16.51 20.11 2.66
N GLY A 448 15.39 19.42 2.93
CA GLY A 448 14.27 19.35 1.97
C GLY A 448 13.48 20.64 2.01
N ASP A 449 12.75 20.91 0.93
CA ASP A 449 11.81 22.05 0.86
C ASP A 449 10.85 22.02 2.05
N GLY A 450 10.29 20.85 2.39
CA GLY A 450 9.25 20.71 3.42
C GLY A 450 9.81 21.05 4.79
N SER A 451 11.04 20.65 5.04
CA SER A 451 11.74 20.86 6.34
C SER A 451 12.17 22.32 6.49
N LEU A 452 12.73 22.91 5.43
CA LEU A 452 13.18 24.32 5.48
C LEU A 452 12.02 25.22 5.91
N GLN A 453 10.79 24.91 5.50
CA GLN A 453 9.64 25.80 5.80
C GLN A 453 9.42 25.91 7.32
N LEU A 454 9.86 24.93 8.12
CA LEU A 454 9.61 24.97 9.57
C LEU A 454 10.52 26.00 10.24
N THR A 455 11.71 26.26 9.70
CA THR A 455 12.77 27.00 10.48
C THR A 455 13.47 28.08 9.63
N VAL A 456 12.88 28.46 8.51
CA VAL A 456 13.52 29.36 7.49
C VAL A 456 13.94 30.70 8.11
N GLN A 457 13.30 31.19 9.18
CA GLN A 457 13.58 32.57 9.65
C GLN A 457 15.03 32.71 10.18
N GLU A 458 15.77 31.64 10.48
CA GLU A 458 17.18 31.85 10.95
C GLU A 458 18.10 32.18 9.75
N LEU A 459 17.58 32.28 8.54
CA LEU A 459 18.36 32.88 7.42
C LEU A 459 18.76 34.33 7.80
N GLY A 460 17.94 35.02 8.57
CA GLY A 460 18.26 36.37 9.07
C GLY A 460 19.52 36.37 9.92
N LEU A 461 19.58 35.48 10.89
CA LEU A 461 20.78 35.28 11.75
C LEU A 461 21.99 34.91 10.86
N ALA A 462 21.83 33.99 9.92
CA ALA A 462 22.96 33.55 9.05
C ALA A 462 23.55 34.77 8.32
N ILE A 463 22.68 35.66 7.83
CA ILE A 463 23.08 36.88 7.09
C ILE A 463 23.78 37.85 8.04
N ARG A 464 23.20 38.13 9.20
CA ARG A 464 23.77 39.06 10.20
C ARG A 464 25.16 38.57 10.62
N GLU A 465 25.30 37.29 10.94
CA GLU A 465 26.55 36.72 11.52
C GLU A 465 27.62 36.57 10.42
N LYS A 466 27.24 36.74 9.15
CA LYS A 466 28.12 36.62 7.96
C LYS A 466 28.85 35.29 8.01
N ILE A 467 28.11 34.22 8.31
CA ILE A 467 28.70 32.85 8.28
C ILE A 467 28.50 32.30 6.88
N ASN A 468 29.32 31.33 6.49
CA ASN A 468 29.46 30.96 5.05
C ASN A 468 29.13 29.49 4.77
N PRO A 469 28.09 28.90 5.36
CA PRO A 469 27.76 27.51 5.05
C PRO A 469 27.29 27.39 3.59
N ILE A 470 27.37 26.17 3.07
CA ILE A 470 26.85 25.77 1.73
C ILE A 470 25.54 25.03 1.99
N CYS A 471 24.42 25.66 1.62
CA CYS A 471 23.07 25.16 1.91
C CYS A 471 22.48 24.63 0.61
N PHE A 472 22.14 23.34 0.58
CA PHE A 472 21.42 22.71 -0.54
C PHE A 472 19.98 22.49 -0.11
N ILE A 473 19.04 23.04 -0.88
CA ILE A 473 17.59 22.85 -0.63
C ILE A 473 17.06 21.87 -1.68
N ILE A 474 16.59 20.71 -1.24
CA ILE A 474 16.03 19.69 -2.17
C ILE A 474 14.59 20.08 -2.46
N ASN A 475 14.38 20.77 -3.58
CA ASN A 475 13.05 21.21 -4.04
C ASN A 475 12.46 20.06 -4.86
N ASN A 476 11.70 19.19 -4.21
CA ASN A 476 10.99 18.09 -4.91
C ASN A 476 9.48 18.27 -4.75
N ASP A 477 9.02 19.50 -4.50
CA ASP A 477 7.59 19.86 -4.54
C ASP A 477 6.81 19.04 -3.49
N GLY A 478 7.30 19.05 -2.26
CA GLY A 478 6.57 18.49 -1.10
C GLY A 478 7.36 17.45 -0.33
N TYR A 479 6.63 16.60 0.39
CA TYR A 479 7.19 15.69 1.42
C TYR A 479 7.42 14.31 0.77
N THR A 480 8.52 14.11 0.07
CA THR A 480 8.76 12.85 -0.68
C THR A 480 8.88 11.68 0.29
N VAL A 481 9.56 11.83 1.43
CA VAL A 481 9.66 10.68 2.36
C VAL A 481 8.25 10.26 2.81
N GLU A 482 7.34 11.20 3.06
CA GLU A 482 5.95 10.86 3.47
C GLU A 482 5.22 10.17 2.30
N ARG A 483 5.43 10.64 1.08
CA ARG A 483 4.80 10.03 -0.13
C ARG A 483 5.25 8.57 -0.21
N GLU A 484 6.49 8.27 0.17
CA GLU A 484 7.09 6.92 0.03
C GLU A 484 6.50 6.01 1.12
N ILE A 485 5.97 6.58 2.20
CA ILE A 485 5.41 5.79 3.32
C ILE A 485 3.91 5.59 3.06
N HIS A 486 3.16 6.66 2.84
CA HIS A 486 1.67 6.60 2.71
C HIS A 486 1.13 7.80 1.95
N GLY A 487 0.22 7.55 1.00
CA GLY A 487 -0.57 8.59 0.31
C GLY A 487 0.30 9.42 -0.64
N PRO A 488 1.00 8.78 -1.61
CA PRO A 488 1.92 9.51 -2.49
C PRO A 488 1.21 10.60 -3.28
N ASN A 489 -0.11 10.49 -3.50
CA ASN A 489 -0.90 11.44 -4.31
C ASN A 489 -1.89 12.20 -3.44
N GLN A 490 -1.78 12.09 -2.11
CA GLN A 490 -2.69 12.83 -1.20
C GLN A 490 -2.20 14.28 -1.05
N SER A 491 -3.14 15.22 -1.00
CA SER A 491 -2.86 16.67 -0.96
C SER A 491 -2.09 17.04 0.32
N TYR A 492 -2.17 16.25 1.41
CA TYR A 492 -1.44 16.60 2.66
C TYR A 492 0.07 16.47 2.46
N ASN A 493 0.52 15.80 1.39
CA ASN A 493 1.97 15.63 1.13
C ASN A 493 2.49 16.80 0.26
N ASP A 494 1.59 17.66 -0.22
CA ASP A 494 1.91 18.88 -0.97
C ASP A 494 2.17 20.03 0.00
N ILE A 495 3.06 20.95 -0.38
CA ILE A 495 3.33 22.20 0.39
C ILE A 495 3.30 23.36 -0.59
N PRO A 496 3.08 24.58 -0.07
CA PRO A 496 3.14 25.77 -0.91
C PRO A 496 4.52 25.90 -1.54
N MET A 497 4.62 26.08 -2.87
CA MET A 497 5.99 26.20 -3.47
C MET A 497 6.42 27.64 -3.29
N TRP A 498 7.37 27.86 -2.40
CA TRP A 498 8.05 29.16 -2.30
C TRP A 498 8.98 29.34 -3.52
N ASN A 499 9.50 30.55 -3.68
CA ASN A 499 10.65 30.82 -4.58
CA ASN A 499 10.66 30.80 -4.58
C ASN A 499 11.93 30.74 -3.75
N TYR A 500 12.44 29.53 -3.53
CA TYR A 500 13.54 29.24 -2.57
C TYR A 500 14.77 30.07 -2.90
N SER A 501 15.10 30.23 -4.18
CA SER A 501 16.30 30.98 -4.64
C SER A 501 16.17 32.47 -4.32
N LYS A 502 14.96 32.99 -4.07
CA LYS A 502 14.73 34.44 -3.82
C LYS A 502 14.78 34.73 -2.30
N LEU A 503 14.81 33.72 -1.45
CA LEU A 503 14.73 33.97 0.01
C LEU A 503 15.88 34.85 0.49
N PRO A 504 17.17 34.57 0.18
CA PRO A 504 18.24 35.41 0.75
C PRO A 504 18.05 36.92 0.49
N GLU A 505 17.66 37.31 -0.75
CA GLU A 505 17.37 38.72 -1.10
C GLU A 505 16.27 39.28 -0.20
N SER A 506 15.18 38.53 -0.03
CA SER A 506 14.02 38.90 0.83
C SER A 506 14.47 39.16 2.27
N PHE A 507 15.45 38.41 2.75
CA PHE A 507 15.91 38.39 4.16
C PHE A 507 17.12 39.31 4.32
N GLY A 508 17.52 40.02 3.25
CA GLY A 508 18.45 41.15 3.35
C GLY A 508 19.87 40.82 2.93
N ALA A 509 20.08 39.76 2.13
CA ALA A 509 21.41 39.42 1.60
C ALA A 509 21.44 39.80 0.13
N THR A 510 22.52 40.43 -0.30
CA THR A 510 22.87 40.49 -1.74
C THR A 510 23.80 39.34 -2.06
N GLU A 511 24.19 39.24 -3.34
CA GLU A 511 25.15 38.22 -3.82
C GLU A 511 26.53 38.43 -3.18
N GLU A 512 26.84 39.60 -2.60
CA GLU A 512 28.10 39.81 -1.83
C GLU A 512 28.12 38.93 -0.56
N ARG A 513 26.96 38.52 -0.04
CA ARG A 513 26.83 37.75 1.22
C ARG A 513 26.39 36.30 0.92
N VAL A 514 25.32 36.16 0.14
CA VAL A 514 24.71 34.85 -0.17
C VAL A 514 24.60 34.73 -1.68
N VAL A 515 25.26 33.71 -2.23
CA VAL A 515 25.20 33.38 -3.67
C VAL A 515 24.07 32.36 -3.86
N SER A 516 23.07 32.73 -4.66
CA SER A 516 21.89 31.87 -4.92
C SER A 516 22.08 31.19 -6.27
N LYS A 517 21.73 29.91 -6.33
CA LYS A 517 21.87 29.08 -7.55
C LYS A 517 20.65 28.18 -7.66
N ILE A 518 20.27 27.82 -8.89
CA ILE A 518 19.24 26.77 -9.15
C ILE A 518 19.91 25.71 -10.03
N VAL A 519 19.79 24.45 -9.64
CA VAL A 519 20.49 23.32 -10.27
C VAL A 519 19.44 22.30 -10.75
N ARG A 520 19.55 21.88 -12.00
CA ARG A 520 18.64 20.89 -12.63
C ARG A 520 19.43 19.70 -13.17
N THR A 521 20.68 19.86 -13.58
CA THR A 521 21.42 18.76 -14.25
C THR A 521 22.63 18.32 -13.41
N GLU A 522 23.17 17.13 -13.70
CA GLU A 522 24.39 16.63 -13.02
C GLU A 522 25.54 17.60 -13.27
N ASN A 523 25.72 18.06 -14.51
CA ASN A 523 26.82 19.01 -14.83
C ASN A 523 26.68 20.29 -13.98
N GLU A 524 25.46 20.81 -13.85
CA GLU A 524 25.21 22.01 -13.02
C GLU A 524 25.55 21.70 -11.56
N PHE A 525 25.16 20.53 -11.07
CA PHE A 525 25.39 20.18 -9.66
C PHE A 525 26.89 20.20 -9.36
N VAL A 526 27.66 19.54 -10.21
CA VAL A 526 29.13 19.39 -10.00
C VAL A 526 29.76 20.77 -10.04
N SER A 527 29.40 21.60 -11.04
CA SER A 527 29.95 22.95 -11.23
C SER A 527 29.67 23.79 -9.97
N VAL A 528 28.43 23.74 -9.50
CA VAL A 528 27.97 24.64 -8.41
C VAL A 528 28.57 24.16 -7.09
N MET A 529 28.63 22.86 -6.82
CA MET A 529 29.22 22.37 -5.54
C MET A 529 30.70 22.75 -5.48
N LYS A 530 31.45 22.57 -6.57
CA LYS A 530 32.89 22.92 -6.63
C LYS A 530 33.04 24.44 -6.44
N GLU A 531 32.22 25.24 -7.12
CA GLU A 531 32.24 26.71 -7.04
C GLU A 531 32.02 27.14 -5.59
N ALA A 532 31.01 26.60 -4.91
CA ALA A 532 30.73 26.86 -3.47
C ALA A 532 31.94 26.50 -2.61
N GLN A 533 32.50 25.32 -2.80
CA GLN A 533 33.63 24.85 -1.97
C GLN A 533 34.85 25.76 -2.22
N ALA A 534 35.01 26.30 -3.41
CA ALA A 534 36.18 27.14 -3.81
C ALA A 534 36.01 28.57 -3.28
N ASP A 535 34.84 28.92 -2.74
CA ASP A 535 34.53 30.29 -2.25
C ASP A 535 34.16 30.24 -0.77
N PRO A 536 35.14 30.14 0.15
CA PRO A 536 34.82 30.03 1.56
C PRO A 536 34.34 31.35 2.21
N ASN A 537 34.28 32.43 1.44
CA ASN A 537 34.01 33.79 2.00
C ASN A 537 32.55 34.24 1.83
N ARG A 538 31.70 33.39 1.25
CA ARG A 538 30.25 33.67 1.11
C ARG A 538 29.45 32.41 1.43
N MET A 539 28.22 32.63 1.86
CA MET A 539 27.22 31.59 2.06
C MET A 539 26.62 31.25 0.69
N TYR A 540 26.37 29.97 0.43
CA TYR A 540 25.71 29.46 -0.79
C TYR A 540 24.32 28.95 -0.43
N TRP A 541 23.37 29.31 -1.30
CA TRP A 541 21.95 28.92 -1.19
C TRP A 541 21.56 28.28 -2.52
N ILE A 542 21.60 26.96 -2.55
CA ILE A 542 21.57 26.14 -3.79
C ILE A 542 20.27 25.37 -3.84
N GLU A 543 19.35 25.80 -4.72
CA GLU A 543 18.07 25.13 -4.96
C GLU A 543 18.29 23.95 -5.90
N LEU A 544 18.11 22.73 -5.42
CA LEU A 544 18.23 21.50 -6.25
C LEU A 544 16.84 21.11 -6.70
N ILE A 545 16.65 20.91 -8.00
CA ILE A 545 15.34 20.45 -8.53
C ILE A 545 15.39 18.93 -8.70
N LEU A 546 14.54 18.23 -7.94
CA LEU A 546 14.39 16.74 -8.06
C LEU A 546 12.89 16.48 -8.25
N ALA A 547 12.53 15.38 -8.93
CA ALA A 547 11.12 14.94 -9.06
C ALA A 547 10.59 14.47 -7.71
N LYS A 548 9.33 14.79 -7.42
CA LYS A 548 8.66 14.34 -6.17
C LYS A 548 8.65 12.81 -6.09
N GLU A 549 8.65 12.11 -7.24
CA GLU A 549 8.58 10.62 -7.27
C GLU A 549 9.96 9.98 -7.05
N ASP A 550 11.02 10.76 -7.03
CA ASP A 550 12.41 10.23 -7.00
C ASP A 550 12.85 10.11 -5.53
N ALA A 551 13.27 8.91 -5.11
CA ALA A 551 13.80 8.70 -3.75
C ALA A 551 15.10 7.92 -3.87
N PRO A 552 16.07 8.14 -2.96
CA PRO A 552 17.28 7.36 -2.97
C PRO A 552 16.95 5.88 -2.78
N LYS A 553 17.77 4.99 -3.36
CA LYS A 553 17.63 3.51 -3.31
C LYS A 553 17.20 3.05 -1.93
N VAL A 554 17.89 3.55 -0.89
CA VAL A 554 17.69 3.14 0.53
C VAL A 554 16.24 3.46 0.95
N LEU A 555 15.75 4.65 0.59
CA LEU A 555 14.45 5.17 1.06
C LEU A 555 13.32 4.41 0.36
N LYS A 556 13.51 4.01 -0.90
CA LYS A 556 12.50 3.19 -1.63
C LYS A 556 12.15 1.98 -0.75
N LYS A 557 13.16 1.27 -0.22
CA LYS A 557 12.97 0.06 0.63
C LYS A 557 12.49 0.47 2.04
N MET A 558 13.14 1.46 2.64
CA MET A 558 12.88 1.91 4.03
C MET A 558 11.43 2.42 4.17
N GLY A 559 10.91 3.15 3.17
CA GLY A 559 9.56 3.73 3.25
C GLY A 559 8.52 2.65 3.54
N LYS A 560 8.62 1.50 2.87
CA LYS A 560 7.63 0.39 2.99
C LYS A 560 7.81 -0.28 4.36
N LEU A 561 9.01 -0.25 4.93
CA LEU A 561 9.28 -0.84 6.27
C LEU A 561 8.66 0.08 7.34
N PHE A 562 8.74 1.40 7.19
CA PHE A 562 8.03 2.34 8.10
C PHE A 562 6.51 2.11 8.01
N ALA A 563 6.00 1.98 6.80
CA ALA A 563 4.55 1.75 6.57
C ALA A 563 4.11 0.45 7.28
N GLU A 564 4.91 -0.62 7.18
CA GLU A 564 4.63 -1.93 7.84
C GLU A 564 4.65 -1.76 9.37
N GLN A 565 5.59 -0.98 9.89
CA GLN A 565 5.66 -0.69 11.35
C GLN A 565 4.38 0.02 11.81
N ASN A 566 3.72 0.75 10.91
CA ASN A 566 2.47 1.48 11.24
C ASN A 566 1.26 0.68 10.73
N LYS A 567 1.39 -0.62 10.46
CA LYS A 567 0.28 -1.37 9.78
C LYS A 567 -0.86 -1.50 10.79
N SER A 568 -2.07 -1.03 10.44
CA SER A 568 -3.22 -0.85 11.36
C SER A 568 -3.97 -2.17 11.54
N MET B 21 -16.31 1.87 5.61
CA MET B 21 -16.26 1.27 6.98
C MET B 21 -15.96 2.37 8.00
N TYR B 22 -16.85 2.52 8.97
CA TYR B 22 -16.82 3.59 10.00
C TYR B 22 -15.83 3.22 11.10
N THR B 23 -14.89 4.12 11.37
CA THR B 23 -13.76 3.88 12.29
C THR B 23 -13.83 4.83 13.49
N VAL B 24 -12.96 4.59 14.47
CA VAL B 24 -12.73 5.50 15.62
C VAL B 24 -12.38 6.89 15.09
N GLY B 25 -11.52 6.99 14.06
CA GLY B 25 -11.19 8.26 13.40
C GLY B 25 -12.44 8.98 12.91
N ASP B 26 -13.36 8.26 12.29
CA ASP B 26 -14.63 8.84 11.76
C ASP B 26 -15.48 9.32 12.93
N TYR B 27 -15.52 8.57 14.05
CA TYR B 27 -16.23 8.97 15.29
C TYR B 27 -15.71 10.33 15.77
N LEU B 28 -14.39 10.46 15.87
CA LEU B 28 -13.74 11.71 16.31
C LEU B 28 -14.13 12.85 15.36
N LEU B 29 -14.04 12.63 14.04
CA LEU B 29 -14.32 13.70 13.06
C LEU B 29 -15.81 14.07 13.10
N ASP B 30 -16.70 13.11 13.30
CA ASP B 30 -18.16 13.43 13.48
C ASP B 30 -18.32 14.35 14.70
N ARG B 31 -17.63 14.08 15.80
CA ARG B 31 -17.77 14.91 17.04
C ARG B 31 -17.19 16.31 16.74
N LEU B 32 -16.07 16.41 16.02
CA LEU B 32 -15.53 17.74 15.67
C LEU B 32 -16.53 18.50 14.80
N HIS B 33 -17.15 17.84 13.81
CA HIS B 33 -18.23 18.44 12.99
C HIS B 33 -19.33 18.98 13.90
N GLU B 34 -19.74 18.21 14.91
CA GLU B 34 -20.82 18.61 15.85
C GLU B 34 -20.41 19.87 16.60
N LEU B 35 -19.12 20.07 16.85
CA LEU B 35 -18.59 21.26 17.56
C LEU B 35 -18.57 22.48 16.63
N GLY B 36 -18.84 22.31 15.33
CA GLY B 36 -18.87 23.44 14.37
C GLY B 36 -17.57 23.59 13.60
N ILE B 37 -16.64 22.62 13.72
CA ILE B 37 -15.30 22.71 13.09
C ILE B 37 -15.42 22.32 11.62
N GLU B 38 -14.92 23.15 10.70
CA GLU B 38 -14.95 22.91 9.24
C GLU B 38 -13.54 22.83 8.64
N GLU B 39 -12.52 23.17 9.43
CA GLU B 39 -11.12 23.14 9.00
C GLU B 39 -10.29 22.52 10.10
N ILE B 40 -9.35 21.66 9.73
CA ILE B 40 -8.37 21.07 10.67
C ILE B 40 -6.97 21.51 10.22
N PHE B 41 -6.24 22.11 11.15
CA PHE B 41 -4.85 22.59 10.94
C PHE B 41 -3.88 21.49 11.35
N GLY B 42 -2.61 21.71 11.05
CA GLY B 42 -1.53 20.85 11.59
C GLY B 42 -0.50 20.48 10.55
N VAL B 43 0.30 19.48 10.90
CA VAL B 43 1.45 18.99 10.07
C VAL B 43 1.40 17.48 10.10
N PRO B 44 1.47 16.83 8.92
CA PRO B 44 1.48 15.38 8.84
C PRO B 44 2.75 14.77 9.44
N GLY B 45 2.65 13.49 9.79
CA GLY B 45 3.81 12.62 10.05
C GLY B 45 3.37 11.18 9.87
N ASP B 46 4.29 10.23 9.83
CA ASP B 46 3.90 8.83 9.48
C ASP B 46 2.85 8.35 10.47
N TYR B 47 2.90 8.79 11.74
CA TYR B 47 1.99 8.31 12.80
C TYR B 47 0.57 8.85 12.63
N ASN B 48 0.29 9.73 11.66
CA ASN B 48 -1.07 10.30 11.49
C ASN B 48 -1.55 10.29 10.03
N LEU B 49 -0.77 9.80 9.07
CA LEU B 49 -1.15 9.88 7.63
C LEU B 49 -2.43 9.08 7.37
N GLN B 50 -2.57 7.90 7.97
CA GLN B 50 -3.74 7.03 7.68
C GLN B 50 -5.02 7.72 8.19
N PHE B 51 -4.99 8.28 9.40
CA PHE B 51 -6.09 9.12 9.94
C PHE B 51 -6.36 10.29 9.00
N LEU B 52 -5.30 10.91 8.49
CA LEU B 52 -5.43 12.14 7.66
C LEU B 52 -6.26 11.80 6.41
N ASP B 53 -6.13 10.59 5.89
CA ASP B 53 -6.96 10.15 4.72
C ASP B 53 -8.45 10.42 5.01
N HIS B 54 -8.85 10.24 6.26
CA HIS B 54 -10.28 10.35 6.68
C HIS B 54 -10.71 11.81 6.71
N ILE B 55 -9.78 12.73 7.00
CA ILE B 55 -10.06 14.20 6.90
C ILE B 55 -10.21 14.55 5.42
N ILE B 56 -9.29 14.09 4.56
CA ILE B 56 -9.29 14.41 3.11
C ILE B 56 -10.64 13.98 2.54
N SER B 57 -11.08 12.76 2.88
CA SER B 57 -12.29 12.09 2.33
C SER B 57 -13.56 12.83 2.71
N ARG B 58 -13.63 13.44 3.89
CA ARG B 58 -14.86 14.12 4.38
C ARG B 58 -15.20 15.28 3.46
N LYS B 59 -16.47 15.43 3.08
CA LYS B 59 -16.96 16.58 2.28
C LYS B 59 -17.07 17.82 3.17
N ASP B 60 -17.32 17.63 4.48
CA ASP B 60 -17.75 18.72 5.40
C ASP B 60 -16.53 19.28 6.15
N MET B 61 -15.33 18.79 5.85
CA MET B 61 -14.12 19.19 6.62
C MET B 61 -12.90 19.29 5.71
N LYS B 62 -12.12 20.36 5.86
CA LYS B 62 -10.95 20.64 4.99
C LYS B 62 -9.68 20.54 5.83
N TRP B 63 -8.72 19.78 5.34
CA TRP B 63 -7.32 19.81 5.85
C TRP B 63 -6.67 21.10 5.36
N VAL B 64 -6.16 21.89 6.31
CA VAL B 64 -5.36 23.09 5.99
C VAL B 64 -3.97 22.92 6.62
N GLY B 65 -3.05 22.34 5.85
CA GLY B 65 -1.68 22.01 6.33
C GLY B 65 -0.87 23.28 6.58
N ASN B 66 -0.20 23.34 7.74
CA ASN B 66 0.69 24.46 8.15
C ASN B 66 2.12 24.12 7.79
N ALA B 67 3.00 25.12 7.81
CA ALA B 67 4.46 24.90 7.64
C ALA B 67 5.00 24.23 8.91
N ASN B 68 4.60 24.67 10.09
CA ASN B 68 5.10 24.08 11.36
C ASN B 68 3.96 24.02 12.39
N GLU B 69 4.18 23.22 13.43
CA GLU B 69 3.14 22.85 14.42
C GLU B 69 2.90 24.02 15.40
N LEU B 70 3.92 24.80 15.77
CA LEU B 70 3.64 25.98 16.63
C LEU B 70 2.64 26.88 15.90
N ASN B 71 2.88 27.13 14.62
CA ASN B 71 1.97 27.96 13.78
C ASN B 71 0.59 27.31 13.73
N ALA B 72 0.50 25.99 13.57
CA ALA B 72 -0.81 25.28 13.53
C ALA B 72 -1.56 25.57 14.83
N SER B 73 -0.90 25.47 15.95
CA SER B 73 -1.52 25.65 17.29
C SER B 73 -2.00 27.11 17.44
N TYR B 74 -1.20 28.08 17.01
CA TYR B 74 -1.63 29.51 16.98
C TYR B 74 -2.82 29.70 16.04
N MET B 75 -2.77 29.06 14.87
CA MET B 75 -3.83 29.22 13.86
C MET B 75 -5.13 28.62 14.37
N ALA B 76 -5.09 27.46 15.04
CA ALA B 76 -6.28 26.81 15.62
C ALA B 76 -6.87 27.72 16.70
N ASP B 77 -6.02 28.36 17.49
CA ASP B 77 -6.47 29.30 18.55
C ASP B 77 -7.24 30.47 17.94
N GLY B 78 -6.66 31.14 16.94
CA GLY B 78 -7.34 32.21 16.19
C GLY B 78 -8.66 31.74 15.61
N TYR B 79 -8.66 30.55 15.01
CA TYR B 79 -9.90 29.93 14.46
C TYR B 79 -10.94 29.78 15.57
N ALA B 80 -10.54 29.27 16.75
CA ALA B 80 -11.45 29.04 17.89
C ALA B 80 -12.04 30.36 18.36
N ARG B 81 -11.27 31.45 18.34
CA ARG B 81 -11.77 32.74 18.83
C ARG B 81 -12.98 33.20 17.99
N THR B 82 -13.04 32.79 16.73
CA THR B 82 -14.08 33.22 15.78
C THR B 82 -15.11 32.10 15.58
N LYS B 83 -14.68 30.87 15.36
CA LYS B 83 -15.59 29.71 15.09
C LYS B 83 -16.19 29.14 16.39
N LYS B 84 -15.50 29.30 17.52
CA LYS B 84 -15.93 28.91 18.88
C LYS B 84 -15.64 27.42 19.14
N ALA B 85 -14.84 26.80 18.28
CA ALA B 85 -14.16 25.50 18.47
C ALA B 85 -13.08 25.39 17.40
N ALA B 86 -12.07 24.56 17.64
CA ALA B 86 -10.97 24.36 16.66
C ALA B 86 -10.27 23.04 16.97
N ALA B 87 -9.58 22.52 15.97
CA ALA B 87 -8.77 21.30 16.10
C ALA B 87 -7.52 21.43 15.23
N PHE B 88 -6.43 20.86 15.72
CA PHE B 88 -5.23 20.66 14.87
C PHE B 88 -4.65 19.29 15.17
N LEU B 89 -3.93 18.79 14.19
CA LEU B 89 -3.34 17.43 14.20
C LEU B 89 -1.82 17.54 14.16
N THR B 90 -1.15 16.85 15.09
CA THR B 90 0.33 16.73 15.12
C THR B 90 0.73 15.26 15.12
N THR B 91 2.02 15.03 14.91
CA THR B 91 2.62 13.71 15.13
C THR B 91 3.22 13.64 16.54
N PHE B 92 3.22 12.43 17.09
CA PHE B 92 3.78 12.07 18.40
C PHE B 92 5.16 12.70 18.61
N GLY B 93 5.39 13.26 19.80
CA GLY B 93 6.69 13.76 20.26
C GLY B 93 7.05 15.08 19.56
N VAL B 94 7.55 15.01 18.32
CA VAL B 94 8.14 16.18 17.63
C VAL B 94 7.02 17.16 17.27
N GLY B 95 5.85 16.67 16.86
CA GLY B 95 4.73 17.55 16.51
C GLY B 95 4.13 18.19 17.75
N GLU B 96 3.69 17.38 18.69
CA GLU B 96 2.97 17.86 19.90
C GLU B 96 3.87 18.79 20.71
N LEU B 97 5.16 18.48 20.90
CA LEU B 97 6.01 19.37 21.74
C LEU B 97 6.31 20.69 21.02
N SER B 98 6.33 20.70 19.68
CA SER B 98 6.48 21.94 18.89
C SER B 98 5.26 22.84 19.09
N ALA B 99 4.09 22.26 19.36
CA ALA B 99 2.80 22.98 19.49
C ALA B 99 2.46 23.37 20.93
N VAL B 100 3.22 22.94 21.95
CA VAL B 100 2.72 23.01 23.35
C VAL B 100 2.63 24.48 23.81
N ASN B 101 3.48 25.38 23.28
CA ASN B 101 3.38 26.82 23.62
C ASN B 101 2.04 27.36 23.12
N GLY B 102 1.61 26.94 21.93
CA GLY B 102 0.30 27.37 21.40
C GLY B 102 -0.82 26.82 22.26
N LEU B 103 -0.76 25.54 22.61
CA LEU B 103 -1.81 24.97 23.49
C LEU B 103 -1.81 25.68 24.85
N ALA B 104 -0.64 26.01 25.42
CA ALA B 104 -0.53 26.76 26.70
C ALA B 104 -1.26 28.11 26.60
N GLY B 105 -1.09 28.82 25.46
CA GLY B 105 -1.80 30.08 25.21
C GLY B 105 -3.31 29.88 25.12
N SER B 106 -3.75 28.76 24.53
CA SER B 106 -5.18 28.43 24.42
C SER B 106 -5.69 28.10 25.82
N TYR B 107 -4.86 27.53 26.69
CA TYR B 107 -5.26 27.21 28.09
C TYR B 107 -5.37 28.50 28.88
N ALA B 108 -4.32 29.34 28.86
CA ALA B 108 -4.28 30.63 29.57
C ALA B 108 -5.49 31.50 29.22
N GLU B 109 -5.82 31.63 27.94
CA GLU B 109 -6.86 32.59 27.48
C GLU B 109 -8.13 31.83 27.14
N ASN B 110 -8.17 30.54 27.49
CA ASN B 110 -9.43 29.76 27.61
C ASN B 110 -10.09 29.61 26.23
N LEU B 111 -9.36 29.08 25.24
CA LEU B 111 -9.96 28.79 23.92
C LEU B 111 -10.17 27.28 23.75
N PRO B 112 -11.33 26.90 23.17
CA PRO B 112 -11.71 25.48 22.99
C PRO B 112 -11.02 24.85 21.77
N VAL B 113 -9.76 24.45 21.95
CA VAL B 113 -8.91 23.86 20.90
C VAL B 113 -8.68 22.38 21.24
N VAL B 114 -8.90 21.50 20.28
CA VAL B 114 -8.60 20.04 20.40
C VAL B 114 -7.28 19.80 19.68
N GLU B 115 -6.28 19.28 20.39
CA GLU B 115 -5.08 18.73 19.72
C GLU B 115 -5.23 17.22 19.60
N ILE B 116 -5.18 16.74 18.37
CA ILE B 116 -5.09 15.30 18.04
C ILE B 116 -3.62 14.97 17.78
N VAL B 117 -3.10 13.97 18.48
CA VAL B 117 -1.68 13.55 18.33
C VAL B 117 -1.70 12.13 17.78
N GLY B 118 -1.29 11.92 16.54
CA GLY B 118 -1.13 10.56 15.98
C GLY B 118 0.06 9.89 16.63
N SER B 119 -0.09 8.67 17.16
CA SER B 119 1.00 7.95 17.85
C SER B 119 1.23 6.57 17.23
N PRO B 120 2.36 5.92 17.53
CA PRO B 120 2.65 4.59 16.99
C PRO B 120 1.57 3.56 17.34
N THR B 121 1.54 2.45 16.61
CA THR B 121 0.55 1.36 16.87
C THR B 121 0.66 0.95 18.33
N SER B 122 -0.44 0.48 18.93
CA SER B 122 -0.43 -0.01 20.33
C SER B 122 0.60 -1.15 20.45
N LYS B 123 0.79 -1.97 19.40
CA LYS B 123 1.81 -3.05 19.39
C LYS B 123 3.20 -2.46 19.64
N VAL B 124 3.58 -1.41 18.90
CA VAL B 124 4.91 -0.74 19.03
C VAL B 124 5.03 -0.15 20.44
N GLN B 125 3.99 0.53 20.93
CA GLN B 125 3.99 1.15 22.28
C GLN B 125 4.13 0.06 23.35
N ASN B 126 3.33 -1.01 23.25
CA ASN B 126 3.33 -2.08 24.27
C ASN B 126 4.67 -2.80 24.31
N GLU B 127 5.34 -2.96 23.17
CA GLU B 127 6.66 -3.63 23.06
C GLU B 127 7.78 -2.70 23.53
N GLY B 128 7.52 -1.42 23.73
CA GLY B 128 8.52 -0.43 24.18
C GLY B 128 9.62 -0.21 23.15
N LYS B 129 9.28 -0.22 21.87
CA LYS B 129 10.27 -0.19 20.76
C LYS B 129 10.91 1.20 20.73
N PHE B 130 12.20 1.25 20.37
CA PHE B 130 12.98 2.51 20.27
C PHE B 130 12.74 3.14 18.90
N VAL B 131 11.59 3.76 18.71
CA VAL B 131 11.16 4.28 17.38
C VAL B 131 11.39 5.81 17.35
N HIS B 132 11.39 6.36 16.12
CA HIS B 132 11.57 7.81 15.87
C HIS B 132 10.53 8.59 16.66
N HIS B 133 10.92 9.77 17.15
CA HIS B 133 10.12 10.70 17.97
C HIS B 133 9.91 10.17 19.41
N THR B 134 10.82 9.35 19.92
CA THR B 134 10.85 8.93 21.34
C THR B 134 12.21 9.22 21.91
N LEU B 135 12.35 9.02 23.22
CA LEU B 135 13.67 9.14 23.89
C LEU B 135 14.41 7.80 23.89
N ALA B 136 13.93 6.81 23.14
CA ALA B 136 14.52 5.46 23.06
C ALA B 136 14.62 4.88 24.49
N ASP B 137 13.55 5.02 25.25
CA ASP B 137 13.40 4.39 26.60
C ASP B 137 12.16 3.51 26.64
N GLY B 138 11.46 3.34 25.50
CA GLY B 138 10.25 2.51 25.38
C GLY B 138 9.04 3.09 26.11
N ASP B 139 9.09 4.37 26.51
CA ASP B 139 8.01 5.03 27.27
C ASP B 139 7.26 6.01 26.35
N PHE B 140 5.98 5.74 26.10
CA PHE B 140 5.17 6.53 25.13
C PHE B 140 4.25 7.49 25.88
N LYS B 141 4.50 7.74 27.17
CA LYS B 141 3.51 8.43 28.06
C LYS B 141 4.08 9.77 28.59
N HIS B 142 5.37 10.03 28.36
CA HIS B 142 6.04 11.27 28.84
C HIS B 142 5.29 12.52 28.32
N PHE B 143 4.94 12.55 27.06
CA PHE B 143 4.54 13.81 26.35
C PHE B 143 3.12 14.13 26.78
N MET B 144 2.28 13.10 26.98
CA MET B 144 0.91 13.36 27.48
C MET B 144 1.02 13.92 28.90
N LYS B 145 1.92 13.41 29.72
CA LYS B 145 2.10 13.90 31.12
C LYS B 145 2.55 15.38 31.09
N MET B 146 3.44 15.73 30.18
CA MET B 146 3.94 17.12 30.03
C MET B 146 2.79 18.07 29.67
N HIS B 147 1.69 17.58 29.11
CA HIS B 147 0.51 18.42 28.76
C HIS B 147 -0.43 18.63 29.94
N GLU B 148 -0.23 17.95 31.06
CA GLU B 148 -1.22 17.98 32.19
C GLU B 148 -1.55 19.41 32.60
N PRO B 149 -0.59 20.33 32.80
CA PRO B 149 -0.91 21.68 33.26
C PRO B 149 -1.60 22.58 32.22
N VAL B 150 -1.63 22.19 30.94
CA VAL B 150 -2.12 23.08 29.84
C VAL B 150 -3.28 22.43 29.09
N THR B 151 -3.93 21.42 29.69
CA THR B 151 -5.13 20.77 29.11
C THR B 151 -6.16 20.58 30.21
N ALA B 152 -7.43 20.79 29.90
CA ALA B 152 -8.56 20.51 30.82
C ALA B 152 -8.76 18.99 30.96
N ALA B 153 -8.40 18.24 29.91
CA ALA B 153 -8.59 16.78 29.83
C ALA B 153 -7.66 16.23 28.74
N ARG B 154 -7.25 14.98 28.92
CA ARG B 154 -6.31 14.30 27.99
C ARG B 154 -6.63 12.82 28.00
N THR B 155 -6.36 12.14 26.88
CA THR B 155 -6.59 10.68 26.79
C THR B 155 -5.61 10.07 25.81
N LEU B 156 -5.19 8.85 26.13
CA LEU B 156 -4.56 7.90 25.19
C LEU B 156 -5.61 6.85 24.83
N LEU B 157 -6.09 6.87 23.59
CA LEU B 157 -7.23 6.04 23.15
C LEU B 157 -6.78 4.58 23.04
N THR B 158 -7.69 3.65 23.36
CA THR B 158 -7.60 2.22 22.98
C THR B 158 -8.84 1.87 22.16
N ALA B 159 -8.82 0.76 21.42
CA ALA B 159 -9.99 0.31 20.63
C ALA B 159 -11.20 0.22 21.58
N GLU B 160 -10.95 -0.25 22.80
CA GLU B 160 -11.99 -0.55 23.82
C GLU B 160 -12.61 0.75 24.33
N ASN B 161 -11.79 1.77 24.61
CA ASN B 161 -12.24 2.96 25.39
C ASN B 161 -12.56 4.12 24.45
N ALA B 162 -12.29 3.98 23.15
CA ALA B 162 -12.14 5.13 22.23
C ALA B 162 -13.37 6.04 22.31
N THR B 163 -14.58 5.53 22.07
CA THR B 163 -15.75 6.42 21.90
C THR B 163 -16.06 7.12 23.22
N VAL B 164 -15.98 6.39 24.35
CA VAL B 164 -16.23 6.99 25.70
C VAL B 164 -15.17 8.06 26.01
N GLU B 165 -13.90 7.79 25.71
CA GLU B 165 -12.78 8.72 26.05
C GLU B 165 -12.83 9.97 25.16
N ILE B 166 -13.11 9.80 23.86
CA ILE B 166 -13.35 10.95 22.95
C ILE B 166 -14.47 11.80 23.56
N ASP B 167 -15.58 11.19 23.95
CA ASP B 167 -16.73 11.96 24.44
C ASP B 167 -16.39 12.60 25.79
N ARG B 168 -15.64 11.92 26.65
CA ARG B 168 -15.26 12.53 27.96
C ARG B 168 -14.45 13.81 27.74
N VAL B 169 -13.41 13.76 26.91
CA VAL B 169 -12.49 14.93 26.78
C VAL B 169 -13.22 16.06 26.02
N LEU B 170 -14.02 15.75 24.99
CA LEU B 170 -14.75 16.80 24.24
C LEU B 170 -15.86 17.40 25.14
N SER B 171 -16.45 16.62 26.05
CA SER B 171 -17.41 17.14 27.06
C SER B 171 -16.69 18.13 28.00
N ALA B 172 -15.43 17.87 28.35
CA ALA B 172 -14.62 18.77 29.18
C ALA B 172 -14.35 20.05 28.39
N LEU B 173 -14.11 19.93 27.08
CA LEU B 173 -13.97 21.12 26.20
C LEU B 173 -15.27 21.92 26.23
N LEU B 174 -16.43 21.27 26.17
CA LEU B 174 -17.74 21.96 26.17
C LEU B 174 -17.98 22.65 27.53
N LYS B 175 -17.63 21.99 28.63
CA LYS B 175 -17.87 22.50 30.01
C LYS B 175 -16.94 23.69 30.30
N GLU B 176 -15.67 23.60 29.90
CA GLU B 176 -14.61 24.54 30.34
C GLU B 176 -14.23 25.51 29.22
N ARG B 177 -14.45 25.14 27.96
CA ARG B 177 -13.97 25.83 26.73
C ARG B 177 -12.45 26.05 26.82
N LYS B 178 -11.76 25.16 27.51
CA LYS B 178 -10.27 25.07 27.54
C LYS B 178 -9.82 23.97 26.60
N PRO B 179 -8.53 23.97 26.20
CA PRO B 179 -8.05 22.95 25.29
C PRO B 179 -8.00 21.55 25.90
N VAL B 180 -8.10 20.56 25.02
CA VAL B 180 -8.01 19.13 25.38
C VAL B 180 -7.15 18.40 24.35
N TYR B 181 -6.78 17.17 24.70
CA TYR B 181 -5.67 16.44 24.04
C TYR B 181 -6.10 15.00 23.84
N ILE B 182 -6.00 14.52 22.60
CA ILE B 182 -6.36 13.12 22.22
C ILE B 182 -5.15 12.51 21.52
N ASN B 183 -4.54 11.52 22.15
CA ASN B 183 -3.46 10.69 21.58
C ASN B 183 -4.13 9.50 20.90
N LEU B 184 -3.93 9.41 19.59
CA LEU B 184 -4.66 8.53 18.66
C LEU B 184 -3.67 7.55 18.02
N PRO B 185 -3.43 6.37 18.62
CA PRO B 185 -2.55 5.38 17.97
C PRO B 185 -3.06 4.99 16.58
N VAL B 186 -2.16 4.74 15.65
CA VAL B 186 -2.50 4.41 14.22
C VAL B 186 -3.58 3.31 14.17
N ASP B 187 -3.37 2.21 14.89
CA ASP B 187 -4.30 1.04 14.82
C ASP B 187 -5.63 1.42 15.47
N VAL B 188 -5.62 2.25 16.51
CA VAL B 188 -6.86 2.64 17.25
C VAL B 188 -7.73 3.52 16.36
N ALA B 189 -7.13 4.45 15.62
CA ALA B 189 -7.85 5.29 14.63
C ALA B 189 -8.58 4.39 13.60
N ALA B 190 -7.94 3.32 13.17
CA ALA B 190 -8.42 2.44 12.06
C ALA B 190 -9.45 1.42 12.58
N ALA B 191 -9.60 1.28 13.90
CA ALA B 191 -10.48 0.24 14.50
C ALA B 191 -11.94 0.62 14.24
N LYS B 192 -12.80 -0.40 14.18
CA LYS B 192 -14.26 -0.24 13.92
C LYS B 192 -14.88 0.57 15.05
N ALA B 193 -15.89 1.38 14.73
CA ALA B 193 -16.72 2.09 15.73
C ALA B 193 -18.13 2.21 15.18
N GLU B 194 -19.06 2.66 16.02
CA GLU B 194 -20.45 2.98 15.61
C GLU B 194 -20.66 4.47 15.80
N LYS B 195 -21.38 5.10 14.88
CA LYS B 195 -21.73 6.54 14.95
C LYS B 195 -22.31 6.84 16.33
N PRO B 196 -22.09 8.07 16.88
CA PRO B 196 -22.70 8.46 18.14
C PRO B 196 -24.24 8.42 18.09
N SER B 197 -24.85 8.02 19.20
CA SER B 197 -26.31 7.91 19.43
C SER B 197 -26.80 9.06 20.30
N LEU B 198 -25.90 9.80 20.94
CA LEU B 198 -26.23 10.89 21.91
C LEU B 198 -25.40 12.12 21.58
N PRO B 199 -25.94 13.34 21.82
CA PRO B 199 -25.16 14.58 21.66
C PRO B 199 -24.04 14.69 22.71
N LEU B 200 -22.95 15.43 22.44
CA LEU B 200 -22.01 15.82 23.52
C LEU B 200 -22.73 16.72 24.52
N THR B 206 -28.31 20.95 43.12
CA THR B 206 -28.46 22.27 43.80
C THR B 206 -28.39 23.42 42.77
N SER B 207 -27.75 23.19 41.63
CA SER B 207 -27.14 24.24 40.76
C SER B 207 -28.23 25.17 40.20
N ASN B 208 -29.20 24.62 39.46
CA ASN B 208 -30.34 25.37 38.86
C ASN B 208 -31.00 26.28 39.91
N THR B 209 -31.18 25.80 41.13
CA THR B 209 -31.71 26.60 42.28
C THR B 209 -30.66 27.66 42.67
N SER B 210 -29.37 27.31 42.57
CA SER B 210 -28.20 28.21 42.77
C SER B 210 -28.13 29.26 41.64
N ASP B 211 -28.27 28.82 40.40
CA ASP B 211 -28.39 29.68 39.20
C ASP B 211 -29.51 30.70 39.46
N GLN B 212 -30.67 30.26 39.93
CA GLN B 212 -31.85 31.15 40.11
C GLN B 212 -31.56 32.16 41.24
N GLU B 213 -30.97 31.71 42.36
CA GLU B 213 -30.59 32.62 43.49
C GLU B 213 -29.63 33.69 42.96
N ILE B 214 -28.63 33.29 42.16
CA ILE B 214 -27.63 34.23 41.58
C ILE B 214 -28.35 35.24 40.68
N LEU B 215 -29.20 34.75 39.77
CA LEU B 215 -29.95 35.62 38.81
C LEU B 215 -30.80 36.61 39.60
N ASN B 216 -31.52 36.13 40.62
CA ASN B 216 -32.38 36.98 41.47
C ASN B 216 -31.54 38.09 42.13
N LYS B 217 -30.34 37.79 42.65
CA LYS B 217 -29.45 38.79 43.31
C LYS B 217 -28.93 39.81 42.27
N ILE B 218 -28.58 39.34 41.08
CA ILE B 218 -28.15 40.24 39.97
C ILE B 218 -29.29 41.19 39.61
N GLN B 219 -30.49 40.65 39.37
CA GLN B 219 -31.68 41.45 39.00
C GLN B 219 -31.91 42.52 40.07
N GLU B 220 -31.84 42.14 41.34
CA GLU B 220 -32.12 43.02 42.51
C GLU B 220 -31.06 44.13 42.59
N SER B 221 -29.78 43.80 42.44
CA SER B 221 -28.66 44.79 42.46
C SER B 221 -28.81 45.75 41.29
N LEU B 222 -29.17 45.25 40.10
CA LEU B 222 -29.31 46.09 38.89
C LEU B 222 -30.54 47.00 39.06
N LYS B 223 -31.63 46.44 39.57
CA LYS B 223 -32.90 47.19 39.87
C LYS B 223 -32.56 48.39 40.77
N ASN B 224 -31.71 48.20 41.77
CA ASN B 224 -31.50 49.17 42.87
C ASN B 224 -30.34 50.11 42.54
N ALA B 225 -29.46 49.77 41.59
CA ALA B 225 -28.22 50.54 41.31
C ALA B 225 -28.56 51.88 40.65
N LYS B 226 -27.91 52.96 41.10
CA LYS B 226 -27.99 54.30 40.46
C LYS B 226 -27.00 54.35 39.29
N LYS B 227 -25.88 53.63 39.39
CA LYS B 227 -24.72 53.82 38.47
C LYS B 227 -24.00 52.48 38.34
N PRO B 228 -24.66 51.47 37.74
CA PRO B 228 -24.05 50.16 37.60
C PRO B 228 -23.03 50.23 36.47
N ILE B 229 -22.01 49.38 36.52
CA ILE B 229 -21.07 49.13 35.39
C ILE B 229 -21.02 47.63 35.14
N VAL B 230 -21.20 47.23 33.89
CA VAL B 230 -20.97 45.83 33.45
C VAL B 230 -19.55 45.78 32.89
N ILE B 231 -18.78 44.78 33.32
CA ILE B 231 -17.43 44.53 32.77
C ILE B 231 -17.41 43.11 32.23
N THR B 232 -17.12 42.94 30.94
CA THR B 232 -17.04 41.61 30.32
C THR B 232 -15.58 41.36 29.92
N GLY B 233 -15.19 40.10 29.88
CA GLY B 233 -13.81 39.68 29.58
C GLY B 233 -13.79 38.51 28.64
N HIS B 234 -12.64 37.85 28.60
CA HIS B 234 -12.28 36.85 27.56
C HIS B 234 -13.21 35.63 27.68
N GLU B 235 -13.73 35.30 28.86
CA GLU B 235 -14.51 34.03 29.00
C GLU B 235 -15.82 34.14 28.24
N ILE B 236 -16.33 35.35 28.02
CA ILE B 236 -17.49 35.59 27.13
C ILE B 236 -17.15 35.14 25.71
N ILE B 237 -15.95 35.49 25.26
CA ILE B 237 -15.49 35.16 23.88
C ILE B 237 -15.35 33.64 23.81
N SER B 238 -14.78 33.03 24.84
CA SER B 238 -14.52 31.56 24.95
C SER B 238 -15.81 30.78 24.63
N PHE B 239 -16.94 31.25 25.16
CA PHE B 239 -18.25 30.56 25.05
C PHE B 239 -19.06 31.07 23.86
N GLY B 240 -18.57 32.04 23.09
CA GLY B 240 -19.35 32.61 21.98
C GLY B 240 -20.57 33.38 22.48
N LEU B 241 -20.44 34.08 23.62
CA LEU B 241 -21.59 34.78 24.25
C LEU B 241 -21.59 36.28 23.88
N GLU B 242 -20.77 36.73 22.92
CA GLU B 242 -20.68 38.18 22.64
C GLU B 242 -22.07 38.71 22.22
N LYS B 243 -22.76 38.02 21.32
CA LYS B 243 -24.05 38.52 20.76
C LYS B 243 -25.09 38.51 21.90
N THR B 244 -25.01 37.58 22.84
CA THR B 244 -25.90 37.51 24.02
C THR B 244 -25.65 38.74 24.90
N VAL B 245 -24.41 39.03 25.24
CA VAL B 245 -24.01 40.22 26.03
C VAL B 245 -24.50 41.49 25.31
N SER B 246 -24.30 41.58 24.00
CA SER B 246 -24.68 42.76 23.19
C SER B 246 -26.21 42.93 23.24
N GLN B 247 -26.97 41.85 23.12
CA GLN B 247 -28.45 41.87 23.18
C GLN B 247 -28.87 42.36 24.58
N PHE B 248 -28.23 41.82 25.63
CA PHE B 248 -28.47 42.21 27.04
C PHE B 248 -28.22 43.71 27.24
N ILE B 249 -27.06 44.21 26.81
CA ILE B 249 -26.66 45.64 27.00
C ILE B 249 -27.58 46.53 26.13
N SER B 250 -27.90 46.12 24.91
CA SER B 250 -28.72 46.97 24.00
C SER B 250 -30.10 47.16 24.62
N LYS B 251 -30.71 46.10 25.13
CA LYS B 251 -32.08 46.11 25.74
C LYS B 251 -32.07 46.89 27.04
N THR B 252 -31.10 46.66 27.92
CA THR B 252 -31.04 47.27 29.30
C THR B 252 -30.45 48.69 29.28
N LYS B 253 -29.62 49.03 28.28
CA LYS B 253 -28.88 50.31 28.21
C LYS B 253 -27.83 50.42 29.33
N LEU B 254 -27.43 49.31 29.91
CA LEU B 254 -26.42 49.30 31.02
C LEU B 254 -25.08 49.79 30.48
N PRO B 255 -24.38 50.65 31.24
CA PRO B 255 -23.02 51.04 30.91
C PRO B 255 -22.15 49.77 30.91
N ILE B 256 -21.28 49.66 29.93
CA ILE B 256 -20.35 48.50 29.85
C ILE B 256 -18.95 48.98 29.46
N THR B 257 -17.95 48.34 30.06
CA THR B 257 -16.53 48.46 29.69
C THR B 257 -15.99 47.04 29.54
N THR B 258 -14.87 46.88 28.86
CA THR B 258 -14.13 45.61 28.84
C THR B 258 -12.69 45.94 29.20
N LEU B 259 -11.95 44.93 29.65
CA LEU B 259 -10.47 45.00 29.65
C LEU B 259 -9.98 44.80 28.22
N ASN B 260 -8.70 45.00 28.00
CA ASN B 260 -8.03 44.68 26.72
C ASN B 260 -7.90 43.16 26.62
N PHE B 261 -8.08 42.46 27.74
CA PHE B 261 -8.21 40.97 27.84
C PHE B 261 -9.69 40.65 27.75
N GLY B 262 -10.15 40.30 26.54
CA GLY B 262 -11.57 40.12 26.23
C GLY B 262 -12.16 41.29 25.48
N LYS B 263 -11.30 42.12 24.85
CA LYS B 263 -11.80 43.20 23.96
C LYS B 263 -12.70 42.60 22.89
N SER B 264 -13.87 43.22 22.65
CA SER B 264 -14.91 42.79 21.67
C SER B 264 -15.77 41.65 22.27
N SER B 265 -15.75 41.47 23.60
CA SER B 265 -16.71 40.60 24.33
C SER B 265 -18.11 41.24 24.30
N VAL B 266 -18.18 42.53 23.96
CA VAL B 266 -19.45 43.23 23.59
C VAL B 266 -19.23 43.96 22.27
N ASP B 267 -20.31 44.31 21.59
CA ASP B 267 -20.31 45.23 20.43
C ASP B 267 -19.93 46.65 20.89
N GLU B 268 -18.73 47.11 20.54
CA GLU B 268 -18.19 48.41 21.03
C GLU B 268 -18.97 49.59 20.43
N ALA B 269 -19.78 49.35 19.40
CA ALA B 269 -20.57 50.46 18.77
C ALA B 269 -21.84 50.72 19.55
N LEU B 270 -22.17 49.94 20.58
CA LEU B 270 -23.38 50.21 21.41
C LEU B 270 -23.21 51.53 22.14
N PRO B 271 -24.27 52.37 22.25
CA PRO B 271 -24.14 53.69 22.87
C PRO B 271 -23.63 53.66 24.33
N SER B 272 -23.87 52.58 25.06
CA SER B 272 -23.52 52.48 26.51
C SER B 272 -22.12 51.87 26.68
N PHE B 273 -21.42 51.57 25.58
CA PHE B 273 -20.00 51.11 25.68
C PHE B 273 -19.11 52.31 25.96
N LEU B 274 -18.33 52.26 27.05
CA LEU B 274 -17.58 53.43 27.59
C LEU B 274 -16.13 53.42 27.09
N GLY B 275 -15.62 52.26 26.66
CA GLY B 275 -14.22 52.12 26.23
C GLY B 275 -13.49 51.08 27.05
N ILE B 276 -12.17 51.05 26.93
CA ILE B 276 -11.33 49.97 27.54
C ILE B 276 -10.80 50.47 28.88
N TYR B 277 -11.18 49.79 29.94
CA TYR B 277 -10.68 50.05 31.31
C TYR B 277 -9.34 49.30 31.47
N ASN B 278 -8.28 50.04 31.77
CA ASN B 278 -6.90 49.51 31.90
C ASN B 278 -6.24 50.18 33.10
N GLY B 279 -6.83 50.04 34.27
CA GLY B 279 -6.37 50.69 35.51
C GLY B 279 -6.08 52.16 35.30
N LYS B 280 -4.98 52.67 35.83
CA LYS B 280 -4.69 54.13 35.81
C LYS B 280 -4.35 54.59 34.39
N LEU B 281 -4.18 53.68 33.42
CA LEU B 281 -3.90 54.08 32.01
C LEU B 281 -5.19 54.31 31.24
N SER B 282 -6.37 54.10 31.86
CA SER B 282 -7.70 54.36 31.26
C SER B 282 -7.83 55.86 30.91
N GLU B 283 -8.58 56.17 29.85
CA GLU B 283 -9.08 57.54 29.60
C GLU B 283 -9.75 58.02 30.89
N PRO B 284 -9.48 59.25 31.37
CA PRO B 284 -9.95 59.73 32.67
C PRO B 284 -11.47 59.66 32.93
N ASN B 285 -12.30 59.96 31.94
CA ASN B 285 -13.78 59.98 32.14
C ASN B 285 -14.25 58.55 32.36
N LEU B 286 -13.69 57.60 31.62
CA LEU B 286 -14.00 56.17 31.80
C LEU B 286 -13.57 55.72 33.20
N LYS B 287 -12.35 56.08 33.59
CA LYS B 287 -11.73 55.68 34.87
C LYS B 287 -12.62 56.17 36.01
N GLU B 288 -12.99 57.44 35.98
CA GLU B 288 -13.90 58.09 36.96
C GLU B 288 -15.23 57.33 37.04
N PHE B 289 -15.85 56.97 35.90
CA PHE B 289 -17.18 56.32 35.87
C PHE B 289 -17.07 54.93 36.51
N VAL B 290 -16.11 54.12 36.05
CA VAL B 290 -15.99 52.70 36.47
C VAL B 290 -15.74 52.68 37.98
N GLU B 291 -14.82 53.54 38.44
CA GLU B 291 -14.27 53.47 39.82
C GLU B 291 -15.25 54.14 40.79
N SER B 292 -16.28 54.82 40.30
CA SER B 292 -17.35 55.44 41.15
C SER B 292 -18.67 54.67 41.05
N ALA B 293 -18.76 53.62 40.24
CA ALA B 293 -20.00 52.83 40.08
C ALA B 293 -20.42 52.27 41.45
N ASP B 294 -21.72 52.19 41.72
CA ASP B 294 -22.28 51.74 43.01
C ASP B 294 -22.55 50.23 42.94
N PHE B 295 -22.47 49.64 41.74
CA PHE B 295 -22.56 48.18 41.55
C PHE B 295 -21.75 47.76 40.33
N ILE B 296 -20.97 46.69 40.45
CA ILE B 296 -20.13 46.15 39.35
C ILE B 296 -20.61 44.75 39.04
N LEU B 297 -20.98 44.49 37.79
CA LEU B 297 -21.29 43.12 37.32
C LEU B 297 -20.18 42.67 36.38
N MET B 298 -19.31 41.75 36.82
CA MET B 298 -18.09 41.37 36.07
C MET B 298 -18.35 39.98 35.50
N LEU B 299 -18.32 39.83 34.18
CA LEU B 299 -18.67 38.55 33.51
C LEU B 299 -17.47 38.06 32.72
N GLY B 300 -16.86 36.95 33.15
CA GLY B 300 -15.77 36.27 32.40
C GLY B 300 -14.48 37.08 32.41
N VAL B 301 -14.23 37.84 33.46
CA VAL B 301 -13.02 38.71 33.55
C VAL B 301 -11.92 38.02 34.38
N LYS B 302 -10.67 38.10 33.94
CA LYS B 302 -9.47 37.89 34.80
C LYS B 302 -8.59 39.14 34.74
N LEU B 303 -8.17 39.62 35.90
CA LEU B 303 -7.43 40.89 36.06
C LEU B 303 -5.95 40.55 36.01
N THR B 304 -5.27 40.94 34.93
CA THR B 304 -3.86 40.57 34.67
C THR B 304 -3.03 41.85 34.56
N ASP B 305 -1.70 41.76 34.62
CA ASP B 305 -0.85 42.97 34.63
C ASP B 305 -1.15 43.82 33.39
N SER B 306 -1.18 43.23 32.20
CA SER B 306 -1.24 43.97 30.92
C SER B 306 -2.65 44.52 30.70
N SER B 307 -3.63 44.00 31.44
CA SER B 307 -5.06 44.39 31.31
C SER B 307 -5.50 45.31 32.46
N THR B 308 -4.63 45.64 33.42
CA THR B 308 -5.00 46.48 34.59
C THR B 308 -4.02 47.64 34.81
N GLY B 309 -3.24 48.02 33.82
CA GLY B 309 -2.20 49.04 34.00
C GLY B 309 -1.22 48.62 35.07
N VAL B 310 -0.84 47.33 35.03
CA VAL B 310 0.04 46.68 36.05
C VAL B 310 -0.59 46.90 37.44
N PHE B 311 -1.82 46.40 37.60
CA PHE B 311 -2.54 46.25 38.89
C PHE B 311 -2.78 47.61 39.52
N THR B 312 -3.13 48.62 38.72
CA THR B 312 -3.50 49.98 39.20
C THR B 312 -5.02 50.17 39.08
N HIS B 313 -5.77 49.08 38.94
CA HIS B 313 -7.25 49.07 38.86
C HIS B 313 -7.84 49.33 40.26
N HIS B 314 -9.08 49.80 40.31
CA HIS B 314 -9.86 49.98 41.57
C HIS B 314 -11.27 49.43 41.36
N LEU B 315 -11.43 48.14 41.62
CA LEU B 315 -12.68 47.38 41.44
C LEU B 315 -13.08 46.78 42.79
N ASN B 316 -13.93 47.51 43.52
CA ASN B 316 -14.32 47.17 44.90
C ASN B 316 -15.19 45.91 44.89
N GLU B 317 -14.68 44.79 45.45
CA GLU B 317 -15.36 43.48 45.51
C GLU B 317 -16.61 43.58 46.39
N ASN B 318 -16.63 44.54 47.32
CA ASN B 318 -17.78 44.75 48.25
C ASN B 318 -19.03 45.15 47.47
N LYS B 319 -18.88 45.74 46.27
CA LYS B 319 -20.06 46.19 45.49
C LYS B 319 -20.07 45.48 44.13
N MET B 320 -19.53 44.26 44.09
CA MET B 320 -19.32 43.46 42.85
C MET B 320 -20.05 42.13 42.95
N ILE B 321 -20.73 41.74 41.89
CA ILE B 321 -21.02 40.31 41.57
C ILE B 321 -20.15 39.94 40.37
N SER B 322 -19.25 38.98 40.55
CA SER B 322 -18.39 38.47 39.46
C SER B 322 -18.79 37.03 39.17
N LEU B 323 -18.89 36.71 37.88
CA LEU B 323 -19.18 35.36 37.38
C LEU B 323 -18.05 34.93 36.46
N ASN B 324 -17.44 33.79 36.74
CA ASN B 324 -16.39 33.17 35.90
C ASN B 324 -16.83 31.75 35.60
N ILE B 325 -16.15 31.09 34.66
CA ILE B 325 -16.43 29.66 34.32
C ILE B 325 -16.25 28.82 35.58
N ASP B 326 -15.15 29.05 36.33
CA ASP B 326 -14.64 28.14 37.39
C ASP B 326 -15.25 28.51 38.76
N GLU B 327 -15.64 29.78 38.94
CA GLU B 327 -16.14 30.28 40.25
C GLU B 327 -16.83 31.64 40.09
N GLY B 328 -17.43 32.12 41.18
CA GLY B 328 -18.11 33.42 41.25
C GLY B 328 -17.92 34.04 42.62
N LYS B 329 -18.26 35.31 42.75
CA LYS B 329 -18.19 36.09 44.00
C LYS B 329 -19.43 36.98 44.04
N ILE B 330 -20.24 36.82 45.09
CA ILE B 330 -21.40 37.71 45.35
C ILE B 330 -21.04 38.57 46.56
N PHE B 331 -20.68 39.82 46.33
CA PHE B 331 -20.29 40.79 47.38
C PHE B 331 -19.30 40.08 48.30
N ASN B 332 -18.25 39.53 47.70
CA ASN B 332 -17.01 39.06 48.37
C ASN B 332 -17.22 37.64 48.92
N GLU B 333 -18.39 37.03 48.71
CA GLU B 333 -18.68 35.63 49.11
C GLU B 333 -18.56 34.69 47.89
N SER B 334 -17.66 33.72 47.96
CA SER B 334 -17.39 32.73 46.90
C SER B 334 -18.65 31.88 46.65
N ILE B 335 -18.92 31.54 45.39
CA ILE B 335 -19.95 30.56 44.95
C ILE B 335 -19.32 29.66 43.88
N GLN B 336 -19.75 28.40 43.77
CA GLN B 336 -19.04 27.34 43.00
C GLN B 336 -20.02 26.56 42.11
N ASN B 337 -21.25 26.32 42.58
CA ASN B 337 -22.24 25.43 41.93
C ASN B 337 -23.21 26.27 41.08
N PHE B 338 -22.78 26.61 39.85
CA PHE B 338 -23.62 27.27 38.81
C PHE B 338 -23.09 26.92 37.41
N ASP B 339 -23.92 27.11 36.39
CA ASP B 339 -23.53 26.94 34.97
C ASP B 339 -23.33 28.33 34.36
N PHE B 340 -22.07 28.70 34.09
CA PHE B 340 -21.68 30.03 33.56
C PHE B 340 -22.48 30.34 32.29
N GLU B 341 -22.46 29.48 31.29
CA GLU B 341 -23.08 29.76 29.96
C GLU B 341 -24.58 30.05 30.13
N SER B 342 -25.35 29.17 30.78
CA SER B 342 -26.82 29.36 30.91
C SER B 342 -27.13 30.55 31.83
N LEU B 343 -26.31 30.83 32.85
CA LEU B 343 -26.46 32.03 33.72
C LEU B 343 -26.37 33.31 32.86
N ILE B 344 -25.32 33.44 32.06
CA ILE B 344 -25.16 34.61 31.14
C ILE B 344 -26.39 34.69 30.23
N SER B 345 -26.78 33.58 29.58
CA SER B 345 -27.93 33.51 28.65
C SER B 345 -29.21 33.95 29.38
N SER B 346 -29.33 33.63 30.67
CA SER B 346 -30.52 33.94 31.50
C SER B 346 -30.58 35.43 31.82
N LEU B 347 -29.51 36.19 31.61
CA LEU B 347 -29.57 37.68 31.76
C LEU B 347 -30.58 38.28 30.76
N LEU B 348 -30.85 37.62 29.64
CA LEU B 348 -31.81 38.11 28.61
C LEU B 348 -33.26 38.00 29.11
N ASP B 349 -33.47 37.27 30.21
CA ASP B 349 -34.81 37.02 30.80
C ASP B 349 -35.10 38.07 31.89
N LEU B 350 -34.08 38.74 32.42
CA LEU B 350 -34.25 39.77 33.47
C LEU B 350 -35.22 40.83 32.95
N SER B 351 -36.31 41.05 33.68
CA SER B 351 -37.31 42.11 33.41
C SER B 351 -37.03 43.28 34.35
N GLU B 352 -37.59 44.45 34.05
CA GLU B 352 -37.58 45.65 34.93
C GLU B 352 -36.14 46.11 35.12
N ILE B 353 -35.26 45.82 34.15
CA ILE B 353 -33.88 46.38 34.06
C ILE B 353 -33.84 47.37 32.90
N GLU B 354 -33.63 48.64 33.23
CA GLU B 354 -33.32 49.70 32.25
C GLU B 354 -32.54 50.77 32.98
N TYR B 355 -31.30 51.04 32.56
CA TYR B 355 -30.50 52.19 33.03
C TYR B 355 -31.05 53.46 32.42
N LYS B 356 -31.21 54.50 33.25
CA LYS B 356 -31.88 55.77 32.86
C LYS B 356 -30.88 56.92 32.97
N GLY B 357 -29.62 56.63 33.29
CA GLY B 357 -28.60 57.67 33.55
C GLY B 357 -27.78 58.01 32.32
N LYS B 358 -26.69 58.75 32.54
CA LYS B 358 -25.76 59.23 31.50
C LYS B 358 -24.59 58.25 31.37
N TYR B 359 -23.84 58.40 30.29
CA TYR B 359 -22.58 57.63 30.04
C TYR B 359 -21.42 58.61 30.21
N ILE B 360 -20.52 58.73 29.23
CA ILE B 360 -19.35 59.66 29.31
C ILE B 360 -19.21 60.39 27.97
N ASP B 361 -18.42 61.45 27.97
CA ASP B 361 -18.09 62.27 26.78
C ASP B 361 -17.44 61.40 25.70
N LYS B 362 -17.91 61.54 24.47
CA LYS B 362 -17.23 61.10 23.22
C LYS B 362 -16.78 62.36 22.49
N LYS B 363 -15.47 62.48 22.25
CA LYS B 363 -14.81 63.51 21.42
C LYS B 363 -13.87 62.79 20.45
N GLN B 364 -14.41 62.23 19.37
CA GLN B 364 -13.64 61.64 18.23
C GLN B 364 -13.38 62.76 17.22
N GLU B 365 -12.11 63.05 16.93
CA GLU B 365 -11.69 64.07 15.93
C GLU B 365 -11.58 63.43 14.53
N ASP B 366 -11.91 64.19 13.48
CA ASP B 366 -11.44 63.89 12.10
C ASP B 366 -9.91 63.69 12.14
N PHE B 367 -9.41 62.60 11.54
CA PHE B 367 -7.97 62.46 11.21
C PHE B 367 -7.69 63.17 9.89
N VAL B 368 -6.88 64.23 9.93
CA VAL B 368 -6.41 64.94 8.72
C VAL B 368 -4.92 64.69 8.56
N PRO B 369 -4.53 63.90 7.53
CA PRO B 369 -3.12 63.59 7.31
C PRO B 369 -2.38 64.81 6.74
N SER B 370 -1.07 64.83 7.00
CA SER B 370 -0.06 65.69 6.38
C SER B 370 0.97 64.77 5.73
N ASN B 371 2.05 65.35 5.21
CA ASN B 371 3.15 64.54 4.66
C ASN B 371 4.17 64.16 5.76
N ALA B 372 3.81 64.39 7.01
CA ALA B 372 4.70 64.12 8.16
C ALA B 372 5.08 62.64 8.19
N LEU B 373 6.30 62.34 8.65
CA LEU B 373 6.73 60.95 8.89
C LEU B 373 5.72 60.29 9.81
N LEU B 374 5.37 59.05 9.49
CA LEU B 374 4.42 58.27 10.30
C LEU B 374 4.95 58.11 11.73
N SER B 375 4.11 58.44 12.71
CA SER B 375 4.42 58.31 14.15
C SER B 375 3.35 57.41 14.77
N GLN B 376 3.65 56.80 15.90
CA GLN B 376 2.78 55.80 16.58
C GLN B 376 1.43 56.42 16.93
N ASP B 377 1.45 57.55 17.61
CA ASP B 377 0.20 58.18 18.10
C ASP B 377 -0.69 58.51 16.89
N ARG B 378 -0.14 59.01 15.79
CA ARG B 378 -0.93 59.43 14.60
C ARG B 378 -1.42 58.18 13.87
N LEU B 379 -0.59 57.13 13.83
CA LEU B 379 -0.99 55.84 13.22
C LEU B 379 -2.29 55.37 13.88
N TRP B 380 -2.34 55.30 15.20
CA TRP B 380 -3.50 54.69 15.92
C TRP B 380 -4.71 55.62 15.83
N GLN B 381 -4.49 56.94 15.79
CA GLN B 381 -5.57 57.92 15.46
C GLN B 381 -6.16 57.62 14.08
N ALA B 382 -5.30 57.43 13.08
CA ALA B 382 -5.71 57.12 11.69
C ALA B 382 -6.47 55.79 11.63
N VAL B 383 -5.97 54.74 12.26
CA VAL B 383 -6.63 53.40 12.27
C VAL B 383 -8.03 53.56 12.90
N GLU B 384 -8.14 54.26 14.04
CA GLU B 384 -9.44 54.43 14.74
C GLU B 384 -10.42 55.13 13.79
N ASN B 385 -9.95 56.10 13.04
CA ASN B 385 -10.76 56.94 12.13
C ASN B 385 -11.21 56.07 10.96
N LEU B 386 -10.35 55.18 10.46
CA LEU B 386 -10.51 54.59 9.12
C LEU B 386 -11.11 53.18 9.21
N THR B 387 -11.06 52.52 10.37
CA THR B 387 -11.62 51.16 10.52
C THR B 387 -13.10 51.21 10.11
N GLN B 388 -13.60 50.12 9.53
CA GLN B 388 -14.99 50.04 9.00
C GLN B 388 -15.74 48.95 9.78
N SER B 389 -17.06 48.91 9.64
CA SER B 389 -17.91 47.79 10.13
C SER B 389 -17.42 46.47 9.54
N ASN B 390 -17.72 45.36 10.22
CA ASN B 390 -17.53 43.99 9.69
C ASN B 390 -16.02 43.72 9.53
N GLU B 391 -15.21 44.23 10.46
CA GLU B 391 -13.74 44.02 10.46
C GLU B 391 -13.35 43.28 11.74
N THR B 392 -12.24 42.54 11.67
CA THR B 392 -11.59 41.94 12.86
C THR B 392 -10.20 42.52 12.92
N ILE B 393 -9.92 43.27 13.97
CA ILE B 393 -8.59 43.85 14.23
C ILE B 393 -7.81 42.88 15.13
N VAL B 394 -6.64 42.50 14.66
CA VAL B 394 -5.72 41.58 15.35
C VAL B 394 -4.47 42.37 15.65
N ALA B 395 -4.03 42.39 16.90
CA ALA B 395 -2.91 43.25 17.33
C ALA B 395 -1.90 42.47 18.18
N GLU B 396 -0.66 42.46 17.73
CA GLU B 396 0.47 41.72 18.37
C GLU B 396 0.98 42.50 19.59
N GLN B 397 1.42 41.75 20.61
CA GLN B 397 2.16 42.34 21.74
C GLN B 397 3.30 43.20 21.19
N GLY B 398 3.51 44.35 21.80
CA GLY B 398 4.38 45.39 21.25
C GLY B 398 3.60 46.66 21.07
N THR B 399 4.17 47.59 20.29
CA THR B 399 3.49 48.88 20.02
C THR B 399 2.09 48.59 19.48
N SER B 400 1.89 47.54 18.65
CA SER B 400 0.59 47.32 17.97
C SER B 400 -0.51 47.11 19.02
N PHE B 401 -0.33 46.20 19.99
CA PHE B 401 -1.38 45.93 21.00
C PHE B 401 -1.68 47.18 21.83
N PHE B 402 -0.66 47.88 22.31
CA PHE B 402 -0.82 49.07 23.19
C PHE B 402 -1.46 50.21 22.40
N GLY B 403 -1.16 50.34 21.11
CA GLY B 403 -1.73 51.37 20.23
C GLY B 403 -3.16 51.06 19.82
N ALA B 404 -3.43 49.80 19.46
CA ALA B 404 -4.71 49.39 18.83
C ALA B 404 -5.77 49.03 19.89
N SER B 405 -5.39 48.48 21.05
CA SER B 405 -6.37 47.92 22.02
C SER B 405 -7.37 49.00 22.50
N PRO B 406 -6.98 50.29 22.64
CA PRO B 406 -7.93 51.31 23.11
C PRO B 406 -8.95 51.78 22.05
N ILE B 407 -8.73 51.42 20.79
CA ILE B 407 -9.51 51.95 19.62
C ILE B 407 -10.96 51.50 19.74
N PHE B 408 -11.91 52.41 19.55
CA PHE B 408 -13.35 52.07 19.47
C PHE B 408 -13.61 51.37 18.13
N LEU B 409 -14.18 50.17 18.16
CA LEU B 409 -14.53 49.40 16.94
C LEU B 409 -15.85 49.93 16.37
N LYS B 410 -16.01 49.82 15.06
CA LYS B 410 -17.29 50.03 14.34
C LYS B 410 -18.20 48.81 14.54
N PRO B 411 -19.51 48.94 14.24
CA PRO B 411 -20.45 47.84 14.42
C PRO B 411 -19.97 46.53 13.77
N LYS B 412 -20.50 45.39 14.25
CA LYS B 412 -20.31 44.03 13.68
C LYS B 412 -18.81 43.75 13.57
N SER B 413 -18.03 44.18 14.56
CA SER B 413 -16.54 44.03 14.50
C SER B 413 -16.03 43.21 15.68
N HIS B 414 -14.79 42.72 15.55
CA HIS B 414 -14.14 41.84 16.55
C HIS B 414 -12.68 42.27 16.71
N PHE B 415 -12.08 41.79 17.79
CA PHE B 415 -10.68 42.09 18.15
C PHE B 415 -10.06 40.79 18.63
N ILE B 416 -8.82 40.54 18.19
CA ILE B 416 -7.99 39.44 18.73
C ILE B 416 -6.68 40.03 19.25
N GLY B 417 -6.41 39.78 20.53
CA GLY B 417 -5.14 40.09 21.19
C GLY B 417 -4.94 39.12 22.32
N GLN B 418 -3.69 38.95 22.74
CA GLN B 418 -3.29 37.85 23.66
C GLN B 418 -2.49 38.43 24.83
N PRO B 419 -3.10 39.32 25.63
CA PRO B 419 -2.38 40.07 26.66
C PRO B 419 -1.93 39.24 27.86
N LEU B 420 -2.60 38.11 28.14
CA LEU B 420 -2.20 37.27 29.29
C LEU B 420 -1.06 36.35 28.85
N TRP B 421 -1.28 35.50 27.86
CA TRP B 421 -0.17 34.60 27.45
C TRP B 421 0.95 35.43 26.81
N GLY B 422 0.61 36.31 25.86
CA GLY B 422 1.55 37.30 25.30
C GLY B 422 2.69 36.69 24.51
N SER B 423 2.42 35.70 23.67
CA SER B 423 3.43 34.98 22.85
C SER B 423 3.63 35.69 21.50
N ILE B 424 4.74 36.41 21.32
CA ILE B 424 4.92 37.18 20.06
C ILE B 424 5.03 36.21 18.88
N GLY B 425 4.42 36.60 17.76
CA GLY B 425 4.28 35.77 16.55
C GLY B 425 2.90 35.13 16.48
N TYR B 426 2.24 34.95 17.64
CA TYR B 426 0.91 34.30 17.74
C TYR B 426 -0.02 34.93 16.67
N THR B 427 0.00 36.23 16.54
CA THR B 427 -1.09 36.99 15.86
C THR B 427 -1.08 36.72 14.35
N PHE B 428 0.04 36.39 13.74
CA PHE B 428 0.03 36.16 12.28
C PHE B 428 -0.71 34.87 11.95
N PRO B 429 -0.31 33.67 12.39
CA PRO B 429 -1.16 32.48 12.17
C PRO B 429 -2.57 32.61 12.75
N ALA B 430 -2.73 33.27 13.91
CA ALA B 430 -4.06 33.42 14.55
C ALA B 430 -4.96 34.25 13.63
N ALA B 431 -4.43 35.32 13.02
CA ALA B 431 -5.23 36.19 12.12
C ALA B 431 -5.68 35.35 10.93
N LEU B 432 -4.80 34.52 10.40
CA LEU B 432 -5.12 33.68 9.22
C LEU B 432 -6.19 32.66 9.62
N GLY B 433 -6.08 32.04 10.80
CA GLY B 433 -7.08 31.07 11.28
C GLY B 433 -8.44 31.72 11.50
N SER B 434 -8.46 32.91 12.10
CA SER B 434 -9.72 33.66 12.33
C SER B 434 -10.33 34.07 10.98
N GLN B 435 -9.51 34.47 10.02
CA GLN B 435 -9.96 34.92 8.67
C GLN B 435 -10.59 33.74 7.95
N ILE B 436 -9.99 32.54 8.06
CA ILE B 436 -10.57 31.30 7.49
C ILE B 436 -11.90 30.98 8.17
N ALA B 437 -11.98 31.18 9.49
CA ALA B 437 -13.21 30.88 10.29
C ALA B 437 -14.37 31.77 9.83
N ASP B 438 -14.12 33.04 9.52
CA ASP B 438 -15.17 33.99 9.05
C ASP B 438 -14.68 34.79 7.84
N LYS B 439 -14.95 34.25 6.64
CA LYS B 439 -14.64 34.85 5.32
C LYS B 439 -15.34 36.21 5.16
N GLU B 440 -16.38 36.53 5.94
CA GLU B 440 -17.20 37.76 5.75
C GLU B 440 -16.70 38.90 6.64
N SER B 441 -15.73 38.64 7.52
CA SER B 441 -15.13 39.71 8.36
C SER B 441 -13.73 40.03 7.80
N ARG B 442 -13.49 41.28 7.36
CA ARG B 442 -12.16 41.67 6.81
C ARG B 442 -11.19 41.76 7.99
N HIS B 443 -10.15 40.93 7.98
CA HIS B 443 -9.13 40.92 9.07
C HIS B 443 -8.07 41.97 8.75
N LEU B 444 -7.82 42.87 9.71
CA LEU B 444 -6.71 43.83 9.72
C LEU B 444 -5.73 43.40 10.81
N LEU B 445 -4.52 43.00 10.39
CA LEU B 445 -3.50 42.50 11.32
C LEU B 445 -2.48 43.62 11.49
N PHE B 446 -2.15 43.95 12.74
CA PHE B 446 -1.04 44.82 13.10
C PHE B 446 -0.03 43.99 13.86
N ILE B 447 1.11 43.75 13.23
CA ILE B 447 2.19 42.89 13.79
C ILE B 447 3.52 43.61 13.65
N GLY B 448 4.36 43.51 14.67
CA GLY B 448 5.68 44.13 14.63
C GLY B 448 6.67 43.30 13.82
N ASP B 449 7.70 43.97 13.35
CA ASP B 449 8.82 43.29 12.63
C ASP B 449 9.37 42.14 13.49
N GLY B 450 9.62 42.37 14.78
CA GLY B 450 10.25 41.35 15.65
C GLY B 450 9.35 40.12 15.83
N SER B 451 8.05 40.33 15.90
CA SER B 451 7.02 39.26 16.07
C SER B 451 6.80 38.48 14.78
N LEU B 452 6.72 39.17 13.62
CA LEU B 452 6.52 38.47 12.33
C LEU B 452 7.65 37.45 12.12
N GLN B 453 8.86 37.75 12.57
CA GLN B 453 10.02 36.85 12.29
C GLN B 453 9.76 35.48 12.94
N LEU B 454 8.90 35.39 13.96
CA LEU B 454 8.72 34.09 14.66
C LEU B 454 7.85 33.15 13.83
N THR B 455 6.94 33.65 12.98
CA THR B 455 5.84 32.82 12.41
C THR B 455 5.65 33.09 10.90
N VAL B 456 6.61 33.72 10.25
CA VAL B 456 6.48 34.24 8.87
C VAL B 456 6.07 33.12 7.90
N GLN B 457 6.46 31.87 8.14
CA GLN B 457 6.30 30.80 7.10
C GLN B 457 4.83 30.54 6.75
N GLU B 458 3.85 30.95 7.57
CA GLU B 458 2.42 30.72 7.20
C GLU B 458 1.98 31.67 6.09
N LEU B 459 2.86 32.55 5.61
CA LEU B 459 2.57 33.29 4.35
C LEU B 459 2.30 32.30 3.20
N GLY B 460 2.94 31.12 3.21
CA GLY B 460 2.67 30.07 2.20
C GLY B 460 1.23 29.63 2.21
N LEU B 461 0.73 29.28 3.39
CA LEU B 461 -0.68 28.91 3.61
C LEU B 461 -1.61 30.07 3.20
N ALA B 462 -1.31 31.31 3.59
CA ALA B 462 -2.18 32.48 3.26
C ALA B 462 -2.35 32.56 1.73
N ILE B 463 -1.27 32.33 1.00
CA ILE B 463 -1.25 32.41 -0.49
C ILE B 463 -2.07 31.26 -1.06
N ARG B 464 -1.83 30.05 -0.57
CA ARG B 464 -2.50 28.82 -1.07
C ARG B 464 -4.01 28.94 -0.82
N GLU B 465 -4.42 29.41 0.37
CA GLU B 465 -5.86 29.45 0.77
C GLU B 465 -6.58 30.62 0.08
N LYS B 466 -5.82 31.51 -0.56
CA LYS B 466 -6.34 32.70 -1.30
C LYS B 466 -7.25 33.50 -0.36
N ILE B 467 -6.81 33.71 0.88
CA ILE B 467 -7.55 34.56 1.85
C ILE B 467 -7.01 35.97 1.69
N ASN B 468 -7.80 36.96 2.13
CA ASN B 468 -7.57 38.36 1.72
C ASN B 468 -7.46 39.28 2.93
N PRO B 469 -6.68 38.93 3.97
CA PRO B 469 -6.53 39.83 5.10
C PRO B 469 -5.72 41.05 4.67
N ILE B 470 -5.82 42.12 5.46
CA ILE B 470 -4.96 43.33 5.32
C ILE B 470 -3.90 43.25 6.44
N CYS B 471 -2.65 43.06 6.07
CA CYS B 471 -1.54 42.82 7.03
C CYS B 471 -0.63 44.04 7.08
N PHE B 472 -0.53 44.66 8.24
CA PHE B 472 0.36 45.83 8.48
C PHE B 472 1.54 45.34 9.33
N ILE B 473 2.74 45.51 8.81
CA ILE B 473 3.98 45.17 9.53
C ILE B 473 4.58 46.48 10.04
N ILE B 474 4.73 46.60 11.35
CA ILE B 474 5.33 47.80 11.95
C ILE B 474 6.85 47.58 11.93
N ASN B 475 7.51 48.11 10.91
CA ASN B 475 8.97 48.02 10.75
C ASN B 475 9.59 49.19 11.51
N ASN B 476 9.96 48.97 12.78
CA ASN B 476 10.67 49.99 13.58
C ASN B 476 12.06 49.49 13.95
N ASP B 477 12.63 48.62 13.12
CA ASP B 477 14.04 48.17 13.23
C ASP B 477 14.30 47.56 14.62
N GLY B 478 13.46 46.64 15.06
CA GLY B 478 13.71 45.81 16.25
C GLY B 478 12.58 45.85 17.27
N TYR B 479 12.91 45.60 18.53
CA TYR B 479 11.91 45.28 19.58
C TYR B 479 11.62 46.55 20.37
N THR B 480 10.74 47.43 19.89
CA THR B 480 10.56 48.76 20.52
C THR B 480 9.99 48.60 21.93
N VAL B 481 9.01 47.71 22.14
CA VAL B 481 8.46 47.52 23.51
C VAL B 481 9.58 47.10 24.48
N GLU B 482 10.52 46.26 24.06
CA GLU B 482 11.66 45.84 24.93
C GLU B 482 12.57 47.04 25.17
N ARG B 483 12.85 47.86 24.15
CA ARG B 483 13.67 49.09 24.29
C ARG B 483 13.03 50.00 25.34
N GLU B 484 11.70 50.05 25.41
CA GLU B 484 10.96 50.95 26.32
C GLU B 484 11.02 50.42 27.76
N ILE B 485 11.31 49.14 27.93
CA ILE B 485 11.35 48.51 29.28
C ILE B 485 12.81 48.57 29.78
N HIS B 486 13.76 48.12 28.97
CA HIS B 486 15.18 47.99 29.39
C HIS B 486 16.10 47.89 28.18
N GLY B 487 17.18 48.67 28.21
CA GLY B 487 18.27 48.55 27.23
C GLY B 487 17.89 49.10 25.86
N PRO B 488 17.41 50.35 25.77
CA PRO B 488 16.95 50.91 24.50
C PRO B 488 18.03 50.92 23.40
N ASN B 489 19.30 50.92 23.79
CA ASN B 489 20.45 50.96 22.85
C ASN B 489 21.23 49.64 22.88
N GLN B 490 20.72 48.61 23.53
CA GLN B 490 21.42 47.30 23.63
C GLN B 490 21.18 46.51 22.32
N SER B 491 22.22 45.85 21.83
CA SER B 491 22.20 45.04 20.59
C SER B 491 21.16 43.90 20.66
N TYR B 492 20.75 43.43 21.84
CA TYR B 492 19.79 42.30 21.90
C TYR B 492 18.39 42.77 21.48
N ASN B 493 18.16 44.09 21.42
CA ASN B 493 16.86 44.66 20.98
C ASN B 493 16.86 44.88 19.47
N ASP B 494 17.99 44.65 18.79
CA ASP B 494 18.12 44.71 17.32
C ASP B 494 17.79 43.35 16.71
N ILE B 495 17.22 43.35 15.49
CA ILE B 495 16.93 42.09 14.74
C ILE B 495 17.46 42.28 13.32
N PRO B 496 17.70 41.18 12.58
CA PRO B 496 18.16 41.32 11.20
C PRO B 496 17.02 41.98 10.40
N MET B 497 17.31 43.06 9.66
CA MET B 497 16.20 43.74 8.93
C MET B 497 15.94 42.97 7.63
N TRP B 498 14.80 42.32 7.57
CA TRP B 498 14.37 41.73 6.28
C TRP B 498 13.85 42.87 5.37
N ASN B 499 13.60 42.54 4.11
CA ASN B 499 12.83 43.38 3.16
C ASN B 499 11.38 42.94 3.20
N TYR B 500 10.60 43.45 4.16
CA TYR B 500 9.30 42.87 4.56
C TYR B 500 8.35 42.91 3.35
N SER B 501 8.36 43.98 2.57
CA SER B 501 7.41 44.16 1.44
C SER B 501 7.71 43.16 0.33
N LYS B 502 8.92 42.58 0.30
CA LYS B 502 9.35 41.61 -0.75
C LYS B 502 8.99 40.16 -0.34
N LEU B 503 8.53 39.92 0.88
CA LEU B 503 8.31 38.52 1.33
C LEU B 503 7.27 37.82 0.47
N PRO B 504 6.08 38.39 0.17
CA PRO B 504 5.07 37.64 -0.62
C PRO B 504 5.64 37.01 -1.90
N GLU B 505 6.41 37.76 -2.67
CA GLU B 505 7.06 37.27 -3.91
C GLU B 505 7.96 36.06 -3.59
N SER B 506 8.79 36.16 -2.55
CA SER B 506 9.70 35.06 -2.10
C SER B 506 8.91 33.80 -1.76
N PHE B 507 7.69 33.97 -1.22
CA PHE B 507 6.84 32.85 -0.71
C PHE B 507 5.84 32.40 -1.76
N GLY B 508 5.96 32.94 -2.97
CA GLY B 508 5.34 32.41 -4.20
C GLY B 508 4.12 33.20 -4.63
N ALA B 509 3.86 34.39 -4.09
CA ALA B 509 2.62 35.13 -4.46
C ALA B 509 2.86 35.91 -5.77
N THR B 510 1.79 36.19 -6.49
CA THR B 510 1.77 37.21 -7.58
C THR B 510 0.99 38.43 -7.10
N GLU B 511 1.09 39.56 -7.80
CA GLU B 511 0.33 40.80 -7.47
C GLU B 511 -1.18 40.57 -7.72
N GLU B 512 -1.58 39.50 -8.42
CA GLU B 512 -3.01 39.12 -8.56
C GLU B 512 -3.56 38.58 -7.22
N ARG B 513 -2.69 38.19 -6.28
CA ARG B 513 -3.07 37.54 -5.01
C ARG B 513 -2.74 38.47 -3.84
N VAL B 514 -1.51 38.99 -3.81
CA VAL B 514 -0.98 39.82 -2.68
C VAL B 514 -0.43 41.13 -3.25
N VAL B 515 -0.93 42.24 -2.71
CA VAL B 515 -0.48 43.62 -3.06
C VAL B 515 0.47 44.10 -1.95
N SER B 516 1.71 44.35 -2.30
CA SER B 516 2.74 44.84 -1.33
C SER B 516 2.85 46.37 -1.40
N LYS B 517 3.02 47.00 -0.26
CA LYS B 517 3.18 48.47 -0.13
C LYS B 517 4.26 48.77 0.91
N ILE B 518 4.95 49.89 0.76
CA ILE B 518 5.80 50.51 1.82
C ILE B 518 5.25 51.91 2.08
N VAL B 519 5.07 52.25 3.35
CA VAL B 519 4.44 53.52 3.81
C VAL B 519 5.40 54.24 4.73
N ARG B 520 5.61 55.55 4.49
CA ARG B 520 6.54 56.39 5.27
C ARG B 520 5.78 57.55 5.90
N THR B 521 4.72 58.05 5.26
CA THR B 521 4.04 59.30 5.69
C THR B 521 2.58 59.03 6.09
N GLU B 522 1.99 59.98 6.81
CA GLU B 522 0.55 59.96 7.14
C GLU B 522 -0.27 59.90 5.85
N ASN B 523 0.05 60.74 4.87
CA ASN B 523 -0.71 60.76 3.58
C ASN B 523 -0.73 59.37 2.96
N GLU B 524 0.44 58.71 2.94
CA GLU B 524 0.58 57.37 2.33
C GLU B 524 -0.25 56.39 3.15
N PHE B 525 -0.21 56.50 4.47
CA PHE B 525 -0.90 55.52 5.33
C PHE B 525 -2.40 55.55 5.02
N VAL B 526 -2.97 56.76 4.96
CA VAL B 526 -4.42 56.95 4.75
C VAL B 526 -4.78 56.39 3.36
N SER B 527 -4.00 56.71 2.34
CA SER B 527 -4.22 56.25 0.95
C SER B 527 -4.18 54.71 0.89
N VAL B 528 -3.18 54.11 1.53
CA VAL B 528 -2.95 52.64 1.41
C VAL B 528 -4.05 51.90 2.21
N MET B 529 -4.41 52.38 3.39
CA MET B 529 -5.44 51.69 4.19
C MET B 529 -6.77 51.73 3.44
N LYS B 530 -7.14 52.88 2.87
CA LYS B 530 -8.39 53.01 2.06
C LYS B 530 -8.34 52.08 0.83
N GLU B 531 -7.23 52.06 0.11
CA GLU B 531 -7.01 51.22 -1.09
C GLU B 531 -7.24 49.74 -0.72
N ALA B 532 -6.61 49.27 0.37
CA ALA B 532 -6.73 47.88 0.86
C ALA B 532 -8.20 47.58 1.20
N GLN B 533 -8.86 48.46 1.94
CA GLN B 533 -10.25 48.22 2.39
C GLN B 533 -11.17 48.20 1.17
N ALA B 534 -10.84 48.94 0.11
CA ALA B 534 -11.68 49.04 -1.11
C ALA B 534 -11.48 47.83 -2.03
N ASP B 535 -10.48 46.97 -1.75
CA ASP B 535 -10.16 45.78 -2.58
C ASP B 535 -10.28 44.53 -1.72
N PRO B 536 -11.49 43.99 -1.52
CA PRO B 536 -11.68 42.81 -0.68
C PRO B 536 -11.20 41.51 -1.33
N ASN B 537 -10.69 41.55 -2.55
CA ASN B 537 -10.42 40.33 -3.36
C ASN B 537 -8.93 40.00 -3.40
N ARG B 538 -8.10 40.76 -2.68
CA ARG B 538 -6.65 40.43 -2.56
C ARG B 538 -6.20 40.64 -1.12
N MET B 539 -5.15 39.91 -0.75
CA MET B 539 -4.41 40.11 0.51
C MET B 539 -3.51 41.34 0.33
N TYR B 540 -3.43 42.17 1.39
CA TYR B 540 -2.54 43.34 1.43
C TYR B 540 -1.42 43.07 2.42
N TRP B 541 -0.22 43.40 1.99
CA TRP B 541 1.03 43.23 2.78
C TRP B 541 1.74 44.58 2.84
N ILE B 542 1.50 45.32 3.92
CA ILE B 542 1.82 46.74 4.04
C ILE B 542 2.93 46.92 5.09
N GLU B 543 4.11 47.29 4.63
CA GLU B 543 5.26 47.61 5.50
C GLU B 543 5.18 49.09 5.92
N LEU B 544 4.99 49.34 7.22
CA LEU B 544 4.92 50.67 7.81
C LEU B 544 6.31 50.97 8.36
N ILE B 545 6.88 52.12 8.02
CA ILE B 545 8.17 52.54 8.61
C ILE B 545 7.93 53.47 9.79
N LEU B 546 8.35 53.05 10.98
CA LEU B 546 8.25 53.82 12.24
C LEU B 546 9.64 53.89 12.85
N ALA B 547 9.93 54.93 13.61
CA ALA B 547 11.21 55.11 14.32
C ALA B 547 11.28 54.13 15.48
N LYS B 548 12.44 53.55 15.72
CA LYS B 548 12.63 52.59 16.83
C LYS B 548 12.35 53.28 18.19
N GLU B 549 12.58 54.58 18.29
CA GLU B 549 12.42 55.33 19.58
C GLU B 549 10.95 55.70 19.85
N ASP B 550 10.06 55.44 18.90
CA ASP B 550 8.66 55.93 18.93
C ASP B 550 7.76 54.87 19.56
N ALA B 551 7.08 55.20 20.65
CA ALA B 551 6.08 54.32 21.29
C ALA B 551 4.78 55.08 21.48
N PRO B 552 3.64 54.38 21.36
CA PRO B 552 2.35 55.00 21.65
C PRO B 552 2.33 55.52 23.10
N LYS B 553 1.63 56.62 23.34
CA LYS B 553 1.55 57.29 24.67
C LYS B 553 1.33 56.24 25.78
N VAL B 554 0.49 55.22 25.57
CA VAL B 554 0.12 54.20 26.60
C VAL B 554 1.38 53.38 26.95
N LEU B 555 2.17 53.01 25.94
CA LEU B 555 3.35 52.13 26.12
C LEU B 555 4.47 52.91 26.82
N LYS B 556 4.60 54.21 26.56
CA LYS B 556 5.57 55.08 27.27
C LYS B 556 5.40 54.83 28.79
N LYS B 557 4.16 54.89 29.31
CA LYS B 557 3.87 54.71 30.75
C LYS B 557 3.97 53.23 31.13
N MET B 558 3.40 52.34 30.33
CA MET B 558 3.40 50.89 30.60
C MET B 558 4.84 50.33 30.68
N GLY B 559 5.74 50.75 29.80
CA GLY B 559 7.14 50.25 29.79
C GLY B 559 7.79 50.46 31.15
N LYS B 560 7.60 51.64 31.77
CA LYS B 560 8.21 51.99 33.07
C LYS B 560 7.53 51.17 34.19
N LEU B 561 6.24 50.85 34.04
CA LEU B 561 5.50 50.02 35.03
C LEU B 561 5.98 48.55 34.94
N PHE B 562 6.24 48.04 33.74
CA PHE B 562 6.84 46.69 33.55
C PHE B 562 8.23 46.68 34.20
N ALA B 563 9.06 47.70 33.95
CA ALA B 563 10.43 47.76 34.50
C ALA B 563 10.35 47.76 36.03
N GLU B 564 9.42 48.52 36.62
CA GLU B 564 9.22 48.56 38.11
C GLU B 564 8.84 47.15 38.61
N GLN B 565 7.93 46.47 37.91
CA GLN B 565 7.49 45.09 38.28
C GLN B 565 8.71 44.15 38.24
N ASN B 566 9.71 44.46 37.40
CA ASN B 566 10.93 43.62 37.24
C ASN B 566 12.09 44.25 38.02
N LYS B 567 11.85 45.10 39.02
CA LYS B 567 12.95 45.77 39.74
C LYS B 567 13.69 44.71 40.57
N SER B 568 15.02 44.62 40.39
CA SER B 568 15.91 43.64 41.07
C SER B 568 16.19 44.06 42.51
N MET C 21 -25.07 6.13 -16.52
CA MET C 21 -26.10 5.36 -15.79
C MET C 21 -25.42 4.29 -14.94
N TYR C 22 -25.70 4.25 -13.64
CA TYR C 22 -25.24 3.20 -12.70
C TYR C 22 -25.99 1.89 -12.98
N THR C 23 -25.25 0.80 -13.16
CA THR C 23 -25.79 -0.50 -13.61
C THR C 23 -25.62 -1.59 -12.56
N VAL C 24 -26.28 -2.73 -12.79
CA VAL C 24 -26.08 -3.99 -12.03
C VAL C 24 -24.58 -4.35 -12.03
N GLY C 25 -23.90 -4.22 -13.17
CA GLY C 25 -22.45 -4.47 -13.23
C GLY C 25 -21.69 -3.55 -12.28
N ASP C 26 -22.04 -2.27 -12.21
CA ASP C 26 -21.40 -1.30 -11.31
C ASP C 26 -21.65 -1.72 -9.85
N TYR C 27 -22.85 -2.22 -9.54
CA TYR C 27 -23.22 -2.72 -8.20
C TYR C 27 -22.27 -3.86 -7.81
N LEU C 28 -22.08 -4.81 -8.72
CA LEU C 28 -21.17 -5.95 -8.51
C LEU C 28 -19.75 -5.42 -8.25
N LEU C 29 -19.28 -4.47 -9.05
CA LEU C 29 -17.90 -3.97 -8.92
C LEU C 29 -17.74 -3.18 -7.62
N ASP C 30 -18.77 -2.43 -7.21
CA ASP C 30 -18.72 -1.73 -5.89
C ASP C 30 -18.57 -2.78 -4.78
N ARG C 31 -19.29 -3.89 -4.83
CA ARG C 31 -19.22 -4.95 -3.80
C ARG C 31 -17.83 -5.60 -3.84
N LEU C 32 -17.26 -5.83 -5.02
CA LEU C 32 -15.88 -6.41 -5.07
C LEU C 32 -14.87 -5.42 -4.47
N HIS C 33 -15.00 -4.12 -4.77
CA HIS C 33 -14.18 -3.05 -4.15
C HIS C 33 -14.28 -3.16 -2.63
N GLU C 34 -15.48 -3.36 -2.10
CA GLU C 34 -15.73 -3.40 -0.64
C GLU C 34 -14.98 -4.60 -0.05
N LEU C 35 -14.83 -5.68 -0.83
CA LEU C 35 -14.12 -6.90 -0.41
C LEU C 35 -12.60 -6.68 -0.45
N GLY C 36 -12.11 -5.52 -0.91
CA GLY C 36 -10.66 -5.22 -0.95
C GLY C 36 -10.00 -5.59 -2.28
N ILE C 37 -10.81 -5.90 -3.30
CA ILE C 37 -10.26 -6.36 -4.61
C ILE C 37 -9.91 -5.13 -5.43
N GLU C 38 -8.68 -5.07 -5.95
CA GLU C 38 -8.17 -3.91 -6.73
C GLU C 38 -7.76 -4.37 -8.14
N GLU C 39 -7.77 -5.68 -8.40
CA GLU C 39 -7.41 -6.24 -9.71
C GLU C 39 -8.39 -7.36 -10.05
N ILE C 40 -8.86 -7.38 -11.30
CA ILE C 40 -9.73 -8.47 -11.80
C ILE C 40 -8.98 -9.18 -12.94
N PHE C 41 -8.84 -10.49 -12.79
CA PHE C 41 -8.17 -11.37 -13.76
C PHE C 41 -9.21 -11.92 -14.75
N GLY C 42 -8.73 -12.57 -15.80
CA GLY C 42 -9.61 -13.35 -16.68
C GLY C 42 -9.34 -13.12 -18.14
N VAL C 43 -10.30 -13.52 -18.98
CA VAL C 43 -10.14 -13.50 -20.45
C VAL C 43 -11.44 -12.99 -21.05
N PRO C 44 -11.38 -11.98 -21.96
CA PRO C 44 -12.58 -11.44 -22.57
C PRO C 44 -13.26 -12.45 -23.50
N GLY C 45 -14.54 -12.21 -23.74
CA GLY C 45 -15.28 -12.81 -24.86
C GLY C 45 -16.50 -11.97 -25.13
N ASP C 46 -17.15 -12.20 -26.27
CA ASP C 46 -18.23 -11.28 -26.70
C ASP C 46 -19.29 -11.17 -25.58
N TYR C 47 -19.57 -12.24 -24.85
CA TYR C 47 -20.63 -12.27 -23.81
C TYR C 47 -20.23 -11.44 -22.56
N ASN C 48 -19.00 -10.89 -22.47
CA ASN C 48 -18.59 -10.09 -21.28
C ASN C 48 -17.96 -8.73 -21.63
N LEU C 49 -17.82 -8.36 -22.89
CA LEU C 49 -17.07 -7.13 -23.26
C LEU C 49 -17.76 -5.88 -22.68
N GLN C 50 -19.07 -5.78 -22.78
CA GLN C 50 -19.82 -4.57 -22.33
C GLN C 50 -19.62 -4.37 -20.83
N PHE C 51 -19.79 -5.43 -20.03
CA PHE C 51 -19.42 -5.44 -18.59
C PHE C 51 -17.96 -4.99 -18.39
N LEU C 52 -17.04 -5.54 -19.20
CA LEU C 52 -15.58 -5.25 -19.04
C LEU C 52 -15.33 -3.74 -19.17
N ASP C 53 -16.10 -3.05 -20.02
CA ASP C 53 -15.97 -1.57 -20.12
C ASP C 53 -16.05 -0.92 -18.74
N HIS C 54 -16.89 -1.48 -17.86
CA HIS C 54 -17.16 -0.93 -16.51
C HIS C 54 -15.94 -1.14 -15.60
N ILE C 55 -15.18 -2.21 -15.81
CA ILE C 55 -13.91 -2.44 -15.07
C ILE C 55 -12.88 -1.41 -15.55
N ILE C 56 -12.75 -1.25 -16.87
CA ILE C 56 -11.78 -0.29 -17.48
C ILE C 56 -12.02 1.11 -16.90
N SER C 57 -13.28 1.54 -16.85
CA SER C 57 -13.73 2.88 -16.44
C SER C 57 -13.38 3.20 -14.99
N ARG C 58 -13.42 2.20 -14.12
CA ARG C 58 -13.23 2.41 -12.66
C ARG C 58 -11.79 2.86 -12.41
N LYS C 59 -11.59 3.88 -11.58
CA LYS C 59 -10.23 4.33 -11.18
C LYS C 59 -9.62 3.35 -10.17
N ASP C 60 -10.46 2.67 -9.37
CA ASP C 60 -10.08 1.94 -8.15
C ASP C 60 -9.82 0.46 -8.45
N MET C 61 -9.95 0.04 -9.70
CA MET C 61 -9.85 -1.40 -10.08
C MET C 61 -9.19 -1.54 -11.44
N LYS C 62 -8.29 -2.50 -11.56
CA LYS C 62 -7.51 -2.71 -12.81
C LYS C 62 -7.91 -4.05 -13.40
N TRP C 63 -8.19 -4.06 -14.69
CA TRP C 63 -8.28 -5.29 -15.49
C TRP C 63 -6.87 -5.81 -15.74
N VAL C 64 -6.62 -7.05 -15.37
CA VAL C 64 -5.32 -7.72 -15.64
C VAL C 64 -5.62 -8.98 -16.46
N GLY C 65 -5.68 -8.83 -17.78
CA GLY C 65 -6.04 -9.90 -18.72
C GLY C 65 -5.00 -10.99 -18.75
N ASN C 66 -5.45 -12.25 -18.65
CA ASN C 66 -4.59 -13.45 -18.71
C ASN C 66 -4.50 -13.94 -20.15
N ALA C 67 -3.53 -14.83 -20.40
CA ALA C 67 -3.43 -15.56 -21.68
C ALA C 67 -4.57 -16.58 -21.75
N ASN C 68 -4.79 -17.37 -20.69
CA ASN C 68 -5.87 -18.39 -20.68
C ASN C 68 -6.60 -18.42 -19.33
N GLU C 69 -7.78 -19.04 -19.30
CA GLU C 69 -8.71 -18.95 -18.14
C GLU C 69 -8.24 -19.85 -17.00
N LEU C 70 -7.65 -21.01 -17.28
CA LEU C 70 -7.10 -21.86 -16.20
C LEU C 70 -6.08 -21.01 -15.43
N ASN C 71 -5.20 -20.32 -16.16
CA ASN C 71 -4.17 -19.45 -15.54
C ASN C 71 -4.85 -18.33 -14.75
N ALA C 72 -5.91 -17.72 -15.29
CA ALA C 72 -6.64 -16.65 -14.57
C ALA C 72 -7.14 -17.19 -13.22
N SER C 73 -7.70 -18.39 -13.20
CA SER C 73 -8.30 -18.97 -11.96
C SER C 73 -7.18 -19.24 -10.94
N TYR C 74 -6.04 -19.75 -11.39
CA TYR C 74 -4.84 -19.97 -10.55
C TYR C 74 -4.36 -18.61 -10.02
N MET C 75 -4.32 -17.60 -10.88
CA MET C 75 -3.81 -16.26 -10.49
C MET C 75 -4.76 -15.62 -9.47
N ALA C 76 -6.07 -15.78 -9.62
CA ALA C 76 -7.05 -15.23 -8.66
C ALA C 76 -6.87 -15.92 -7.30
N ASP C 77 -6.61 -17.22 -7.32
CA ASP C 77 -6.37 -18.00 -6.08
C ASP C 77 -5.16 -17.45 -5.34
N GLY C 78 -4.04 -17.30 -6.04
CA GLY C 78 -2.82 -16.71 -5.47
C GLY C 78 -3.09 -15.33 -4.88
N TYR C 79 -3.82 -14.50 -5.61
CA TYR C 79 -4.22 -13.15 -5.18
C TYR C 79 -5.04 -13.22 -3.89
N ALA C 80 -5.98 -14.16 -3.81
CA ALA C 80 -6.85 -14.35 -2.63
C ALA C 80 -6.00 -14.77 -1.43
N ARG C 81 -4.96 -15.57 -1.63
CA ARG C 81 -4.16 -16.05 -0.49
C ARG C 81 -3.51 -14.87 0.22
N THR C 82 -3.20 -13.81 -0.52
CA THR C 82 -2.46 -12.63 0.00
C THR C 82 -3.45 -11.49 0.27
N LYS C 83 -4.36 -11.21 -0.66
CA LYS C 83 -5.29 -10.07 -0.54
C LYS C 83 -6.48 -10.42 0.37
N LYS C 84 -6.83 -11.72 0.46
CA LYS C 84 -7.94 -12.27 1.29
C LYS C 84 -9.30 -12.05 0.60
N ALA C 85 -9.30 -11.71 -0.69
CA ALA C 85 -10.45 -11.84 -1.63
C ALA C 85 -9.89 -11.74 -3.04
N ALA C 86 -10.58 -12.30 -4.04
CA ALA C 86 -10.16 -12.18 -5.44
C ALA C 86 -11.37 -12.38 -6.35
N ALA C 87 -11.22 -11.98 -7.61
CA ALA C 87 -12.26 -12.16 -8.63
C ALA C 87 -11.60 -12.36 -9.98
N PHE C 88 -12.22 -13.18 -10.83
CA PHE C 88 -11.82 -13.24 -12.24
C PHE C 88 -13.08 -13.37 -13.08
N LEU C 89 -12.95 -12.99 -14.33
CA LEU C 89 -14.05 -12.94 -15.32
C LEU C 89 -13.74 -13.92 -16.46
N THR C 90 -14.72 -14.75 -16.80
CA THR C 90 -14.66 -15.63 -18.00
C THR C 90 -15.89 -15.40 -18.87
N THR C 91 -15.85 -15.96 -20.06
CA THR C 91 -17.01 -16.07 -20.94
C THR C 91 -17.71 -17.43 -20.73
N PHE C 92 -19.01 -17.42 -20.96
CA PHE C 92 -19.92 -18.59 -20.89
C PHE C 92 -19.31 -19.80 -21.60
N GLY C 93 -19.39 -20.96 -20.96
CA GLY C 93 -19.03 -22.28 -21.55
C GLY C 93 -17.53 -22.43 -21.65
N VAL C 94 -16.91 -21.87 -22.69
CA VAL C 94 -15.48 -22.10 -23.02
C VAL C 94 -14.57 -21.46 -21.97
N GLY C 95 -14.93 -20.27 -21.46
CA GLY C 95 -14.09 -19.64 -20.42
C GLY C 95 -14.24 -20.36 -19.09
N GLU C 96 -15.46 -20.45 -18.59
CA GLU C 96 -15.74 -21.02 -17.25
C GLU C 96 -15.25 -22.48 -17.17
N LEU C 97 -15.48 -23.30 -18.20
CA LEU C 97 -15.05 -24.71 -18.11
C LEU C 97 -13.52 -24.81 -18.17
N SER C 98 -12.82 -23.90 -18.85
CA SER C 98 -11.35 -23.85 -18.85
C SER C 98 -10.82 -23.55 -17.45
N ALA C 99 -11.57 -22.79 -16.64
CA ALA C 99 -11.17 -22.33 -15.29
C ALA C 99 -11.58 -23.29 -14.16
N VAL C 100 -12.38 -24.34 -14.43
CA VAL C 100 -13.05 -25.08 -13.32
C VAL C 100 -12.02 -25.82 -12.44
N ASN C 101 -10.88 -26.26 -13.00
CA ASN C 101 -9.82 -26.90 -12.19
C ASN C 101 -9.26 -25.90 -11.18
N GLY C 102 -9.07 -24.65 -11.58
CA GLY C 102 -8.59 -23.64 -10.62
C GLY C 102 -9.62 -23.35 -9.55
N LEU C 103 -10.88 -23.18 -9.94
CA LEU C 103 -11.95 -22.97 -8.93
C LEU C 103 -12.04 -24.16 -7.97
N ALA C 104 -11.90 -25.39 -8.46
CA ALA C 104 -11.89 -26.62 -7.64
C ALA C 104 -10.77 -26.55 -6.59
N GLY C 105 -9.59 -26.09 -7.00
CA GLY C 105 -8.44 -25.87 -6.08
C GLY C 105 -8.79 -24.84 -5.03
N SER C 106 -9.46 -23.76 -5.42
CA SER C 106 -9.88 -22.68 -4.51
C SER C 106 -10.91 -23.26 -3.54
N TYR C 107 -11.72 -24.20 -3.99
CA TYR C 107 -12.72 -24.85 -3.10
C TYR C 107 -12.04 -25.78 -2.10
N ALA C 108 -11.20 -26.69 -2.61
CA ALA C 108 -10.41 -27.64 -1.80
C ALA C 108 -9.64 -26.90 -0.68
N GLU C 109 -8.93 -25.83 -1.00
CA GLU C 109 -8.00 -25.19 -0.04
C GLU C 109 -8.63 -23.90 0.48
N ASN C 110 -9.92 -23.68 0.17
CA ASN C 110 -10.78 -22.71 0.91
C ASN C 110 -10.30 -21.27 0.67
N LEU C 111 -10.20 -20.85 -0.58
CA LEU C 111 -9.83 -19.45 -0.93
C LEU C 111 -11.06 -18.69 -1.43
N PRO C 112 -11.23 -17.44 -0.96
CA PRO C 112 -12.37 -16.59 -1.32
C PRO C 112 -12.25 -15.94 -2.70
N VAL C 113 -12.55 -16.73 -3.72
CA VAL C 113 -12.46 -16.33 -5.14
C VAL C 113 -13.85 -16.24 -5.75
N VAL C 114 -14.14 -15.11 -6.40
CA VAL C 114 -15.42 -14.92 -7.13
C VAL C 114 -15.12 -15.19 -8.60
N GLU C 115 -15.83 -16.12 -9.22
CA GLU C 115 -15.84 -16.21 -10.69
C GLU C 115 -17.09 -15.51 -11.22
N ILE C 116 -16.88 -14.52 -12.09
CA ILE C 116 -17.96 -13.88 -12.87
C ILE C 116 -17.95 -14.50 -14.27
N VAL C 117 -19.10 -14.99 -14.71
CA VAL C 117 -19.24 -15.60 -16.07
C VAL C 117 -20.19 -14.73 -16.87
N GLY C 118 -19.69 -14.04 -17.89
CA GLY C 118 -20.55 -13.29 -18.83
C GLY C 118 -21.30 -14.27 -19.70
N SER C 119 -22.61 -14.14 -19.80
CA SER C 119 -23.46 -15.10 -20.55
C SER C 119 -24.32 -14.33 -21.54
N PRO C 120 -24.90 -15.03 -22.55
CA PRO C 120 -25.73 -14.39 -23.56
C PRO C 120 -26.92 -13.65 -22.93
N THR C 121 -27.52 -12.75 -23.70
CA THR C 121 -28.73 -12.00 -23.26
C THR C 121 -29.79 -13.02 -22.82
N SER C 122 -30.64 -12.63 -21.85
CA SER C 122 -31.75 -13.49 -21.40
C SER C 122 -32.63 -13.86 -22.60
N LYS C 123 -32.79 -12.97 -23.58
CA LYS C 123 -33.59 -13.24 -24.82
C LYS C 123 -33.02 -14.49 -25.52
N VAL C 124 -31.70 -14.51 -25.75
CA VAL C 124 -31.04 -15.64 -26.44
C VAL C 124 -31.23 -16.92 -25.59
N GLN C 125 -31.02 -16.83 -24.28
CA GLN C 125 -31.11 -17.98 -23.36
C GLN C 125 -32.55 -18.51 -23.39
N ASN C 126 -33.53 -17.61 -23.25
CA ASN C 126 -34.97 -18.00 -23.18
C ASN C 126 -35.41 -18.67 -24.48
N GLU C 127 -34.90 -18.21 -25.62
CA GLU C 127 -35.27 -18.71 -26.98
C GLU C 127 -34.54 -20.01 -27.30
N GLY C 128 -33.57 -20.42 -26.47
CA GLY C 128 -32.84 -21.67 -26.67
C GLY C 128 -32.01 -21.68 -27.96
N LYS C 129 -31.43 -20.53 -28.33
CA LYS C 129 -30.74 -20.35 -29.64
C LYS C 129 -29.47 -21.22 -29.64
N PHE C 130 -29.12 -21.82 -30.78
CA PHE C 130 -27.90 -22.66 -30.92
C PHE C 130 -26.70 -21.74 -31.14
N VAL C 131 -26.26 -21.06 -30.08
CA VAL C 131 -25.19 -20.03 -30.19
C VAL C 131 -23.84 -20.62 -29.76
N HIS C 132 -22.75 -19.91 -30.12
CA HIS C 132 -21.35 -20.30 -29.82
C HIS C 132 -21.22 -20.50 -28.31
N HIS C 133 -20.41 -21.48 -27.92
CA HIS C 133 -20.09 -21.87 -26.51
C HIS C 133 -21.30 -22.56 -25.87
N THR C 134 -22.17 -23.22 -26.66
CA THR C 134 -23.21 -24.10 -26.13
C THR C 134 -23.07 -25.47 -26.78
N LEU C 135 -23.89 -26.41 -26.33
CA LEU C 135 -23.96 -27.76 -26.94
C LEU C 135 -25.03 -27.80 -28.04
N ALA C 136 -25.53 -26.65 -28.50
CA ALA C 136 -26.58 -26.56 -29.55
C ALA C 136 -27.77 -27.46 -29.15
N ASP C 137 -28.14 -27.39 -27.87
CA ASP C 137 -29.37 -28.06 -27.35
C ASP C 137 -30.29 -27.04 -26.70
N GLY C 138 -29.98 -25.75 -26.82
CA GLY C 138 -30.76 -24.63 -26.26
C GLY C 138 -30.73 -24.54 -24.75
N ASP C 139 -29.84 -25.27 -24.08
CA ASP C 139 -29.80 -25.33 -22.59
C ASP C 139 -28.59 -24.51 -22.13
N PHE C 140 -28.84 -23.44 -21.37
CA PHE C 140 -27.81 -22.50 -20.88
C PHE C 140 -27.48 -22.75 -19.41
N LYS C 141 -27.86 -23.91 -18.85
CA LYS C 141 -27.80 -24.16 -17.38
C LYS C 141 -26.83 -25.29 -17.04
N HIS C 142 -26.30 -26.02 -18.03
CA HIS C 142 -25.39 -27.18 -17.79
C HIS C 142 -24.18 -26.72 -16.97
N PHE C 143 -23.56 -25.60 -17.35
CA PHE C 143 -22.19 -25.26 -16.87
C PHE C 143 -22.29 -24.75 -15.43
N MET C 144 -23.36 -24.03 -15.10
CA MET C 144 -23.57 -23.60 -13.70
C MET C 144 -23.81 -24.84 -12.84
N LYS C 145 -24.54 -25.83 -13.34
CA LYS C 145 -24.80 -27.09 -12.57
C LYS C 145 -23.47 -27.83 -12.33
N MET C 146 -22.58 -27.84 -13.32
CA MET C 146 -21.28 -28.54 -13.19
C MET C 146 -20.43 -27.86 -12.11
N HIS C 147 -20.73 -26.61 -11.72
CA HIS C 147 -19.98 -25.90 -10.66
C HIS C 147 -20.50 -26.21 -9.25
N GLU C 148 -21.63 -26.90 -9.13
CA GLU C 148 -22.28 -27.14 -7.81
C GLU C 148 -21.29 -27.69 -6.79
N PRO C 149 -20.50 -28.75 -7.09
CA PRO C 149 -19.61 -29.34 -6.08
C PRO C 149 -18.36 -28.53 -5.74
N VAL C 150 -18.03 -27.47 -6.49
CA VAL C 150 -16.77 -26.69 -6.28
C VAL C 150 -17.11 -25.21 -5.98
N THR C 151 -18.32 -24.90 -5.55
CA THR C 151 -18.70 -23.52 -5.14
C THR C 151 -19.56 -23.57 -3.88
N ALA C 152 -19.34 -22.64 -2.96
CA ALA C 152 -20.17 -22.48 -1.74
C ALA C 152 -21.55 -21.92 -2.11
N ALA C 153 -21.62 -21.14 -3.19
CA ALA C 153 -22.87 -20.45 -3.62
C ALA C 153 -22.75 -20.12 -5.10
N ARG C 154 -23.87 -20.08 -5.79
CA ARG C 154 -23.89 -19.77 -7.24
CA ARG C 154 -23.87 -19.76 -7.24
C ARG C 154 -25.20 -19.08 -7.58
N THR C 155 -25.20 -18.26 -8.62
CA THR C 155 -26.42 -17.54 -9.03
C THR C 155 -26.36 -17.28 -10.53
N LEU C 156 -27.53 -17.37 -11.17
CA LEU C 156 -27.83 -16.74 -12.47
C LEU C 156 -28.61 -15.45 -12.19
N LEU C 157 -28.01 -14.29 -12.46
CA LEU C 157 -28.66 -12.98 -12.20
C LEU C 157 -29.77 -12.75 -13.24
N THR C 158 -30.87 -12.15 -12.79
CA THR C 158 -32.01 -11.75 -13.62
C THR C 158 -32.35 -10.29 -13.29
N ALA C 159 -33.15 -9.66 -14.14
CA ALA C 159 -33.71 -8.31 -13.93
C ALA C 159 -34.35 -8.27 -12.54
N GLU C 160 -35.01 -9.35 -12.13
CA GLU C 160 -35.85 -9.41 -10.90
C GLU C 160 -34.94 -9.53 -9.67
N ASN C 161 -33.80 -10.25 -9.75
CA ASN C 161 -33.05 -10.69 -8.54
C ASN C 161 -31.67 -10.02 -8.40
N ALA C 162 -31.17 -9.22 -9.34
CA ALA C 162 -29.70 -9.11 -9.55
C ALA C 162 -29.00 -8.64 -8.28
N THR C 163 -29.40 -7.48 -7.71
CA THR C 163 -28.56 -6.86 -6.64
C THR C 163 -28.68 -7.75 -5.38
N VAL C 164 -29.86 -8.32 -5.13
CA VAL C 164 -30.06 -9.18 -3.94
C VAL C 164 -29.22 -10.47 -4.08
N GLU C 165 -29.21 -11.08 -5.26
CA GLU C 165 -28.43 -12.33 -5.52
C GLU C 165 -26.93 -12.08 -5.47
N ILE C 166 -26.46 -10.95 -5.98
CA ILE C 166 -25.03 -10.53 -5.79
C ILE C 166 -24.71 -10.54 -4.30
N ASP C 167 -25.55 -9.90 -3.50
CA ASP C 167 -25.29 -9.77 -2.05
C ASP C 167 -25.36 -11.15 -1.40
N ARG C 168 -26.29 -12.01 -1.80
CA ARG C 168 -26.41 -13.36 -1.17
C ARG C 168 -25.08 -14.13 -1.41
N VAL C 169 -24.59 -14.21 -2.63
CA VAL C 169 -23.44 -15.11 -2.91
C VAL C 169 -22.16 -14.49 -2.33
N LEU C 170 -21.99 -13.17 -2.37
CA LEU C 170 -20.80 -12.51 -1.76
C LEU C 170 -20.85 -12.61 -0.23
N SER C 171 -22.06 -12.60 0.39
CA SER C 171 -22.20 -12.91 1.84
C SER C 171 -21.73 -14.35 2.14
N ALA C 172 -21.99 -15.29 1.24
CA ALA C 172 -21.55 -16.70 1.38
C ALA C 172 -20.02 -16.75 1.27
N LEU C 173 -19.46 -15.94 0.38
CA LEU C 173 -17.97 -15.83 0.28
C LEU C 173 -17.43 -15.32 1.62
N LEU C 174 -18.07 -14.30 2.21
CA LEU C 174 -17.61 -13.73 3.51
C LEU C 174 -17.72 -14.76 4.64
N LYS C 175 -18.83 -15.52 4.68
CA LYS C 175 -19.13 -16.50 5.75
C LYS C 175 -18.18 -17.70 5.67
N GLU C 176 -17.87 -18.19 4.47
CA GLU C 176 -17.18 -19.50 4.29
C GLU C 176 -15.74 -19.31 3.79
N ARG C 177 -15.45 -18.18 3.16
CA ARG C 177 -14.18 -17.86 2.43
C ARG C 177 -13.89 -18.95 1.40
N LYS C 178 -14.95 -19.56 0.85
CA LYS C 178 -14.87 -20.50 -0.29
C LYS C 178 -15.30 -19.77 -1.54
N PRO C 179 -14.95 -20.32 -2.72
CA PRO C 179 -15.33 -19.69 -3.98
C PRO C 179 -16.83 -19.67 -4.24
N VAL C 180 -17.24 -18.67 -4.98
CA VAL C 180 -18.64 -18.47 -5.42
C VAL C 180 -18.62 -18.09 -6.90
N TYR C 181 -19.80 -18.11 -7.50
CA TYR C 181 -19.98 -18.12 -8.96
C TYR C 181 -21.16 -17.22 -9.27
N ILE C 182 -20.94 -16.24 -10.13
CA ILE C 182 -22.02 -15.31 -10.60
C ILE C 182 -22.09 -15.37 -12.12
N ASN C 183 -23.21 -15.86 -12.65
CA ASN C 183 -23.54 -15.83 -14.09
C ASN C 183 -24.30 -14.54 -14.37
N LEU C 184 -23.70 -13.71 -15.21
CA LEU C 184 -24.10 -12.32 -15.48
C LEU C 184 -24.50 -12.18 -16.94
N PRO C 185 -25.79 -12.35 -17.31
CA PRO C 185 -26.20 -12.14 -18.69
C PRO C 185 -25.95 -10.70 -19.13
N VAL C 186 -25.62 -10.51 -20.42
CA VAL C 186 -25.27 -9.20 -21.01
C VAL C 186 -26.33 -8.14 -20.63
N ASP C 187 -27.61 -8.44 -20.84
CA ASP C 187 -28.69 -7.43 -20.65
C ASP C 187 -28.85 -7.17 -19.16
N VAL C 188 -28.60 -8.18 -18.33
CA VAL C 188 -28.76 -8.01 -16.84
C VAL C 188 -27.65 -7.08 -16.32
N ALA C 189 -26.41 -7.25 -16.78
CA ALA C 189 -25.28 -6.38 -16.38
C ALA C 189 -25.58 -4.91 -16.69
N ALA C 190 -26.21 -4.64 -17.84
CA ALA C 190 -26.44 -3.30 -18.41
C ALA C 190 -27.66 -2.63 -17.74
N ALA C 191 -28.47 -3.37 -16.98
CA ALA C 191 -29.74 -2.85 -16.41
C ALA C 191 -29.42 -1.83 -15.31
N LYS C 192 -30.32 -0.87 -15.08
CA LYS C 192 -30.16 0.16 -14.02
C LYS C 192 -30.14 -0.51 -12.64
N ALA C 193 -29.31 -0.01 -11.73
CA ALA C 193 -29.35 -0.34 -10.29
C ALA C 193 -29.14 0.95 -9.49
N GLU C 194 -29.32 0.87 -8.16
CA GLU C 194 -28.87 1.95 -7.25
C GLU C 194 -27.73 1.42 -6.40
N LYS C 195 -26.74 2.28 -6.13
CA LYS C 195 -25.56 1.97 -5.28
C LYS C 195 -26.03 1.36 -3.97
N PRO C 196 -25.28 0.40 -3.40
CA PRO C 196 -25.68 -0.22 -2.14
C PRO C 196 -25.65 0.80 -0.99
N SER C 197 -26.64 0.72 -0.09
CA SER C 197 -26.85 1.66 1.06
C SER C 197 -26.44 0.98 2.38
N LEU C 198 -26.19 -0.33 2.35
CA LEU C 198 -25.76 -1.14 3.52
C LEU C 198 -24.54 -1.96 3.12
N PRO C 199 -23.58 -2.18 4.06
CA PRO C 199 -22.42 -3.02 3.77
C PRO C 199 -22.84 -4.50 3.70
N LEU C 200 -22.06 -5.35 3.03
CA LEU C 200 -22.19 -6.83 3.14
C LEU C 200 -21.95 -7.25 4.59
N LYS C 201 -22.52 -8.39 5.04
CA LYS C 201 -22.48 -8.86 6.46
C LYS C 201 -21.88 -7.77 7.35
N SER C 207 -25.23 -19.30 19.95
CA SER C 207 -23.86 -19.55 19.40
C SER C 207 -22.81 -18.82 20.25
N ASN C 208 -22.94 -17.51 20.42
CA ASN C 208 -22.08 -16.67 21.32
C ASN C 208 -21.91 -17.35 22.68
N THR C 209 -22.98 -17.92 23.25
CA THR C 209 -22.94 -18.72 24.51
C THR C 209 -22.16 -20.02 24.25
N SER C 210 -22.29 -20.60 23.06
CA SER C 210 -21.54 -21.79 22.56
C SER C 210 -20.06 -21.43 22.35
N ASP C 211 -19.81 -20.30 21.69
CA ASP C 211 -18.46 -19.71 21.53
C ASP C 211 -17.82 -19.62 22.92
N GLN C 212 -18.52 -19.07 23.91
CA GLN C 212 -17.97 -18.84 25.27
C GLN C 212 -17.69 -20.19 25.95
N GLU C 213 -18.58 -21.19 25.84
CA GLU C 213 -18.36 -22.55 26.41
C GLU C 213 -17.06 -23.13 25.82
N ILE C 214 -16.89 -23.00 24.51
CA ILE C 214 -15.69 -23.52 23.80
C ILE C 214 -14.46 -22.80 24.32
N LEU C 215 -14.50 -21.47 24.41
CA LEU C 215 -13.35 -20.64 24.87
C LEU C 215 -12.99 -21.03 26.31
N ASN C 216 -14.00 -21.19 27.17
CA ASN C 216 -13.79 -21.62 28.59
C ASN C 216 -13.06 -22.97 28.61
N LYS C 217 -13.44 -23.94 27.77
CA LYS C 217 -12.84 -25.29 27.75
C LYS C 217 -11.39 -25.23 27.22
N ILE C 218 -11.15 -24.42 26.19
CA ILE C 218 -9.77 -24.19 25.68
C ILE C 218 -8.89 -23.60 26.78
N GLN C 219 -9.34 -22.51 27.41
CA GLN C 219 -8.61 -21.83 28.53
C GLN C 219 -8.25 -22.84 29.62
N GLU C 220 -9.21 -23.69 30.01
CA GLU C 220 -9.05 -24.71 31.10
C GLU C 220 -8.02 -25.77 30.67
N SER C 221 -8.08 -26.27 29.44
CA SER C 221 -7.10 -27.27 28.92
C SER C 221 -5.70 -26.65 28.85
N LEU C 222 -5.60 -25.39 28.43
CA LEU C 222 -4.29 -24.69 28.29
C LEU C 222 -3.72 -24.41 29.69
N LYS C 223 -4.58 -23.98 30.62
CA LYS C 223 -4.23 -23.79 32.05
C LYS C 223 -3.59 -25.08 32.60
N ASN C 224 -4.18 -26.23 32.29
CA ASN C 224 -3.88 -27.52 32.99
C ASN C 224 -2.78 -28.28 32.25
N ALA C 225 -2.50 -27.92 30.99
CA ALA C 225 -1.51 -28.65 30.17
C ALA C 225 -0.08 -28.36 30.68
N LYS C 226 0.74 -29.41 30.76
CA LYS C 226 2.19 -29.30 31.04
C LYS C 226 2.94 -29.05 29.72
N LYS C 227 2.40 -29.53 28.60
CA LYS C 227 3.13 -29.64 27.30
C LYS C 227 2.11 -29.54 26.18
N PRO C 228 1.44 -28.38 26.05
CA PRO C 228 0.44 -28.20 25.01
C PRO C 228 1.15 -28.00 23.66
N ILE C 229 0.49 -28.36 22.57
CA ILE C 229 0.92 -28.03 21.18
C ILE C 229 -0.26 -27.35 20.49
N VAL C 230 -0.01 -26.18 19.90
CA VAL C 230 -0.99 -25.54 18.99
C VAL C 230 -0.59 -25.91 17.56
N ILE C 231 -1.57 -26.33 16.76
CA ILE C 231 -1.38 -26.62 15.32
C ILE C 231 -2.34 -25.74 14.53
N THR C 232 -1.83 -24.91 13.61
CA THR C 232 -2.68 -24.05 12.77
C THR C 232 -2.57 -24.50 11.32
N GLY C 233 -3.62 -24.26 10.53
CA GLY C 233 -3.64 -24.74 9.15
C GLY C 233 -4.23 -23.72 8.21
N HIS C 234 -4.64 -24.20 7.04
CA HIS C 234 -4.96 -23.37 5.86
C HIS C 234 -6.17 -22.47 6.13
N GLU C 235 -7.10 -22.88 6.99
CA GLU C 235 -8.34 -22.07 7.18
C GLU C 235 -8.00 -20.75 7.88
N ILE C 236 -6.92 -20.71 8.65
CA ILE C 236 -6.40 -19.45 9.23
C ILE C 236 -6.05 -18.47 8.10
N ILE C 237 -5.39 -18.99 7.08
CA ILE C 237 -4.93 -18.17 5.93
C ILE C 237 -6.18 -17.70 5.19
N SER C 238 -7.17 -18.57 5.01
CA SER C 238 -8.45 -18.30 4.31
C SER C 238 -9.12 -17.03 4.86
N PHE C 239 -9.12 -16.88 6.19
CA PHE C 239 -9.79 -15.75 6.90
C PHE C 239 -8.83 -14.61 7.20
N GLY C 240 -7.56 -14.68 6.79
CA GLY C 240 -6.60 -13.59 7.08
C GLY C 240 -6.33 -13.51 8.59
N LEU C 241 -6.28 -14.64 9.29
CA LEU C 241 -6.11 -14.68 10.76
C LEU C 241 -4.66 -14.90 11.16
N GLU C 242 -3.70 -14.84 10.23
CA GLU C 242 -2.29 -15.17 10.57
C GLU C 242 -1.80 -14.21 11.67
N LYS C 243 -2.08 -12.91 11.55
CA LYS C 243 -1.55 -11.90 12.50
C LYS C 243 -2.18 -12.15 13.88
N THR C 244 -3.43 -12.60 13.90
CA THR C 244 -4.19 -12.90 15.15
C THR C 244 -3.55 -14.11 15.85
N VAL C 245 -3.34 -15.20 15.11
CA VAL C 245 -2.61 -16.40 15.61
C VAL C 245 -1.23 -16.00 16.14
N SER C 246 -0.47 -15.18 15.39
CA SER C 246 0.89 -14.75 15.78
C SER C 246 0.81 -13.96 17.11
N GLN C 247 -0.16 -13.07 17.25
CA GLN C 247 -0.30 -12.25 18.49
C GLN C 247 -0.62 -13.19 19.66
N PHE C 248 -1.51 -14.17 19.44
CA PHE C 248 -1.89 -15.21 20.42
C PHE C 248 -0.65 -16.00 20.91
N ILE C 249 0.13 -16.53 19.97
CA ILE C 249 1.34 -17.34 20.31
C ILE C 249 2.40 -16.45 20.95
N SER C 250 2.58 -15.20 20.48
CA SER C 250 3.64 -14.31 21.02
C SER C 250 3.33 -14.02 22.50
N LYS C 251 2.07 -13.73 22.80
CA LYS C 251 1.59 -13.40 24.19
C LYS C 251 1.73 -14.61 25.12
N THR C 252 1.32 -15.81 24.68
CA THR C 252 1.18 -17.02 25.51
C THR C 252 2.49 -17.81 25.58
N LYS C 253 3.37 -17.65 24.60
CA LYS C 253 4.61 -18.47 24.42
C LYS C 253 4.27 -19.94 24.13
N LEU C 254 3.07 -20.24 23.67
CA LEU C 254 2.64 -21.66 23.42
C LEU C 254 3.47 -22.24 22.29
N PRO C 255 3.93 -23.50 22.44
CA PRO C 255 4.53 -24.25 21.35
C PRO C 255 3.54 -24.30 20.18
N ILE C 256 4.04 -24.05 18.99
CA ILE C 256 3.19 -24.13 17.77
C ILE C 256 3.94 -24.83 16.66
N THR C 257 3.19 -25.60 15.89
CA THR C 257 3.64 -26.22 14.63
C THR C 257 2.55 -25.93 13.60
N THR C 258 2.85 -26.07 12.33
CA THR C 258 1.81 -26.11 11.28
C THR C 258 2.07 -27.34 10.43
N LEU C 259 1.07 -27.78 9.69
CA LEU C 259 1.32 -28.73 8.58
C LEU C 259 1.90 -27.94 7.42
N ASN C 260 2.32 -28.65 6.36
CA ASN C 260 2.73 -28.01 5.10
C ASN C 260 1.48 -27.52 4.37
N PHE C 261 0.31 -27.97 4.81
CA PHE C 261 -1.03 -27.47 4.37
C PHE C 261 -1.43 -26.38 5.36
N GLY C 262 -1.22 -25.11 4.99
CA GLY C 262 -1.38 -23.95 5.89
C GLY C 262 -0.07 -23.46 6.49
N LYS C 263 1.05 -23.80 5.84
CA LYS C 263 2.36 -23.22 6.17
C LYS C 263 2.26 -21.68 6.09
N SER C 264 2.76 -20.99 7.12
CA SER C 264 2.77 -19.50 7.28
C SER C 264 1.43 -19.01 7.86
N SER C 265 0.62 -19.94 8.41
CA SER C 265 -0.60 -19.57 9.18
C SER C 265 -0.20 -18.89 10.50
N VAL C 266 1.07 -19.01 10.88
CA VAL C 266 1.71 -18.26 12.00
C VAL C 266 3.03 -17.71 11.49
N ASP C 267 3.54 -16.69 12.17
CA ASP C 267 4.90 -16.17 11.97
C ASP C 267 5.92 -17.21 12.41
N GLU C 268 6.62 -17.83 11.45
CA GLU C 268 7.58 -18.93 11.74
C GLU C 268 8.82 -18.41 12.51
N ALA C 269 9.03 -17.09 12.54
CA ALA C 269 10.18 -16.50 13.27
C ALA C 269 9.91 -16.46 14.80
N LEU C 270 8.70 -16.76 15.25
CA LEU C 270 8.37 -16.73 16.69
C LEU C 270 9.19 -17.80 17.43
N PRO C 271 9.73 -17.50 18.62
CA PRO C 271 10.62 -18.47 19.30
C PRO C 271 9.96 -19.82 19.61
N SER C 272 8.64 -19.87 19.78
CA SER C 272 7.89 -21.10 20.15
C SER C 272 7.42 -21.86 18.91
N PHE C 273 7.73 -21.36 17.70
CA PHE C 273 7.42 -22.10 16.45
C PHE C 273 8.46 -23.22 16.30
N LEU C 274 8.03 -24.48 16.19
CA LEU C 274 8.88 -25.70 16.29
C LEU C 274 9.33 -26.16 14.91
N GLY C 275 8.59 -25.77 13.87
CA GLY C 275 8.81 -26.27 12.51
C GLY C 275 7.56 -26.93 11.97
N ILE C 276 7.69 -27.61 10.84
CA ILE C 276 6.56 -28.21 10.10
C ILE C 276 6.44 -29.68 10.53
N TYR C 277 5.31 -30.04 11.10
CA TYR C 277 4.94 -31.45 11.41
C TYR C 277 4.39 -32.13 10.15
N ASN C 278 5.02 -33.23 9.74
CA ASN C 278 4.62 -34.00 8.53
C ASN C 278 4.68 -35.50 8.85
N GLY C 279 3.91 -35.93 9.85
CA GLY C 279 3.89 -37.33 10.32
C GLY C 279 5.30 -37.85 10.56
N LYS C 280 5.61 -39.08 10.14
CA LYS C 280 6.89 -39.71 10.53
C LYS C 280 8.06 -39.06 9.75
N LEU C 281 7.78 -38.19 8.77
CA LEU C 281 8.86 -37.53 7.99
C LEU C 281 9.27 -36.21 8.66
N SER C 282 8.67 -35.85 9.79
CA SER C 282 9.07 -34.67 10.62
C SER C 282 10.52 -34.81 11.11
N GLU C 283 11.22 -33.69 11.28
CA GLU C 283 12.45 -33.62 12.09
C GLU C 283 12.20 -34.33 13.43
N PRO C 284 13.08 -35.26 13.88
CA PRO C 284 12.82 -36.08 15.06
C PRO C 284 12.46 -35.34 16.37
N ASN C 285 13.12 -34.24 16.68
CA ASN C 285 12.88 -33.50 17.94
C ASN C 285 11.47 -32.93 17.88
N LEU C 286 11.07 -32.39 16.73
CA LEU C 286 9.70 -31.87 16.50
C LEU C 286 8.69 -33.00 16.69
N LYS C 287 8.92 -34.12 16.02
CA LYS C 287 8.01 -35.31 16.03
C LYS C 287 7.78 -35.74 17.48
N GLU C 288 8.87 -35.92 18.22
CA GLU C 288 8.85 -36.34 19.65
C GLU C 288 8.01 -35.35 20.48
N PHE C 289 8.21 -34.04 20.29
CA PHE C 289 7.50 -32.99 21.07
C PHE C 289 6.00 -33.06 20.78
N VAL C 290 5.63 -33.01 19.49
CA VAL C 290 4.20 -32.90 19.09
C VAL C 290 3.46 -34.14 19.61
N GLU C 291 4.06 -35.32 19.45
CA GLU C 291 3.37 -36.61 19.64
C GLU C 291 3.36 -37.00 21.12
N SER C 292 4.10 -36.26 21.96
CA SER C 292 4.10 -36.47 23.44
C SER C 292 3.31 -35.34 24.14
N ALA C 293 2.79 -34.36 23.40
CA ALA C 293 2.02 -33.24 23.98
C ALA C 293 0.80 -33.83 24.71
N ASP C 294 0.45 -33.24 25.86
CA ASP C 294 -0.66 -33.72 26.73
C ASP C 294 -1.95 -32.97 26.37
N PHE C 295 -1.88 -31.94 25.52
CA PHE C 295 -3.09 -31.30 24.95
C PHE C 295 -2.76 -30.74 23.57
N ILE C 296 -3.66 -30.95 22.61
CA ILE C 296 -3.50 -30.49 21.19
C ILE C 296 -4.64 -29.51 20.89
N LEU C 297 -4.30 -28.28 20.48
CA LEU C 297 -5.29 -27.31 19.99
C LEU C 297 -5.06 -27.12 18.49
N MET C 298 -5.97 -27.62 17.66
CA MET C 298 -5.82 -27.56 16.18
C MET C 298 -6.78 -26.49 15.67
N LEU C 299 -6.26 -25.48 15.00
CA LEU C 299 -7.08 -24.36 14.46
C LEU C 299 -7.00 -24.34 12.93
N GLY C 300 -8.09 -24.67 12.24
CA GLY C 300 -8.20 -24.52 10.76
C GLY C 300 -7.36 -25.55 10.03
N VAL C 301 -7.15 -26.72 10.63
CA VAL C 301 -6.26 -27.79 10.08
C VAL C 301 -7.14 -28.82 9.38
N LYS C 302 -6.70 -29.33 8.22
CA LYS C 302 -7.20 -30.61 7.66
C LYS C 302 -6.02 -31.54 7.42
N LEU C 303 -6.17 -32.79 7.85
CA LEU C 303 -5.08 -33.80 7.79
C LEU C 303 -5.18 -34.55 6.46
N THR C 304 -4.27 -34.31 5.54
CA THR C 304 -4.30 -34.87 4.18
C THR C 304 -3.03 -35.68 3.96
N ASP C 305 -3.01 -36.52 2.91
CA ASP C 305 -1.90 -37.47 2.71
C ASP C 305 -0.58 -36.69 2.64
N SER C 306 -0.51 -35.61 1.85
CA SER C 306 0.75 -34.89 1.55
C SER C 306 1.19 -34.05 2.75
N SER C 307 0.27 -33.82 3.70
CA SER C 307 0.54 -32.98 4.89
C SER C 307 0.75 -33.84 6.16
N THR C 308 0.66 -35.17 6.07
CA THR C 308 0.80 -36.06 7.27
C THR C 308 1.80 -37.19 7.02
N GLY C 309 2.71 -37.06 6.08
CA GLY C 309 3.63 -38.18 5.75
C GLY C 309 2.82 -39.39 5.34
N VAL C 310 1.79 -39.17 4.53
CA VAL C 310 0.83 -40.22 4.08
C VAL C 310 0.26 -40.93 5.33
N PHE C 311 -0.37 -40.16 6.20
CA PHE C 311 -1.20 -40.62 7.34
C PHE C 311 -0.32 -41.41 8.34
N THR C 312 0.90 -40.96 8.59
CA THR C 312 1.82 -41.52 9.63
C THR C 312 1.90 -40.57 10.82
N HIS C 313 0.92 -39.68 10.95
CA HIS C 313 0.80 -38.71 12.07
C HIS C 313 0.29 -39.45 13.30
N HIS C 314 0.57 -38.91 14.48
CA HIS C 314 0.03 -39.41 15.77
C HIS C 314 -0.51 -38.22 16.54
N LEU C 315 -1.76 -37.89 16.29
CA LEU C 315 -2.49 -36.78 16.93
C LEU C 315 -3.73 -37.36 17.62
N ASN C 316 -3.60 -37.69 18.90
CA ASN C 316 -4.65 -38.41 19.68
C ASN C 316 -5.84 -37.47 19.92
N GLU C 317 -6.99 -37.77 19.33
CA GLU C 317 -8.24 -36.96 19.42
C GLU C 317 -8.76 -36.90 20.87
N ASN C 318 -8.39 -37.88 21.71
CA ASN C 318 -8.77 -37.91 23.15
C ASN C 318 -8.21 -36.69 23.89
N LYS C 319 -7.11 -36.09 23.41
CA LYS C 319 -6.48 -34.95 24.11
C LYS C 319 -6.43 -33.75 23.15
N MET C 320 -7.39 -33.68 22.23
CA MET C 320 -7.45 -32.64 21.17
C MET C 320 -8.75 -31.83 21.28
N ILE C 321 -8.64 -30.51 21.20
CA ILE C 321 -9.73 -29.62 20.72
C ILE C 321 -9.35 -29.13 19.33
N SER C 322 -10.18 -29.42 18.34
CA SER C 322 -10.00 -28.93 16.94
C SER C 322 -11.15 -27.98 16.61
N LEU C 323 -10.83 -26.86 15.98
CA LEU C 323 -11.82 -25.88 15.44
C LEU C 323 -11.59 -25.73 13.93
N ASN C 324 -12.65 -25.85 13.14
CA ASN C 324 -12.64 -25.69 11.66
C ASN C 324 -13.80 -24.74 11.32
N ILE C 325 -13.85 -24.28 10.08
CA ILE C 325 -14.94 -23.37 9.60
C ILE C 325 -16.27 -24.07 9.81
N ASP C 326 -16.37 -25.35 9.40
CA ASP C 326 -17.64 -26.10 9.22
C ASP C 326 -18.01 -26.87 10.50
N GLU C 327 -17.02 -27.17 11.36
CA GLU C 327 -17.26 -28.04 12.56
C GLU C 327 -16.09 -27.94 13.54
N GLY C 328 -16.29 -28.51 14.73
CA GLY C 328 -15.26 -28.63 15.77
C GLY C 328 -15.39 -29.96 16.47
N LYS C 329 -14.36 -30.34 17.23
CA LYS C 329 -14.32 -31.56 18.08
C LYS C 329 -13.69 -31.15 19.40
N ILE C 330 -14.41 -31.33 20.51
CA ILE C 330 -13.88 -31.15 21.88
C ILE C 330 -13.71 -32.55 22.48
N PHE C 331 -12.47 -33.05 22.52
CA PHE C 331 -12.13 -34.39 23.07
C PHE C 331 -13.13 -35.39 22.50
N ASN C 332 -13.20 -35.41 21.16
CA ASN C 332 -13.87 -36.46 20.35
C ASN C 332 -15.38 -36.21 20.29
N GLU C 333 -15.88 -35.11 20.89
CA GLU C 333 -17.32 -34.72 20.84
C GLU C 333 -17.51 -33.60 19.80
N SER C 334 -18.31 -33.85 18.78
CA SER C 334 -18.64 -32.89 17.70
C SER C 334 -19.32 -31.65 18.30
N ILE C 335 -18.98 -30.47 17.77
CA ILE C 335 -19.71 -29.18 18.04
C ILE C 335 -19.91 -28.49 16.69
N GLN C 336 -21.00 -27.73 16.54
CA GLN C 336 -21.50 -27.25 15.22
C GLN C 336 -21.82 -25.75 15.29
N ASN C 337 -22.32 -25.26 16.43
CA ASN C 337 -22.91 -23.91 16.60
C ASN C 337 -21.85 -22.97 17.20
N PHE C 338 -20.92 -22.49 16.36
CA PHE C 338 -19.92 -21.46 16.73
C PHE C 338 -19.53 -20.68 15.47
N ASP C 339 -18.96 -19.50 15.66
CA ASP C 339 -18.38 -18.68 14.56
C ASP C 339 -16.86 -18.83 14.60
N PHE C 340 -16.29 -19.51 13.60
CA PHE C 340 -14.83 -19.79 13.50
C PHE C 340 -14.02 -18.49 13.66
N GLU C 341 -14.29 -17.46 12.84
CA GLU C 341 -13.48 -16.20 12.83
C GLU C 341 -13.47 -15.54 14.22
N SER C 342 -14.62 -15.30 14.84
CA SER C 342 -14.69 -14.58 16.15
C SER C 342 -14.12 -15.46 17.28
N LEU C 343 -14.25 -16.79 17.20
CA LEU C 343 -13.65 -17.74 18.17
C LEU C 343 -12.13 -17.60 18.15
N ILE C 344 -11.52 -17.67 16.96
CA ILE C 344 -10.04 -17.51 16.85
C ILE C 344 -9.65 -16.15 17.41
N SER C 345 -10.35 -15.08 17.04
CA SER C 345 -10.06 -13.69 17.49
C SER C 345 -10.17 -13.61 19.02
N SER C 346 -11.10 -14.37 19.60
CA SER C 346 -11.36 -14.36 21.06
C SER C 346 -10.25 -15.08 21.83
N LEU C 347 -9.35 -15.81 21.17
CA LEU C 347 -8.18 -16.41 21.84
C LEU C 347 -7.29 -15.31 22.43
N LEU C 348 -7.33 -14.10 21.87
CA LEU C 348 -6.53 -12.93 22.33
C LEU C 348 -7.05 -12.43 23.68
N ASP C 349 -8.23 -12.88 24.12
CA ASP C 349 -8.90 -12.45 25.38
C ASP C 349 -8.56 -13.43 26.51
N LEU C 350 -8.12 -14.65 26.18
CA LEU C 350 -7.76 -15.67 27.20
C LEU C 350 -6.69 -15.10 28.13
N SER C 351 -6.97 -15.08 29.42
CA SER C 351 -6.04 -14.60 30.48
C SER C 351 -5.40 -15.81 31.16
N GLU C 352 -4.29 -15.58 31.86
CA GLU C 352 -3.64 -16.58 32.75
C GLU C 352 -3.16 -17.76 31.91
N ILE C 353 -2.84 -17.51 30.64
CA ILE C 353 -2.16 -18.49 29.75
C ILE C 353 -0.73 -18.02 29.51
N GLU C 354 0.22 -18.82 29.99
CA GLU C 354 1.66 -18.61 29.73
C GLU C 354 2.32 -19.98 29.83
N TYR C 355 2.91 -20.45 28.74
CA TYR C 355 3.72 -21.70 28.75
C TYR C 355 5.05 -21.39 29.43
N LYS C 356 5.49 -22.26 30.33
CA LYS C 356 6.70 -22.03 31.16
C LYS C 356 7.76 -23.09 30.85
N GLY C 357 7.51 -23.95 29.87
CA GLY C 357 8.38 -25.08 29.55
C GLY C 357 9.40 -24.76 28.46
N LYS C 358 10.05 -25.81 27.93
CA LYS C 358 11.08 -25.67 26.85
C LYS C 358 10.43 -25.97 25.50
N TYR C 359 11.13 -25.63 24.43
CA TYR C 359 10.75 -25.99 23.03
C TYR C 359 11.64 -27.15 22.57
N ILE C 360 12.27 -27.03 21.42
CA ILE C 360 13.27 -28.00 20.88
C ILE C 360 14.48 -27.20 20.42
N ASP C 361 15.61 -27.87 20.17
CA ASP C 361 16.78 -27.26 19.47
C ASP C 361 16.34 -26.93 18.03
N LYS C 362 16.43 -25.67 17.63
CA LYS C 362 16.28 -25.23 16.21
C LYS C 362 17.30 -24.13 15.91
N ASP C 366 24.29 -22.71 9.44
CA ASP C 366 24.96 -21.72 8.54
C ASP C 366 25.47 -22.45 7.29
N PHE C 367 25.18 -21.91 6.11
CA PHE C 367 25.44 -22.53 4.80
C PHE C 367 26.76 -21.97 4.23
N VAL C 368 27.74 -22.84 3.99
CA VAL C 368 29.00 -22.47 3.29
C VAL C 368 29.02 -23.11 1.90
N PRO C 369 28.83 -22.32 0.81
CA PRO C 369 28.80 -22.86 -0.53
C PRO C 369 30.20 -23.20 -1.04
N SER C 370 30.28 -24.17 -1.95
CA SER C 370 31.50 -24.54 -2.70
C SER C 370 31.22 -24.43 -4.20
N ASN C 371 32.14 -24.88 -5.04
CA ASN C 371 31.92 -24.92 -6.51
C ASN C 371 31.29 -26.26 -6.91
N ALA C 372 30.85 -27.04 -5.94
CA ALA C 372 30.17 -28.34 -6.15
C ALA C 372 28.91 -28.13 -6.99
N LEU C 373 28.62 -29.05 -7.90
CA LEU C 373 27.34 -29.03 -8.65
C LEU C 373 26.20 -28.96 -7.63
N LEU C 374 25.16 -28.21 -7.98
CA LEU C 374 23.95 -28.01 -7.14
C LEU C 374 23.28 -29.35 -6.93
N SER C 375 22.94 -29.69 -5.68
CA SER C 375 22.14 -30.88 -5.32
C SER C 375 20.91 -30.40 -4.56
N GLN C 376 19.85 -31.19 -4.53
CA GLN C 376 18.54 -30.87 -3.90
C GLN C 376 18.75 -30.48 -2.44
N ASP C 377 19.41 -31.34 -1.66
CA ASP C 377 19.53 -31.09 -0.20
C ASP C 377 20.30 -29.79 0.05
N ARG C 378 21.36 -29.50 -0.72
CA ARG C 378 22.17 -28.27 -0.50
C ARG C 378 21.39 -27.03 -0.98
N LEU C 379 20.62 -27.18 -2.06
CA LEU C 379 19.76 -26.10 -2.56
C LEU C 379 18.84 -25.61 -1.43
N TRP C 380 18.15 -26.53 -0.74
CA TRP C 380 17.10 -26.12 0.25
C TRP C 380 17.79 -25.61 1.52
N GLN C 381 18.98 -26.13 1.86
CA GLN C 381 19.84 -25.52 2.92
C GLN C 381 20.19 -24.06 2.54
N ALA C 382 20.56 -23.80 1.29
CA ALA C 382 20.97 -22.47 0.82
C ALA C 382 19.77 -21.52 0.84
N VAL C 383 18.61 -21.96 0.35
CA VAL C 383 17.38 -21.12 0.37
C VAL C 383 17.03 -20.77 1.82
N GLU C 384 17.07 -21.74 2.72
CA GLU C 384 16.77 -21.47 4.16
C GLU C 384 17.75 -20.42 4.73
N ASN C 385 19.02 -20.50 4.35
CA ASN C 385 20.06 -19.57 4.84
C ASN C 385 19.80 -18.17 4.27
N LEU C 386 19.38 -18.07 3.00
CA LEU C 386 19.48 -16.78 2.27
C LEU C 386 18.12 -16.06 2.26
N THR C 387 17.01 -16.76 2.51
CA THR C 387 15.67 -16.13 2.51
C THR C 387 15.71 -14.97 3.52
N GLN C 388 14.99 -13.91 3.21
CA GLN C 388 15.06 -12.64 3.97
C GLN C 388 13.66 -12.35 4.50
N SER C 389 13.54 -11.41 5.44
CA SER C 389 12.22 -10.91 5.89
CA SER C 389 12.23 -10.89 5.90
C SER C 389 11.44 -10.35 4.69
N ASN C 390 10.12 -10.29 4.78
CA ASN C 390 9.23 -9.60 3.81
C ASN C 390 9.32 -10.33 2.46
N GLU C 391 9.40 -11.66 2.50
CA GLU C 391 9.37 -12.51 1.29
C GLU C 391 8.17 -13.46 1.33
N THR C 392 7.71 -13.87 0.17
CA THR C 392 6.69 -14.92 0.00
C THR C 392 7.32 -16.02 -0.82
N ILE C 393 7.47 -17.19 -0.24
CA ILE C 393 8.02 -18.38 -0.96
C ILE C 393 6.83 -19.19 -1.49
N VAL C 394 6.87 -19.45 -2.80
CA VAL C 394 5.86 -20.21 -3.53
C VAL C 394 6.55 -21.46 -4.05
N ALA C 395 5.99 -22.64 -3.73
CA ALA C 395 6.66 -23.92 -4.05
C ALA C 395 5.67 -24.91 -4.70
N GLU C 396 6.05 -25.37 -5.89
CA GLU C 396 5.23 -26.28 -6.74
C GLU C 396 5.37 -27.73 -6.26
N GLN C 397 4.28 -28.48 -6.37
CA GLN C 397 4.30 -29.95 -6.12
C GLN C 397 5.43 -30.58 -6.96
N GLY C 398 6.20 -31.46 -6.33
CA GLY C 398 7.48 -31.92 -6.89
C GLY C 398 8.61 -31.67 -5.92
N THR C 399 9.86 -31.69 -6.41
CA THR C 399 11.02 -31.52 -5.52
C THR C 399 10.88 -30.19 -4.80
N SER C 400 10.35 -29.16 -5.45
CA SER C 400 10.30 -27.80 -4.88
C SER C 400 9.47 -27.80 -3.59
N PHE C 401 8.25 -28.33 -3.60
CA PHE C 401 7.38 -28.33 -2.39
C PHE C 401 8.01 -29.17 -1.26
N PHE C 402 8.52 -30.36 -1.58
CA PHE C 402 9.09 -31.29 -0.56
C PHE C 402 10.38 -30.71 0.01
N GLY C 403 11.15 -29.95 -0.80
CA GLY C 403 12.40 -29.31 -0.37
C GLY C 403 12.15 -28.04 0.41
N ALA C 404 11.21 -27.21 -0.05
CA ALA C 404 10.98 -25.84 0.49
C ALA C 404 10.03 -25.84 1.68
N SER C 405 9.06 -26.78 1.77
CA SER C 405 7.98 -26.66 2.80
C SER C 405 8.54 -26.74 4.22
N PRO C 406 9.63 -27.50 4.51
CA PRO C 406 10.17 -27.54 5.87
C PRO C 406 10.99 -26.31 6.29
N ILE C 407 11.35 -25.43 5.34
CA ILE C 407 12.28 -24.28 5.55
C ILE C 407 11.68 -23.31 6.58
N PHE C 408 12.49 -22.91 7.58
CA PHE C 408 12.10 -21.83 8.53
C PHE C 408 12.08 -20.49 7.80
N LEU C 409 10.95 -19.80 7.83
CA LEU C 409 10.80 -18.47 7.21
C LEU C 409 11.38 -17.41 8.17
N LYS C 410 11.85 -16.32 7.59
CA LYS C 410 12.22 -15.10 8.36
C LYS C 410 10.95 -14.33 8.73
N PRO C 411 11.07 -13.31 9.63
CA PRO C 411 9.92 -12.49 10.00
C PRO C 411 9.15 -11.93 8.80
N LYS C 412 7.88 -11.59 8.98
CA LYS C 412 7.04 -10.86 7.99
C LYS C 412 7.07 -11.63 6.66
N SER C 413 7.03 -12.95 6.71
CA SER C 413 7.14 -13.79 5.47
C SER C 413 5.90 -14.68 5.34
N HIS C 414 5.67 -15.14 4.12
CA HIS C 414 4.51 -15.99 3.77
C HIS C 414 5.00 -17.14 2.89
N PHE C 415 4.17 -18.17 2.79
CA PHE C 415 4.40 -19.35 1.94
C PHE C 415 3.10 -19.62 1.21
N ILE C 416 3.22 -19.99 -0.06
CA ILE C 416 2.10 -20.55 -0.86
C ILE C 416 2.53 -21.92 -1.39
N GLY C 417 1.75 -22.94 -1.06
CA GLY C 417 1.79 -24.28 -1.66
C GLY C 417 0.40 -24.86 -1.64
N GLN C 418 0.19 -25.93 -2.41
CA GLN C 418 -1.17 -26.44 -2.69
C GLN C 418 -1.18 -27.96 -2.50
N PRO C 419 -0.90 -28.44 -1.27
CA PRO C 419 -0.66 -29.87 -1.06
C PRO C 419 -1.93 -30.72 -1.09
N LEU C 420 -3.11 -30.13 -0.89
CA LEU C 420 -4.36 -30.92 -0.97
C LEU C 420 -4.80 -31.04 -2.44
N TRP C 421 -5.02 -29.93 -3.10
CA TRP C 421 -5.47 -30.02 -4.52
C TRP C 421 -4.30 -30.53 -5.40
N GLY C 422 -3.11 -29.94 -5.23
CA GLY C 422 -1.87 -30.45 -5.83
C GLY C 422 -1.87 -30.40 -7.35
N SER C 423 -2.27 -29.26 -7.95
CA SER C 423 -2.42 -29.13 -9.41
C SER C 423 -1.14 -28.50 -9.99
N ILE C 424 -0.29 -29.29 -10.64
CA ILE C 424 1.01 -28.73 -11.11
C ILE C 424 0.78 -27.65 -12.15
N GLY C 425 1.55 -26.56 -12.06
CA GLY C 425 1.37 -25.37 -12.90
C GLY C 425 0.75 -24.25 -12.10
N TYR C 426 -0.08 -24.60 -11.12
CA TYR C 426 -0.81 -23.63 -10.26
C TYR C 426 0.15 -22.51 -9.84
N THR C 427 1.36 -22.86 -9.40
CA THR C 427 2.23 -21.96 -8.62
C THR C 427 2.71 -20.79 -9.48
N PHE C 428 2.87 -20.95 -10.79
CA PHE C 428 3.41 -19.82 -11.59
C PHE C 428 2.37 -18.70 -11.67
N PRO C 429 1.15 -18.89 -12.22
CA PRO C 429 0.17 -17.80 -12.15
C PRO C 429 -0.16 -17.37 -10.71
N ALA C 430 -0.25 -18.32 -9.76
CA ALA C 430 -0.56 -17.98 -8.36
C ALA C 430 0.50 -17.03 -7.79
N ALA C 431 1.79 -17.28 -8.06
CA ALA C 431 2.90 -16.44 -7.56
C ALA C 431 2.70 -15.03 -8.12
N LEU C 432 2.33 -14.94 -9.40
CA LEU C 432 2.17 -13.62 -10.05
C LEU C 432 0.98 -12.91 -9.42
N GLY C 433 -0.13 -13.62 -9.18
CA GLY C 433 -1.33 -13.09 -8.51
C GLY C 433 -1.02 -12.56 -7.12
N SER C 434 -0.31 -13.35 -6.32
CA SER C 434 0.07 -12.97 -4.94
C SER C 434 1.03 -11.76 -5.00
N GLN C 435 1.93 -11.72 -5.99
CA GLN C 435 2.93 -10.63 -6.11
C GLN C 435 2.22 -9.31 -6.48
N ILE C 436 1.20 -9.40 -7.33
CA ILE C 436 0.32 -8.24 -7.65
C ILE C 436 -0.45 -7.81 -6.39
N ALA C 437 -0.94 -8.75 -5.58
CA ALA C 437 -1.72 -8.47 -4.36
C ALA C 437 -0.86 -7.72 -3.33
N ASP C 438 0.43 -8.08 -3.20
CA ASP C 438 1.34 -7.38 -2.26
C ASP C 438 2.67 -7.10 -2.93
N LYS C 439 2.80 -5.92 -3.55
CA LYS C 439 4.05 -5.47 -4.23
C LYS C 439 5.22 -5.39 -3.25
N GLU C 440 4.95 -5.31 -1.93
CA GLU C 440 6.02 -5.06 -0.92
C GLU C 440 6.50 -6.37 -0.30
N SER C 441 5.93 -7.51 -0.70
CA SER C 441 6.49 -8.83 -0.31
C SER C 441 7.22 -9.38 -1.55
N ARG C 442 8.53 -9.62 -1.47
CA ARG C 442 9.28 -10.14 -2.65
C ARG C 442 8.92 -11.63 -2.78
N HIS C 443 8.33 -12.02 -3.91
CA HIS C 443 7.94 -13.40 -4.21
C HIS C 443 9.12 -14.17 -4.81
N LEU C 444 9.44 -15.29 -4.19
CA LEU C 444 10.45 -16.29 -4.65
C LEU C 444 9.70 -17.56 -5.02
N LEU C 445 9.63 -17.86 -6.31
CA LEU C 445 8.89 -19.02 -6.83
C LEU C 445 9.91 -20.12 -7.11
N PHE C 446 9.63 -21.32 -6.61
CA PHE C 446 10.33 -22.55 -6.98
C PHE C 446 9.36 -23.44 -7.71
N ILE C 447 9.60 -23.60 -9.01
CA ILE C 447 8.74 -24.42 -9.90
C ILE C 447 9.60 -25.36 -10.72
N GLY C 448 9.16 -26.60 -10.86
CA GLY C 448 9.84 -27.59 -11.69
C GLY C 448 9.62 -27.32 -13.17
N ASP C 449 10.54 -27.82 -13.98
CA ASP C 449 10.43 -27.78 -15.46
C ASP C 449 9.09 -28.34 -15.91
N GLY C 450 8.68 -29.51 -15.41
CA GLY C 450 7.45 -30.19 -15.87
C GLY C 450 6.21 -29.37 -15.54
N SER C 451 6.18 -28.70 -14.40
CA SER C 451 5.04 -27.87 -13.93
C SER C 451 4.98 -26.53 -14.67
N LEU C 452 6.13 -25.89 -14.89
CA LEU C 452 6.17 -24.60 -15.64
C LEU C 452 5.53 -24.80 -17.01
N GLN C 453 5.67 -25.97 -17.62
CA GLN C 453 5.20 -26.19 -19.00
C GLN C 453 3.68 -26.06 -19.05
N LEU C 454 2.97 -26.23 -17.92
CA LEU C 454 1.48 -26.21 -17.93
C LEU C 454 0.97 -24.78 -18.03
N THR C 455 1.73 -23.79 -17.57
CA THR C 455 1.19 -22.42 -17.30
C THR C 455 2.13 -21.31 -17.76
N VAL C 456 3.15 -21.66 -18.58
CA VAL C 456 4.23 -20.73 -19.01
C VAL C 456 3.68 -19.43 -19.61
N GLN C 457 2.51 -19.43 -20.25
CA GLN C 457 2.09 -18.27 -21.07
C GLN C 457 1.85 -17.02 -20.19
N GLU C 458 1.69 -17.13 -18.88
CA GLU C 458 1.49 -15.90 -18.07
C GLU C 458 2.83 -15.15 -17.89
N LEU C 459 3.94 -15.62 -18.42
CA LEU C 459 5.18 -14.78 -18.53
C LEU C 459 4.86 -13.49 -19.30
N GLY C 460 3.95 -13.52 -20.28
CA GLY C 460 3.56 -12.31 -21.02
C GLY C 460 2.94 -11.28 -20.10
N LEU C 461 2.01 -11.69 -19.24
CA LEU C 461 1.38 -10.82 -18.22
C LEU C 461 2.46 -10.32 -17.27
N ALA C 462 3.39 -11.17 -16.82
CA ALA C 462 4.46 -10.75 -15.87
C ALA C 462 5.25 -9.58 -16.50
N ILE C 463 5.54 -9.69 -17.79
CA ILE C 463 6.35 -8.69 -18.56
C ILE C 463 5.52 -7.40 -18.69
N ARG C 464 4.27 -7.52 -19.13
CA ARG C 464 3.38 -6.36 -19.34
C ARG C 464 3.21 -5.60 -18.01
N GLU C 465 2.93 -6.30 -16.92
CA GLU C 465 2.63 -5.67 -15.61
C GLU C 465 3.90 -5.10 -14.96
N LYS C 466 5.08 -5.47 -15.48
CA LYS C 466 6.40 -5.06 -14.97
C LYS C 466 6.49 -5.40 -13.47
N ILE C 467 6.07 -6.60 -13.10
CA ILE C 467 6.23 -7.12 -11.72
C ILE C 467 7.57 -7.85 -11.63
N ASN C 468 8.08 -7.99 -10.41
CA ASN C 468 9.51 -8.29 -10.16
C ASN C 468 9.69 -9.52 -9.30
N PRO C 469 8.93 -10.61 -9.49
CA PRO C 469 9.19 -11.82 -8.72
C PRO C 469 10.53 -12.45 -9.10
N ILE C 470 11.08 -13.25 -8.19
CA ILE C 470 12.31 -14.08 -8.42
C ILE C 470 11.84 -15.51 -8.69
N CYS C 471 12.00 -15.96 -9.93
CA CYS C 471 11.46 -17.24 -10.41
C CYS C 471 12.63 -18.20 -10.59
N PHE C 472 12.62 -19.29 -9.85
CA PHE C 472 13.60 -20.38 -9.98
C PHE C 472 12.92 -21.55 -10.65
N ILE C 473 13.50 -22.01 -11.75
CA ILE C 473 12.99 -23.17 -12.52
C ILE C 473 13.93 -24.35 -12.26
N ILE C 474 13.41 -25.40 -11.67
CA ILE C 474 14.24 -26.60 -11.38
C ILE C 474 14.25 -27.46 -12.64
N ASN C 475 15.29 -27.30 -13.46
CA ASN C 475 15.48 -28.09 -14.69
C ASN C 475 16.19 -29.38 -14.30
N ASN C 476 15.41 -30.43 -14.06
CA ASN C 476 15.98 -31.79 -13.77
C ASN C 476 15.53 -32.76 -14.87
N ASP C 477 15.24 -32.24 -16.08
CA ASP C 477 14.95 -33.08 -17.27
C ASP C 477 13.78 -34.05 -16.98
N GLY C 478 12.66 -33.51 -16.49
CA GLY C 478 11.40 -34.27 -16.40
C GLY C 478 10.78 -34.26 -15.01
N TYR C 479 9.95 -35.26 -14.75
CA TYR C 479 9.08 -35.33 -13.55
C TYR C 479 9.79 -36.18 -12.49
N THR C 480 10.68 -35.58 -11.71
CA THR C 480 11.48 -36.32 -10.70
C THR C 480 10.59 -36.89 -9.60
N VAL C 481 9.59 -36.15 -9.12
CA VAL C 481 8.69 -36.73 -8.07
C VAL C 481 8.01 -37.98 -8.61
N GLU C 482 7.58 -37.99 -9.88
CA GLU C 482 6.93 -39.19 -10.47
C GLU C 482 7.95 -40.32 -10.59
N ARG C 483 9.18 -40.03 -10.99
CA ARG C 483 10.24 -41.07 -11.10
C ARG C 483 10.42 -41.72 -9.71
N GLU C 484 10.32 -40.95 -8.62
CA GLU C 484 10.53 -41.45 -7.24
C GLU C 484 9.33 -42.32 -6.80
N ILE C 485 8.17 -42.17 -7.43
CA ILE C 485 6.95 -42.95 -7.08
C ILE C 485 6.90 -44.23 -7.94
N HIS C 486 7.04 -44.10 -9.27
CA HIS C 486 6.88 -45.23 -10.21
C HIS C 486 7.52 -44.91 -11.55
N GLY C 487 8.31 -45.84 -12.08
CA GLY C 487 8.81 -45.80 -13.46
C GLY C 487 9.93 -44.76 -13.63
N PRO C 488 11.00 -44.83 -12.81
CA PRO C 488 12.07 -43.82 -12.87
C PRO C 488 12.75 -43.74 -14.26
N ASN C 489 12.70 -44.82 -15.04
CA ASN C 489 13.33 -44.85 -16.40
C ASN C 489 12.25 -44.91 -17.50
N GLN C 490 10.98 -44.71 -17.17
CA GLN C 490 9.90 -44.81 -18.18
C GLN C 490 9.79 -43.48 -18.95
N SER C 491 9.54 -43.57 -20.25
CA SER C 491 9.46 -42.41 -21.18
C SER C 491 8.38 -41.42 -20.76
N TYR C 492 7.35 -41.84 -20.02
CA TYR C 492 6.24 -40.92 -19.67
C TYR C 492 6.72 -39.91 -18.62
N ASN C 493 7.85 -40.17 -17.95
CA ASN C 493 8.40 -39.23 -16.93
C ASN C 493 9.35 -38.23 -17.59
N ASP C 494 9.60 -38.38 -18.90
CA ASP C 494 10.39 -37.42 -19.71
C ASP C 494 9.48 -36.33 -20.28
N ILE C 495 10.02 -35.12 -20.41
CA ILE C 495 9.34 -33.99 -21.09
C ILE C 495 10.26 -33.38 -22.13
N PRO C 496 9.71 -32.67 -23.12
CA PRO C 496 10.55 -31.96 -24.10
C PRO C 496 11.40 -30.92 -23.36
N MET C 497 12.71 -30.86 -23.61
CA MET C 497 13.53 -29.88 -22.85
C MET C 497 13.43 -28.56 -23.61
N TRP C 498 12.74 -27.61 -23.02
CA TRP C 498 12.80 -26.22 -23.53
C TRP C 498 14.15 -25.60 -23.18
N ASN C 499 14.47 -24.46 -23.82
CA ASN C 499 15.59 -23.59 -23.37
CA ASN C 499 15.59 -23.58 -23.39
C ASN C 499 15.02 -22.54 -22.40
N TYR C 500 14.87 -22.94 -21.13
CA TYR C 500 14.07 -22.18 -20.14
C TYR C 500 14.62 -20.75 -20.02
N SER C 501 15.93 -20.57 -20.05
CA SER C 501 16.57 -19.22 -19.82
C SER C 501 16.27 -18.28 -20.98
N LYS C 502 15.88 -18.80 -22.15
CA LYS C 502 15.59 -18.00 -23.37
C LYS C 502 14.12 -17.58 -23.40
N LEU C 503 13.27 -18.11 -22.53
CA LEU C 503 11.82 -17.81 -22.67
C LEU C 503 11.55 -16.30 -22.52
N PRO C 504 12.09 -15.56 -21.53
CA PRO C 504 11.76 -14.14 -21.40
C PRO C 504 11.97 -13.34 -22.69
N GLU C 505 13.09 -13.58 -23.38
CA GLU C 505 13.39 -12.85 -24.64
C GLU C 505 12.33 -13.20 -25.68
N SER C 506 11.95 -14.49 -25.79
CA SER C 506 10.90 -15.00 -26.73
C SER C 506 9.57 -14.29 -26.46
N PHE C 507 9.30 -13.96 -25.20
CA PHE C 507 8.01 -13.40 -24.74
C PHE C 507 8.07 -11.88 -24.70
N GLY C 508 9.20 -11.28 -25.09
CA GLY C 508 9.33 -9.86 -25.41
C GLY C 508 9.95 -9.06 -24.26
N ALA C 509 10.69 -9.72 -23.37
CA ALA C 509 11.47 -9.03 -22.32
C ALA C 509 12.94 -8.97 -22.71
N THR C 510 13.57 -7.82 -22.55
CA THR C 510 15.05 -7.71 -22.52
C THR C 510 15.52 -7.82 -21.08
N GLU C 511 16.83 -7.74 -20.89
CA GLU C 511 17.48 -7.79 -19.57
C GLU C 511 17.11 -6.54 -18.75
N GLU C 512 16.58 -5.48 -19.36
CA GLU C 512 16.07 -4.29 -18.61
C GLU C 512 14.84 -4.68 -17.79
N ARG C 513 14.11 -5.74 -18.17
CA ARG C 513 12.85 -6.14 -17.48
C ARG C 513 13.06 -7.47 -16.75
N VAL C 514 13.59 -8.48 -17.46
CA VAL C 514 13.80 -9.84 -16.88
C VAL C 514 15.27 -10.21 -17.00
N VAL C 515 15.91 -10.50 -15.88
CA VAL C 515 17.31 -11.00 -15.84
C VAL C 515 17.28 -12.53 -15.85
N SER C 516 17.86 -13.14 -16.88
CA SER C 516 17.88 -14.61 -17.06
C SER C 516 19.24 -15.12 -16.64
N LYS C 517 19.27 -16.24 -15.95
CA LYS C 517 20.51 -16.86 -15.43
C LYS C 517 20.37 -18.36 -15.62
N ILE C 518 21.51 -19.02 -15.81
CA ILE C 518 21.63 -20.49 -15.67
C ILE C 518 22.60 -20.74 -14.53
N VAL C 519 22.22 -21.62 -13.61
CA VAL C 519 22.93 -21.89 -12.34
C VAL C 519 23.21 -23.39 -12.27
N ARG C 520 24.47 -23.77 -12.01
CA ARG C 520 24.93 -25.17 -12.02
C ARG C 520 25.59 -25.51 -10.69
N THR C 521 26.15 -24.54 -9.96
CA THR C 521 26.93 -24.80 -8.74
C THR C 521 26.33 -24.12 -7.51
N GLU C 522 26.77 -24.53 -6.32
CA GLU C 522 26.36 -23.86 -5.06
C GLU C 522 26.80 -22.40 -5.09
N ASN C 523 28.05 -22.11 -5.44
CA ASN C 523 28.53 -20.70 -5.44
C ASN C 523 27.69 -19.87 -6.42
N GLU C 524 27.34 -20.41 -7.57
CA GLU C 524 26.49 -19.69 -8.56
C GLU C 524 25.12 -19.44 -7.93
N PHE C 525 24.58 -20.45 -7.26
CA PHE C 525 23.23 -20.31 -6.66
C PHE C 525 23.20 -19.16 -5.64
N VAL C 526 24.18 -19.16 -4.74
CA VAL C 526 24.27 -18.14 -3.65
C VAL C 526 24.42 -16.76 -4.28
N SER C 527 25.31 -16.62 -5.27
CA SER C 527 25.58 -15.31 -5.95
C SER C 527 24.29 -14.82 -6.63
N VAL C 528 23.59 -15.71 -7.34
CA VAL C 528 22.42 -15.30 -8.16
C VAL C 528 21.23 -14.99 -7.24
N MET C 529 21.03 -15.74 -6.16
CA MET C 529 19.89 -15.48 -5.25
C MET C 529 20.11 -14.11 -4.58
N LYS C 530 21.32 -13.84 -4.09
CA LYS C 530 21.65 -12.54 -3.46
C LYS C 530 21.49 -11.41 -4.47
N GLU C 531 21.99 -11.58 -5.70
CA GLU C 531 21.89 -10.58 -6.79
C GLU C 531 20.40 -10.26 -7.04
N ALA C 532 19.55 -11.29 -7.18
CA ALA C 532 18.08 -11.13 -7.38
C ALA C 532 17.47 -10.36 -6.20
N GLN C 533 17.77 -10.78 -4.97
CA GLN C 533 17.18 -10.14 -3.75
C GLN C 533 17.64 -8.68 -3.66
N ALA C 534 18.85 -8.34 -4.14
CA ALA C 534 19.40 -6.98 -4.07
C ALA C 534 18.83 -6.09 -5.20
N ASP C 535 18.09 -6.65 -6.16
CA ASP C 535 17.54 -5.91 -7.33
C ASP C 535 16.02 -6.03 -7.34
N PRO C 536 15.29 -5.23 -6.52
CA PRO C 536 13.84 -5.35 -6.47
C PRO C 536 13.13 -4.74 -7.69
N ASN C 537 13.87 -4.19 -8.65
CA ASN C 537 13.28 -3.40 -9.77
C ASN C 537 13.21 -4.22 -11.07
N ARG C 538 13.63 -5.47 -11.05
CA ARG C 538 13.51 -6.39 -12.20
C ARG C 538 13.03 -7.78 -11.74
N MET C 539 12.38 -8.47 -12.66
CA MET C 539 12.02 -9.88 -12.49
C MET C 539 13.27 -10.73 -12.79
N TYR C 540 13.43 -11.82 -12.04
CA TYR C 540 14.54 -12.79 -12.27
C TYR C 540 13.95 -14.12 -12.71
N TRP C 541 14.63 -14.72 -13.68
CA TRP C 541 14.25 -15.98 -14.36
C TRP C 541 15.48 -16.89 -14.35
N ILE C 542 15.55 -17.75 -13.34
CA ILE C 542 16.78 -18.46 -12.92
C ILE C 542 16.57 -19.96 -13.18
N GLU C 543 17.26 -20.49 -14.20
CA GLU C 543 17.24 -21.92 -14.57
C GLU C 543 18.28 -22.63 -13.70
N LEU C 544 17.81 -23.48 -12.79
CA LEU C 544 18.68 -24.30 -11.92
C LEU C 544 18.85 -25.65 -12.62
N ILE C 545 20.09 -26.10 -12.76
CA ILE C 545 20.35 -27.45 -13.33
C ILE C 545 20.53 -28.43 -12.17
N LEU C 546 19.63 -29.41 -12.06
CA LEU C 546 19.68 -30.49 -11.05
C LEU C 546 19.59 -31.83 -11.79
N ALA C 547 20.14 -32.90 -11.19
CA ALA C 547 20.08 -34.26 -11.80
C ALA C 547 18.66 -34.82 -11.70
N LYS C 548 18.17 -35.51 -12.73
CA LYS C 548 16.84 -36.16 -12.69
C LYS C 548 16.77 -37.16 -11.53
N GLU C 549 17.90 -37.76 -11.15
CA GLU C 549 17.96 -38.82 -10.10
C GLU C 549 17.98 -38.21 -8.69
N ASP C 550 18.11 -36.90 -8.57
CA ASP C 550 18.35 -36.22 -7.26
C ASP C 550 16.99 -35.79 -6.68
N ALA C 551 16.66 -36.26 -5.49
CA ALA C 551 15.43 -35.84 -4.77
C ALA C 551 15.80 -35.43 -3.36
N PRO C 552 15.08 -34.43 -2.80
CA PRO C 552 15.32 -34.03 -1.42
C PRO C 552 15.07 -35.23 -0.50
N LYS C 553 15.83 -35.30 0.61
CA LYS C 553 15.79 -36.43 1.58
C LYS C 553 14.33 -36.84 1.87
N VAL C 554 13.44 -35.88 2.10
CA VAL C 554 12.00 -36.12 2.46
C VAL C 554 11.32 -36.89 1.32
N LEU C 555 11.58 -36.50 0.09
CA LEU C 555 10.87 -37.07 -1.12
C LEU C 555 11.34 -38.50 -1.36
N LYS C 556 12.60 -38.83 -1.07
CA LYS C 556 13.10 -40.23 -1.20
C LYS C 556 12.13 -41.14 -0.40
N LYS C 557 11.81 -40.78 0.84
CA LYS C 557 10.89 -41.57 1.73
C LYS C 557 9.43 -41.40 1.26
N MET C 558 8.99 -40.17 0.99
CA MET C 558 7.59 -39.83 0.63
C MET C 558 7.20 -40.53 -0.67
N GLY C 559 8.10 -40.63 -1.65
CA GLY C 559 7.79 -41.26 -2.95
C GLY C 559 7.29 -42.68 -2.76
N LYS C 560 8.01 -43.47 -1.94
CA LYS C 560 7.69 -44.89 -1.66
C LYS C 560 6.36 -44.97 -0.87
N LEU C 561 6.06 -43.96 -0.04
CA LEU C 561 4.79 -43.94 0.74
C LEU C 561 3.60 -43.66 -0.20
N PHE C 562 3.75 -42.73 -1.17
CA PHE C 562 2.70 -42.49 -2.21
C PHE C 562 2.50 -43.76 -3.03
N ALA C 563 3.60 -44.41 -3.45
CA ALA C 563 3.57 -45.66 -4.25
C ALA C 563 2.75 -46.72 -3.50
N GLU C 564 3.02 -46.90 -2.21
CA GLU C 564 2.34 -47.94 -1.39
C GLU C 564 0.86 -47.57 -1.24
N GLN C 565 0.52 -46.30 -1.10
CA GLN C 565 -0.89 -45.85 -0.99
C GLN C 565 -1.63 -46.23 -2.27
N ASN C 566 -0.94 -46.39 -3.39
CA ASN C 566 -1.56 -46.76 -4.70
C ASN C 566 -1.46 -48.27 -4.95
N LYS C 567 -1.15 -49.07 -3.94
CA LYS C 567 -1.15 -50.56 -3.94
C LYS C 567 -2.35 -51.06 -3.12
N SER C 568 -2.97 -52.14 -3.56
CA SER C 568 -3.96 -52.95 -2.80
C SER C 568 -3.23 -53.91 -1.85
N MET D 21 0.63 -62.37 -18.11
CA MET D 21 -0.53 -61.78 -17.38
C MET D 21 -1.25 -60.75 -18.27
N TYR D 22 -2.57 -60.73 -18.15
CA TYR D 22 -3.49 -59.84 -18.91
C TYR D 22 -4.44 -59.19 -17.90
N THR D 23 -4.55 -57.86 -17.95
CA THR D 23 -5.29 -57.05 -16.94
C THR D 23 -6.48 -56.33 -17.57
N VAL D 24 -7.31 -55.74 -16.71
CA VAL D 24 -8.41 -54.82 -17.09
C VAL D 24 -7.83 -53.69 -17.96
N GLY D 25 -6.67 -53.13 -17.58
CA GLY D 25 -5.97 -52.12 -18.40
C GLY D 25 -5.73 -52.63 -19.83
N ASP D 26 -5.24 -53.86 -19.94
CA ASP D 26 -4.94 -54.47 -21.27
C ASP D 26 -6.25 -54.64 -22.05
N TYR D 27 -7.34 -55.03 -21.39
CA TYR D 27 -8.68 -55.19 -22.01
C TYR D 27 -9.09 -53.86 -22.64
N LEU D 28 -8.97 -52.78 -21.86
CA LEU D 28 -9.32 -51.42 -22.35
C LEU D 28 -8.47 -51.09 -23.58
N LEU D 29 -7.16 -51.31 -23.50
CA LEU D 29 -6.23 -50.92 -24.60
C LEU D 29 -6.51 -51.78 -25.85
N ASP D 30 -6.84 -53.06 -25.68
CA ASP D 30 -7.26 -53.91 -26.83
C ASP D 30 -8.49 -53.30 -27.51
N ARG D 31 -9.49 -52.85 -26.73
CA ARG D 31 -10.72 -52.25 -27.30
C ARG D 31 -10.37 -50.93 -28.00
N LEU D 32 -9.47 -50.12 -27.43
CA LEU D 32 -9.03 -48.88 -28.10
C LEU D 32 -8.34 -49.20 -29.43
N HIS D 33 -7.46 -50.20 -29.46
CA HIS D 33 -6.82 -50.67 -30.70
C HIS D 33 -7.90 -51.01 -31.73
N GLU D 34 -8.97 -51.70 -31.32
CA GLU D 34 -10.06 -52.13 -32.22
C GLU D 34 -10.74 -50.89 -32.81
N LEU D 35 -10.78 -49.78 -32.07
CA LEU D 35 -11.40 -48.52 -32.52
C LEU D 35 -10.48 -47.82 -33.52
N GLY D 36 -9.25 -48.30 -33.74
CA GLY D 36 -8.29 -47.71 -34.70
C GLY D 36 -7.37 -46.69 -34.03
N ILE D 37 -7.33 -46.64 -32.70
CA ILE D 37 -6.47 -45.67 -31.96
C ILE D 37 -5.04 -46.22 -31.87
N GLU D 38 -4.07 -45.44 -32.33
CA GLU D 38 -2.62 -45.84 -32.34
C GLU D 38 -1.78 -44.93 -31.45
N GLU D 39 -2.36 -43.85 -30.93
CA GLU D 39 -1.67 -42.87 -30.06
C GLU D 39 -2.62 -42.51 -28.93
N ILE D 40 -2.13 -42.47 -27.71
CA ILE D 40 -2.91 -42.00 -26.54
C ILE D 40 -2.20 -40.75 -25.99
N PHE D 41 -2.99 -39.69 -25.83
CA PHE D 41 -2.50 -38.38 -25.33
C PHE D 41 -2.72 -38.32 -23.82
N GLY D 42 -2.23 -37.25 -23.20
CA GLY D 42 -2.58 -36.92 -21.81
C GLY D 42 -1.36 -36.58 -20.97
N VAL D 43 -1.51 -36.68 -19.66
CA VAL D 43 -0.49 -36.24 -18.68
C VAL D 43 -0.48 -37.25 -17.55
N PRO D 44 0.69 -37.77 -17.16
CA PRO D 44 0.78 -38.72 -16.05
C PRO D 44 0.44 -38.10 -14.69
N GLY D 45 0.01 -38.94 -13.77
CA GLY D 45 -0.04 -38.66 -12.33
C GLY D 45 0.05 -39.98 -11.59
N ASP D 46 0.32 -39.95 -10.29
CA ASP D 46 0.56 -41.19 -9.51
C ASP D 46 -0.62 -42.14 -9.72
N TYR D 47 -1.85 -41.64 -9.83
CA TYR D 47 -3.08 -42.47 -9.94
C TYR D 47 -3.16 -43.20 -11.31
N ASN D 48 -2.24 -42.99 -12.25
CA ASN D 48 -2.29 -43.63 -13.60
C ASN D 48 -0.94 -44.17 -14.07
N LEU D 49 0.14 -44.06 -13.31
CA LEU D 49 1.49 -44.46 -13.83
C LEU D 49 1.53 -45.97 -14.11
N GLN D 50 0.93 -46.77 -13.24
CA GLN D 50 0.99 -48.25 -13.39
C GLN D 50 0.27 -48.66 -14.68
N PHE D 51 -0.93 -48.11 -14.93
CA PHE D 51 -1.65 -48.28 -16.21
C PHE D 51 -0.78 -47.82 -17.38
N LEU D 52 -0.11 -46.68 -17.22
CA LEU D 52 0.71 -46.09 -18.31
C LEU D 52 1.77 -47.12 -18.75
N ASP D 53 2.32 -47.91 -17.83
CA ASP D 53 3.30 -48.98 -18.19
C ASP D 53 2.73 -49.86 -19.31
N HIS D 54 1.42 -50.09 -19.31
CA HIS D 54 0.75 -51.02 -20.25
C HIS D 54 0.67 -50.38 -21.63
N ILE D 55 0.53 -49.06 -21.70
CA ILE D 55 0.60 -48.31 -23.00
C ILE D 55 2.05 -48.38 -23.49
N ILE D 56 3.04 -48.08 -22.65
CA ILE D 56 4.49 -48.07 -23.04
C ILE D 56 4.80 -49.44 -23.66
N SER D 57 4.39 -50.52 -23.00
CA SER D 57 4.72 -51.93 -23.35
C SER D 57 4.13 -52.33 -24.71
N ARG D 58 2.95 -51.83 -25.07
CA ARG D 58 2.25 -52.21 -26.33
C ARG D 58 3.09 -51.76 -27.52
N LYS D 59 3.26 -52.62 -28.51
CA LYS D 59 3.98 -52.29 -29.77
C LYS D 59 3.04 -51.49 -30.68
N ASP D 60 1.72 -51.64 -30.54
CA ASP D 60 0.73 -51.14 -31.53
C ASP D 60 0.20 -49.76 -31.11
N MET D 61 0.68 -49.21 -30.00
CA MET D 61 0.12 -47.96 -29.41
C MET D 61 1.25 -47.13 -28.80
N LYS D 62 1.24 -45.83 -29.06
CA LYS D 62 2.29 -44.91 -28.57
C LYS D 62 1.67 -43.96 -27.52
N TRP D 63 2.35 -43.79 -26.41
CA TRP D 63 2.08 -42.70 -25.45
C TRP D 63 2.64 -41.42 -26.05
N VAL D 64 1.81 -40.41 -26.19
CA VAL D 64 2.26 -39.06 -26.65
C VAL D 64 1.89 -38.05 -25.55
N GLY D 65 2.80 -37.85 -24.60
CA GLY D 65 2.59 -37.00 -23.41
C GLY D 65 2.49 -35.53 -23.77
N ASN D 66 1.47 -34.84 -23.27
CA ASN D 66 1.23 -33.40 -23.49
C ASN D 66 1.83 -32.61 -22.35
N ALA D 67 2.00 -31.30 -22.56
CA ALA D 67 2.45 -30.37 -21.50
C ALA D 67 1.30 -30.19 -20.49
N ASN D 68 0.06 -30.00 -20.93
CA ASN D 68 -1.10 -29.92 -20.01
C ASN D 68 -2.32 -30.68 -20.56
N GLU D 69 -3.31 -30.91 -19.69
CA GLU D 69 -4.47 -31.78 -19.97
C GLU D 69 -5.49 -31.05 -20.85
N LEU D 70 -5.68 -29.74 -20.71
CA LEU D 70 -6.58 -29.03 -21.67
C LEU D 70 -6.08 -29.29 -23.09
N ASN D 71 -4.78 -29.12 -23.32
CA ASN D 71 -4.15 -29.34 -24.65
C ASN D 71 -4.30 -30.80 -25.06
N ALA D 72 -4.15 -31.75 -24.14
CA ALA D 72 -4.32 -33.19 -24.45
C ALA D 72 -5.73 -33.42 -24.99
N SER D 73 -6.74 -32.81 -24.36
CA SER D 73 -8.16 -33.01 -24.74
C SER D 73 -8.39 -32.39 -26.14
N TYR D 74 -7.83 -31.22 -26.39
CA TYR D 74 -7.89 -30.59 -27.73
C TYR D 74 -7.19 -31.48 -28.76
N MET D 75 -6.03 -32.01 -28.41
CA MET D 75 -5.22 -32.83 -29.34
C MET D 75 -5.97 -34.12 -29.67
N ALA D 76 -6.62 -34.74 -28.69
CA ALA D 76 -7.42 -35.97 -28.88
C ALA D 76 -8.59 -35.67 -29.82
N ASP D 77 -9.20 -34.50 -29.69
CA ASP D 77 -10.36 -34.09 -30.53
C ASP D 77 -9.89 -33.97 -31.98
N GLY D 78 -8.79 -33.25 -32.22
CA GLY D 78 -8.18 -33.13 -33.56
C GLY D 78 -7.87 -34.50 -34.15
N TYR D 79 -7.27 -35.38 -33.35
CA TYR D 79 -6.97 -36.77 -33.72
C TYR D 79 -8.24 -37.50 -34.13
N ALA D 80 -9.31 -37.37 -33.36
CA ALA D 80 -10.60 -38.06 -33.62
C ALA D 80 -11.17 -37.54 -34.94
N ARG D 81 -11.02 -36.25 -35.26
CA ARG D 81 -11.60 -35.69 -36.52
C ARG D 81 -10.99 -36.40 -37.73
N THR D 82 -9.75 -36.87 -37.63
CA THR D 82 -9.03 -37.50 -38.76
C THR D 82 -9.04 -39.03 -38.59
N LYS D 83 -8.73 -39.55 -37.39
CA LYS D 83 -8.63 -41.01 -37.14
C LYS D 83 -9.99 -41.65 -36.92
N LYS D 84 -10.99 -40.88 -36.48
CA LYS D 84 -12.41 -41.30 -36.29
C LYS D 84 -12.59 -42.04 -34.96
N ALA D 85 -11.58 -41.99 -34.08
CA ALA D 85 -11.64 -42.34 -32.64
C ALA D 85 -10.40 -41.76 -32.00
N ALA D 86 -10.46 -41.48 -30.70
CA ALA D 86 -9.30 -40.96 -29.95
C ALA D 86 -9.45 -41.28 -28.48
N ALA D 87 -8.33 -41.23 -27.76
CA ALA D 87 -8.30 -41.40 -26.30
C ALA D 87 -7.24 -40.51 -25.70
N PHE D 88 -7.50 -40.02 -24.49
CA PHE D 88 -6.43 -39.40 -23.68
C PHE D 88 -6.61 -39.82 -22.24
N LEU D 89 -5.51 -39.79 -21.49
CA LEU D 89 -5.40 -40.25 -20.11
C LEU D 89 -5.09 -39.04 -19.21
N THR D 90 -5.85 -38.87 -18.14
CA THR D 90 -5.61 -37.86 -17.10
C THR D 90 -5.55 -38.51 -15.73
N THR D 91 -5.14 -37.75 -14.75
CA THR D 91 -5.23 -38.14 -13.32
C THR D 91 -6.50 -37.55 -12.71
N PHE D 92 -7.00 -38.25 -11.71
CA PHE D 92 -8.20 -37.89 -10.94
C PHE D 92 -8.17 -36.43 -10.50
N GLY D 93 -9.29 -35.73 -10.65
CA GLY D 93 -9.52 -34.38 -10.13
C GLY D 93 -8.76 -33.34 -10.96
N VAL D 94 -7.47 -33.16 -10.71
CA VAL D 94 -6.66 -32.06 -11.32
C VAL D 94 -6.52 -32.30 -12.83
N GLY D 95 -6.31 -33.53 -13.27
CA GLY D 95 -6.17 -33.83 -14.69
C GLY D 95 -7.50 -33.69 -15.42
N GLU D 96 -8.49 -34.43 -14.99
CA GLU D 96 -9.81 -34.48 -15.67
C GLU D 96 -10.47 -33.09 -15.65
N LEU D 97 -10.42 -32.34 -14.55
CA LEU D 97 -11.09 -31.00 -14.55
C LEU D 97 -10.32 -30.01 -15.45
N SER D 98 -9.00 -30.11 -15.58
CA SER D 98 -8.22 -29.28 -16.54
C SER D 98 -8.70 -29.55 -17.97
N ALA D 99 -9.14 -30.78 -18.27
CA ALA D 99 -9.49 -31.24 -19.64
C ALA D 99 -10.97 -31.03 -20.00
N VAL D 100 -11.83 -30.66 -19.05
CA VAL D 100 -13.31 -30.77 -19.26
C VAL D 100 -13.78 -29.82 -20.36
N ASN D 101 -13.12 -28.67 -20.55
CA ASN D 101 -13.49 -27.76 -21.66
C ASN D 101 -13.21 -28.46 -23.02
N GLY D 102 -12.11 -29.21 -23.13
CA GLY D 102 -11.87 -29.95 -24.38
C GLY D 102 -12.90 -31.04 -24.58
N LEU D 103 -13.23 -31.79 -23.52
CA LEU D 103 -14.29 -32.83 -23.67
C LEU D 103 -15.63 -32.18 -24.02
N ALA D 104 -15.98 -31.03 -23.43
CA ALA D 104 -17.21 -30.28 -23.77
C ALA D 104 -17.26 -29.95 -25.27
N GLY D 105 -16.14 -29.52 -25.83
CA GLY D 105 -16.00 -29.23 -27.26
C GLY D 105 -16.22 -30.48 -28.08
N SER D 106 -15.67 -31.60 -27.62
CA SER D 106 -15.84 -32.91 -28.27
C SER D 106 -17.31 -33.32 -28.22
N TYR D 107 -18.02 -32.97 -27.13
CA TYR D 107 -19.45 -33.30 -27.00
C TYR D 107 -20.26 -32.42 -27.95
N ALA D 108 -20.05 -31.11 -27.89
CA ALA D 108 -20.76 -30.11 -28.72
C ALA D 108 -20.64 -30.47 -30.21
N GLU D 109 -19.44 -30.82 -30.68
CA GLU D 109 -19.20 -31.00 -32.14
C GLU D 109 -19.14 -32.49 -32.44
N ASN D 110 -19.46 -33.33 -31.46
CA ASN D 110 -19.77 -34.76 -31.68
C ASN D 110 -18.53 -35.52 -32.17
N LEU D 111 -17.44 -35.50 -31.41
CA LEU D 111 -16.23 -36.30 -31.75
C LEU D 111 -16.10 -37.47 -30.79
N PRO D 112 -15.75 -38.66 -31.34
CA PRO D 112 -15.60 -39.88 -30.54
C PRO D 112 -14.27 -39.95 -29.78
N VAL D 113 -14.22 -39.29 -28.63
CA VAL D 113 -13.03 -39.18 -27.77
C VAL D 113 -13.32 -39.92 -26.47
N VAL D 114 -12.42 -40.81 -26.05
CA VAL D 114 -12.49 -41.50 -24.73
C VAL D 114 -11.56 -40.78 -23.77
N GLU D 115 -12.07 -40.29 -22.65
CA GLU D 115 -11.20 -39.84 -21.55
C GLU D 115 -11.07 -40.95 -20.53
N ILE D 116 -9.83 -41.38 -20.28
CA ILE D 116 -9.50 -42.35 -19.19
C ILE D 116 -8.97 -41.54 -18.01
N VAL D 117 -9.56 -41.70 -16.84
CA VAL D 117 -9.15 -40.96 -15.61
C VAL D 117 -8.61 -42.00 -14.62
N GLY D 118 -7.32 -41.97 -14.32
CA GLY D 118 -6.77 -42.86 -13.28
C GLY D 118 -7.17 -42.33 -11.91
N SER D 119 -7.70 -43.18 -11.03
CA SER D 119 -8.21 -42.76 -9.70
C SER D 119 -7.57 -43.59 -8.61
N PRO D 120 -7.66 -43.12 -7.34
CA PRO D 120 -7.11 -43.84 -6.19
C PRO D 120 -7.64 -45.27 -6.09
N THR D 121 -6.94 -46.12 -5.33
CA THR D 121 -7.37 -47.53 -5.14
C THR D 121 -8.80 -47.51 -4.60
N SER D 122 -9.59 -48.55 -4.87
CA SER D 122 -10.97 -48.65 -4.37
C SER D 122 -10.94 -48.60 -2.83
N LYS D 123 -9.90 -49.17 -2.20
CA LYS D 123 -9.71 -49.15 -0.73
C LYS D 123 -9.67 -47.70 -0.22
N VAL D 124 -8.83 -46.87 -0.83
CA VAL D 124 -8.68 -45.42 -0.46
C VAL D 124 -10.03 -44.71 -0.68
N GLN D 125 -10.68 -44.95 -1.80
CA GLN D 125 -12.00 -44.34 -2.12
C GLN D 125 -13.03 -44.78 -1.08
N ASN D 126 -13.12 -46.08 -0.81
CA ASN D 126 -14.18 -46.62 0.09
C ASN D 126 -14.00 -46.07 1.50
N GLU D 127 -12.74 -45.91 1.94
CA GLU D 127 -12.38 -45.41 3.30
C GLU D 127 -12.53 -43.87 3.37
N GLY D 128 -12.74 -43.20 2.24
CA GLY D 128 -12.98 -41.74 2.22
C GLY D 128 -11.75 -40.94 2.63
N LYS D 129 -10.54 -41.40 2.28
CA LYS D 129 -9.26 -40.80 2.77
C LYS D 129 -9.08 -39.42 2.14
N PHE D 130 -8.52 -38.47 2.91
CA PHE D 130 -8.27 -37.09 2.44
C PHE D 130 -6.98 -37.07 1.64
N VAL D 131 -7.03 -37.57 0.40
CA VAL D 131 -5.83 -37.70 -0.47
C VAL D 131 -5.78 -36.53 -1.47
N HIS D 132 -4.59 -36.33 -2.05
CA HIS D 132 -4.28 -35.29 -3.03
C HIS D 132 -5.26 -35.41 -4.20
N HIS D 133 -5.68 -34.26 -4.76
CA HIS D 133 -6.63 -34.11 -5.89
C HIS D 133 -8.07 -34.41 -5.44
N THR D 134 -8.38 -34.21 -4.17
CA THR D 134 -9.77 -34.25 -3.66
C THR D 134 -10.08 -32.97 -2.93
N LEU D 135 -11.33 -32.82 -2.53
CA LEU D 135 -11.79 -31.71 -1.68
C LEU D 135 -11.67 -32.07 -0.19
N ALA D 136 -11.00 -33.17 0.17
CA ALA D 136 -10.81 -33.63 1.57
C ALA D 136 -12.18 -33.73 2.25
N ASP D 137 -13.14 -34.34 1.54
CA ASP D 137 -14.49 -34.64 2.07
C ASP D 137 -14.77 -36.14 1.90
N GLY D 138 -13.79 -36.93 1.46
CA GLY D 138 -13.90 -38.38 1.28
C GLY D 138 -14.83 -38.78 0.14
N ASP D 139 -15.18 -37.85 -0.75
CA ASP D 139 -16.15 -38.11 -1.84
C ASP D 139 -15.37 -38.18 -3.16
N PHE D 140 -15.36 -39.34 -3.79
CA PHE D 140 -14.58 -39.57 -5.04
C PHE D 140 -15.50 -39.58 -6.25
N LYS D 141 -16.73 -39.05 -6.12
CA LYS D 141 -17.76 -39.16 -7.20
C LYS D 141 -18.15 -37.77 -7.76
N HIS D 142 -17.69 -36.68 -7.17
CA HIS D 142 -18.02 -35.31 -7.64
C HIS D 142 -17.65 -35.14 -9.13
N PHE D 143 -16.45 -35.56 -9.51
CA PHE D 143 -15.84 -35.13 -10.79
C PHE D 143 -16.50 -35.90 -11.93
N MET D 144 -16.87 -37.16 -11.69
CA MET D 144 -17.60 -37.93 -12.70
C MET D 144 -18.98 -37.30 -12.89
N LYS D 145 -19.63 -36.88 -11.80
CA LYS D 145 -20.98 -36.24 -11.90
C LYS D 145 -20.87 -34.95 -12.72
N MET D 146 -19.80 -34.18 -12.52
CA MET D 146 -19.60 -32.91 -13.25
C MET D 146 -19.48 -33.20 -14.77
N HIS D 147 -19.14 -34.42 -15.17
CA HIS D 147 -18.98 -34.77 -16.62
C HIS D 147 -20.32 -35.19 -17.25
N GLU D 148 -21.39 -35.31 -16.47
CA GLU D 148 -22.68 -35.87 -16.97
C GLU D 148 -23.15 -35.11 -18.20
N PRO D 149 -23.14 -33.75 -18.24
CA PRO D 149 -23.67 -33.03 -19.40
C PRO D 149 -22.78 -33.07 -20.65
N VAL D 150 -21.53 -33.53 -20.55
CA VAL D 150 -20.57 -33.49 -21.68
C VAL D 150 -20.04 -34.89 -22.01
N THR D 151 -20.77 -35.94 -21.64
CA THR D 151 -20.43 -37.33 -22.00
C THR D 151 -21.71 -38.07 -22.41
N ALA D 152 -21.61 -38.93 -23.41
CA ALA D 152 -22.73 -39.81 -23.82
C ALA D 152 -22.87 -40.95 -22.80
N ALA D 153 -21.76 -41.33 -22.16
CA ALA D 153 -21.68 -42.44 -21.18
C ALA D 153 -20.46 -42.25 -20.30
N ARG D 154 -20.55 -42.73 -19.07
CA ARG D 154 -19.48 -42.62 -18.06
C ARG D 154 -19.57 -43.83 -17.15
N THR D 155 -18.44 -44.24 -16.59
CA THR D 155 -18.37 -45.39 -15.65
C THR D 155 -17.21 -45.19 -14.68
N LEU D 156 -17.44 -45.61 -13.45
CA LEU D 156 -16.40 -45.89 -12.44
C LEU D 156 -16.22 -47.41 -12.36
N LEU D 157 -15.11 -47.93 -12.89
CA LEU D 157 -14.88 -49.38 -13.05
C LEU D 157 -14.66 -50.02 -11.67
N THR D 158 -15.13 -51.25 -11.53
CA THR D 158 -14.77 -52.19 -10.44
C THR D 158 -14.17 -53.43 -11.09
N ALA D 159 -13.40 -54.23 -10.34
CA ALA D 159 -12.83 -55.50 -10.81
C ALA D 159 -13.96 -56.35 -11.40
N GLU D 160 -15.14 -56.31 -10.78
CA GLU D 160 -16.30 -57.17 -11.14
C GLU D 160 -16.89 -56.70 -12.47
N ASN D 161 -17.07 -55.38 -12.64
CA ASN D 161 -17.91 -54.81 -13.74
C ASN D 161 -17.03 -54.43 -14.93
N ALA D 162 -15.71 -54.51 -14.80
CA ALA D 162 -14.76 -53.75 -15.67
C ALA D 162 -15.04 -54.04 -17.14
N THR D 163 -15.02 -55.30 -17.56
CA THR D 163 -15.07 -55.65 -18.99
C THR D 163 -16.45 -55.27 -19.56
N VAL D 164 -17.54 -55.52 -18.83
CA VAL D 164 -18.91 -55.15 -19.27
C VAL D 164 -19.02 -53.62 -19.39
N GLU D 165 -18.50 -52.87 -18.42
CA GLU D 165 -18.65 -51.39 -18.36
C GLU D 165 -17.79 -50.76 -19.45
N ILE D 166 -16.56 -51.23 -19.66
CA ILE D 166 -15.70 -50.77 -20.78
C ILE D 166 -16.50 -50.98 -22.06
N ASP D 167 -17.06 -52.16 -22.27
CA ASP D 167 -17.78 -52.46 -23.52
C ASP D 167 -19.06 -51.59 -23.61
N ARG D 168 -19.76 -51.37 -22.50
CA ARG D 168 -20.99 -50.54 -22.51
C ARG D 168 -20.64 -49.11 -22.97
N VAL D 169 -19.64 -48.46 -22.36
CA VAL D 169 -19.38 -47.02 -22.68
C VAL D 169 -18.77 -46.92 -24.09
N LEU D 170 -17.89 -47.83 -24.49
CA LEU D 170 -17.30 -47.80 -25.86
C LEU D 170 -18.38 -48.11 -26.91
N SER D 171 -19.38 -48.94 -26.60
CA SER D 171 -20.55 -49.17 -27.50
C SER D 171 -21.34 -47.86 -27.65
N ALA D 172 -21.46 -47.07 -26.58
CA ALA D 172 -22.14 -45.76 -26.62
C ALA D 172 -21.33 -44.83 -27.52
N LEU D 173 -20.01 -44.86 -27.42
CA LEU D 173 -19.13 -44.08 -28.32
C LEU D 173 -19.40 -44.50 -29.77
N LEU D 174 -19.53 -45.81 -30.04
CA LEU D 174 -19.75 -46.30 -31.44
C LEU D 174 -21.12 -45.86 -31.95
N LYS D 175 -22.15 -45.91 -31.11
CA LYS D 175 -23.54 -45.55 -31.48
C LYS D 175 -23.66 -44.04 -31.75
N GLU D 176 -23.07 -43.21 -30.88
CA GLU D 176 -23.36 -41.75 -30.83
C GLU D 176 -22.19 -40.93 -31.42
N ARG D 177 -20.98 -41.49 -31.44
CA ARG D 177 -19.67 -40.85 -31.80
C ARG D 177 -19.50 -39.56 -30.98
N LYS D 178 -20.06 -39.53 -29.77
CA LYS D 178 -19.80 -38.50 -28.74
C LYS D 178 -18.79 -39.04 -27.73
N PRO D 179 -18.17 -38.15 -26.95
CA PRO D 179 -17.19 -38.55 -25.95
C PRO D 179 -17.79 -39.38 -24.81
N VAL D 180 -16.93 -40.23 -24.26
CA VAL D 180 -17.27 -41.07 -23.08
C VAL D 180 -16.09 -41.01 -22.10
N TYR D 181 -16.35 -41.48 -20.89
CA TYR D 181 -15.49 -41.24 -19.72
C TYR D 181 -15.36 -42.54 -18.94
N ILE D 182 -14.12 -42.94 -18.64
CA ILE D 182 -13.81 -44.18 -17.89
C ILE D 182 -12.90 -43.81 -16.73
N ASN D 183 -13.42 -43.91 -15.51
CA ASN D 183 -12.66 -43.76 -14.25
C ASN D 183 -12.13 -45.15 -13.89
N LEU D 184 -10.81 -45.24 -13.82
CA LEU D 184 -10.02 -46.49 -13.72
C LEU D 184 -9.24 -46.44 -12.42
N PRO D 185 -9.78 -46.97 -11.29
CA PRO D 185 -8.99 -47.06 -10.05
C PRO D 185 -7.74 -47.91 -10.24
N VAL D 186 -6.65 -47.55 -9.57
CA VAL D 186 -5.30 -48.20 -9.73
C VAL D 186 -5.45 -49.72 -9.62
N ASP D 187 -6.09 -50.21 -8.55
CA ASP D 187 -6.19 -51.67 -8.27
C ASP D 187 -7.08 -52.34 -9.34
N VAL D 188 -8.08 -51.64 -9.84
CA VAL D 188 -9.02 -52.19 -10.86
C VAL D 188 -8.26 -52.37 -12.18
N ALA D 189 -7.46 -51.38 -12.59
CA ALA D 189 -6.62 -51.49 -13.81
C ALA D 189 -5.71 -52.73 -13.74
N ALA D 190 -5.16 -53.03 -12.57
CA ALA D 190 -4.16 -54.11 -12.33
C ALA D 190 -4.85 -55.50 -12.23
N ALA D 191 -6.17 -55.54 -12.08
CA ALA D 191 -6.93 -56.78 -11.83
C ALA D 191 -6.93 -57.65 -13.08
N LYS D 192 -7.03 -58.96 -12.91
CA LYS D 192 -6.99 -59.93 -14.04
C LYS D 192 -8.22 -59.71 -14.94
N ALA D 193 -8.06 -59.96 -16.24
CA ALA D 193 -9.16 -60.03 -17.22
C ALA D 193 -8.82 -61.07 -18.27
N GLU D 194 -9.74 -61.37 -19.18
CA GLU D 194 -9.50 -62.27 -20.34
C GLU D 194 -9.69 -61.46 -21.62
N LYS D 195 -8.84 -61.65 -22.62
CA LYS D 195 -8.91 -60.94 -23.91
C LYS D 195 -10.32 -61.09 -24.48
N PRO D 196 -10.90 -60.04 -25.09
CA PRO D 196 -12.23 -60.14 -25.69
C PRO D 196 -12.20 -61.14 -26.87
N SER D 197 -13.28 -61.92 -27.01
CA SER D 197 -13.44 -63.00 -28.03
C SER D 197 -14.23 -62.48 -29.24
N LEU D 198 -15.03 -61.43 -29.04
CA LEU D 198 -15.82 -60.76 -30.12
C LEU D 198 -15.53 -59.26 -30.11
N PRO D 199 -15.42 -58.62 -31.30
CA PRO D 199 -15.29 -57.16 -31.39
C PRO D 199 -16.58 -56.46 -30.94
N LEU D 200 -16.46 -55.19 -30.51
CA LEU D 200 -17.61 -54.28 -30.24
C LEU D 200 -18.39 -54.11 -31.55
N LYS D 201 -19.70 -53.81 -31.44
CA LYS D 201 -20.61 -53.52 -32.59
C LYS D 201 -19.88 -53.81 -33.90
N ASN D 208 -35.37 -50.76 -39.64
CA ASN D 208 -35.04 -51.22 -41.02
C ASN D 208 -36.21 -50.91 -41.95
N THR D 209 -37.46 -51.19 -41.56
CA THR D 209 -38.68 -50.86 -42.34
C THR D 209 -38.86 -49.33 -42.37
N SER D 210 -38.53 -48.66 -41.27
CA SER D 210 -38.52 -47.17 -41.12
C SER D 210 -37.38 -46.56 -41.95
N ASP D 211 -36.19 -47.15 -41.86
CA ASP D 211 -35.03 -46.81 -42.72
C ASP D 211 -35.49 -46.85 -44.18
N GLN D 212 -36.15 -47.93 -44.59
CA GLN D 212 -36.56 -48.12 -46.01
C GLN D 212 -37.63 -47.09 -46.41
N GLU D 213 -38.61 -46.81 -45.55
CA GLU D 213 -39.64 -45.75 -45.82
C GLU D 213 -38.93 -44.40 -46.04
N ILE D 214 -37.96 -44.07 -45.19
CA ILE D 214 -37.19 -42.80 -45.30
C ILE D 214 -36.43 -42.78 -46.65
N LEU D 215 -35.70 -43.85 -46.95
CA LEU D 215 -34.91 -43.99 -48.21
C LEU D 215 -35.85 -43.86 -49.42
N ASN D 216 -37.00 -44.55 -49.40
CA ASN D 216 -37.99 -44.46 -50.50
C ASN D 216 -38.44 -43.01 -50.72
N LYS D 217 -38.70 -42.26 -49.64
CA LYS D 217 -39.17 -40.84 -49.76
C LYS D 217 -38.03 -39.94 -50.25
N ILE D 218 -36.79 -40.18 -49.83
CA ILE D 218 -35.60 -39.45 -50.35
C ILE D 218 -35.48 -39.68 -51.85
N GLN D 219 -35.50 -40.94 -52.27
CA GLN D 219 -35.36 -41.33 -53.70
C GLN D 219 -36.44 -40.60 -54.52
N GLU D 220 -37.68 -40.61 -54.02
CA GLU D 220 -38.88 -40.02 -54.68
C GLU D 220 -38.75 -38.50 -54.77
N SER D 221 -38.31 -37.84 -53.69
CA SER D 221 -38.11 -36.36 -53.69
C SER D 221 -36.98 -35.99 -54.67
N LEU D 222 -35.90 -36.76 -54.70
CA LEU D 222 -34.74 -36.49 -55.60
C LEU D 222 -35.20 -36.72 -57.05
N LYS D 223 -35.94 -37.79 -57.30
CA LYS D 223 -36.51 -38.15 -58.64
C LYS D 223 -37.33 -36.96 -59.16
N ASN D 224 -38.12 -36.33 -58.29
CA ASN D 224 -39.16 -35.33 -58.70
C ASN D 224 -38.58 -33.91 -58.68
N ALA D 225 -37.45 -33.67 -58.00
CA ALA D 225 -36.92 -32.31 -57.80
C ALA D 225 -36.33 -31.75 -59.12
N LYS D 226 -36.60 -30.49 -59.41
CA LYS D 226 -35.99 -29.75 -60.55
C LYS D 226 -34.65 -29.15 -60.10
N LYS D 227 -34.52 -28.86 -58.80
CA LYS D 227 -33.41 -28.06 -58.26
C LYS D 227 -33.15 -28.50 -56.83
N PRO D 228 -32.72 -29.76 -56.63
CA PRO D 228 -32.45 -30.25 -55.28
C PRO D 228 -31.13 -29.63 -54.77
N ILE D 229 -31.00 -29.50 -53.45
CA ILE D 229 -29.71 -29.16 -52.81
C ILE D 229 -29.45 -30.17 -51.70
N VAL D 230 -28.25 -30.74 -51.68
CA VAL D 230 -27.76 -31.57 -50.54
C VAL D 230 -26.96 -30.63 -49.64
N ILE D 231 -27.19 -30.70 -48.33
CA ILE D 231 -26.38 -29.98 -47.32
C ILE D 231 -25.86 -31.02 -46.33
N THR D 232 -24.55 -31.12 -46.16
CA THR D 232 -23.92 -32.05 -45.19
C THR D 232 -23.23 -31.24 -44.10
N GLY D 233 -23.12 -31.82 -42.92
CA GLY D 233 -22.52 -31.13 -41.77
C GLY D 233 -21.63 -32.03 -40.95
N HIS D 234 -21.36 -31.59 -39.73
CA HIS D 234 -20.31 -32.15 -38.84
C HIS D 234 -20.59 -33.61 -38.49
N GLU D 235 -21.83 -34.05 -38.45
CA GLU D 235 -22.13 -35.44 -38.01
C GLU D 235 -21.63 -36.45 -39.05
N ILE D 236 -21.54 -36.05 -40.33
CA ILE D 236 -20.87 -36.88 -41.37
C ILE D 236 -19.40 -37.10 -40.98
N ILE D 237 -18.73 -36.05 -40.53
CA ILE D 237 -17.29 -36.14 -40.14
C ILE D 237 -17.18 -37.07 -38.93
N SER D 238 -18.09 -36.93 -37.96
CA SER D 238 -18.15 -37.70 -36.70
C SER D 238 -18.08 -39.21 -36.99
N PHE D 239 -18.82 -39.65 -38.00
CA PHE D 239 -18.94 -41.09 -38.35
C PHE D 239 -17.93 -41.50 -39.44
N GLY D 240 -17.11 -40.58 -39.94
CA GLY D 240 -16.15 -40.89 -41.03
C GLY D 240 -16.88 -41.22 -42.32
N LEU D 241 -17.95 -40.49 -42.59
CA LEU D 241 -18.81 -40.77 -43.77
C LEU D 241 -18.47 -39.85 -44.95
N GLU D 242 -17.40 -39.08 -44.88
CA GLU D 242 -17.07 -38.11 -45.95
C GLU D 242 -16.96 -38.85 -47.30
N LYS D 243 -16.25 -39.98 -47.33
CA LYS D 243 -15.94 -40.68 -48.61
C LYS D 243 -17.25 -41.24 -49.20
N THR D 244 -18.18 -41.65 -48.33
CA THR D 244 -19.53 -42.15 -48.71
C THR D 244 -20.31 -41.00 -49.35
N VAL D 245 -20.39 -39.86 -48.67
CA VAL D 245 -21.11 -38.66 -49.16
C VAL D 245 -20.52 -38.26 -50.53
N SER D 246 -19.18 -38.24 -50.65
CA SER D 246 -18.47 -37.86 -51.90
C SER D 246 -18.83 -38.82 -53.03
N GLN D 247 -18.86 -40.12 -52.76
CA GLN D 247 -19.24 -41.16 -53.75
C GLN D 247 -20.69 -40.94 -54.19
N PHE D 248 -21.58 -40.62 -53.26
CA PHE D 248 -23.02 -40.34 -53.50
C PHE D 248 -23.15 -39.13 -54.43
N ILE D 249 -22.46 -38.03 -54.10
CA ILE D 249 -22.54 -36.78 -54.91
C ILE D 249 -21.89 -37.01 -56.28
N SER D 250 -20.75 -37.72 -56.34
CA SER D 250 -20.02 -37.97 -57.61
C SER D 250 -20.93 -38.72 -58.59
N LYS D 251 -21.61 -39.77 -58.11
CA LYS D 251 -22.49 -40.65 -58.93
C LYS D 251 -23.73 -39.85 -59.38
N THR D 252 -24.40 -39.12 -58.47
CA THR D 252 -25.70 -38.46 -58.72
C THR D 252 -25.54 -37.09 -59.37
N LYS D 253 -24.38 -36.44 -59.22
CA LYS D 253 -24.12 -35.05 -59.69
C LYS D 253 -25.00 -34.02 -58.97
N LEU D 254 -25.53 -34.39 -57.81
CA LEU D 254 -26.44 -33.50 -57.06
C LEU D 254 -25.67 -32.27 -56.59
N PRO D 255 -26.27 -31.07 -56.70
CA PRO D 255 -25.71 -29.88 -56.08
C PRO D 255 -25.53 -30.14 -54.57
N ILE D 256 -24.39 -29.74 -54.05
CA ILE D 256 -24.12 -29.86 -52.58
C ILE D 256 -23.48 -28.57 -52.10
N THR D 257 -23.87 -28.17 -50.89
CA THR D 257 -23.19 -27.14 -50.07
C THR D 257 -22.93 -27.74 -48.69
N THR D 258 -22.02 -27.16 -47.92
CA THR D 258 -21.95 -27.43 -46.46
C THR D 258 -21.99 -26.09 -45.73
N LEU D 259 -22.30 -26.14 -44.45
CA LEU D 259 -22.02 -25.01 -43.54
C LEU D 259 -20.52 -25.01 -43.26
N ASN D 260 -20.03 -23.95 -42.61
CA ASN D 260 -18.66 -23.89 -42.07
C ASN D 260 -18.56 -24.85 -40.86
N PHE D 261 -19.69 -25.29 -40.33
CA PHE D 261 -19.82 -26.33 -39.28
C PHE D 261 -20.00 -27.67 -40.02
N GLY D 262 -18.92 -28.42 -40.18
CA GLY D 262 -18.85 -29.64 -41.00
C GLY D 262 -18.26 -29.40 -42.38
N LYS D 263 -17.51 -28.33 -42.55
CA LYS D 263 -16.71 -28.10 -43.79
C LYS D 263 -15.79 -29.30 -44.02
N SER D 264 -15.77 -29.82 -45.24
CA SER D 264 -15.00 -31.00 -45.70
C SER D 264 -15.76 -32.30 -45.39
N SER D 265 -17.05 -32.20 -45.06
CA SER D 265 -17.96 -33.37 -44.95
C SER D 265 -18.20 -33.97 -46.35
N VAL D 266 -17.87 -33.21 -47.39
CA VAL D 266 -17.81 -33.70 -48.79
C VAL D 266 -16.47 -33.24 -49.39
N ASP D 267 -16.04 -33.89 -50.45
CA ASP D 267 -14.92 -33.44 -51.31
C ASP D 267 -15.31 -32.15 -52.05
N GLU D 268 -14.74 -31.02 -51.66
CA GLU D 268 -15.07 -29.68 -52.23
C GLU D 268 -14.63 -29.57 -53.71
N ALA D 269 -13.77 -30.46 -54.19
CA ALA D 269 -13.29 -30.46 -55.59
C ALA D 269 -14.31 -31.10 -56.53
N LEU D 270 -15.41 -31.64 -56.02
CA LEU D 270 -16.46 -32.22 -56.91
C LEU D 270 -17.13 -31.10 -57.68
N PRO D 271 -17.44 -31.31 -58.99
CA PRO D 271 -17.97 -30.23 -59.81
C PRO D 271 -19.28 -29.61 -59.26
N SER D 272 -20.09 -30.39 -58.53
CA SER D 272 -21.42 -29.95 -58.04
C SER D 272 -21.32 -29.32 -56.64
N PHE D 273 -20.11 -29.25 -56.06
CA PHE D 273 -19.95 -28.52 -54.78
C PHE D 273 -20.01 -27.01 -55.05
N LEU D 274 -20.92 -26.30 -54.39
CA LEU D 274 -21.26 -24.91 -54.72
C LEU D 274 -20.45 -23.92 -53.87
N GLY D 275 -19.94 -24.37 -52.72
CA GLY D 275 -19.30 -23.49 -51.75
C GLY D 275 -19.99 -23.57 -50.39
N ILE D 276 -19.63 -22.67 -49.48
CA ILE D 276 -20.08 -22.70 -48.07
C ILE D 276 -21.29 -21.78 -47.95
N TYR D 277 -22.42 -22.35 -47.57
CA TYR D 277 -23.65 -21.61 -47.21
C TYR D 277 -23.51 -21.08 -45.77
N ASN D 278 -23.62 -19.76 -45.62
CA ASN D 278 -23.49 -19.07 -44.30
C ASN D 278 -24.56 -17.97 -44.24
N GLY D 279 -25.82 -18.35 -44.38
CA GLY D 279 -26.97 -17.41 -44.38
C GLY D 279 -26.71 -16.25 -45.32
N LYS D 280 -27.03 -15.03 -44.88
CA LYS D 280 -26.98 -13.86 -45.80
C LYS D 280 -25.52 -13.48 -46.10
N LEU D 281 -24.53 -14.08 -45.41
CA LEU D 281 -23.10 -13.77 -45.68
C LEU D 281 -22.54 -14.71 -46.77
N SER D 282 -23.36 -15.58 -47.35
CA SER D 282 -22.99 -16.47 -48.47
C SER D 282 -22.65 -15.63 -49.70
N GLU D 283 -21.79 -16.13 -50.57
CA GLU D 283 -21.61 -15.58 -51.94
C GLU D 283 -23.00 -15.53 -52.58
N PRO D 284 -23.40 -14.42 -53.23
CA PRO D 284 -24.78 -14.23 -53.71
C PRO D 284 -25.34 -15.34 -54.62
N ASN D 285 -24.55 -15.83 -55.57
CA ASN D 285 -25.01 -16.89 -56.52
C ASN D 285 -25.33 -18.16 -55.71
N LEU D 286 -24.49 -18.51 -54.76
CA LEU D 286 -24.70 -19.68 -53.87
C LEU D 286 -25.99 -19.50 -53.05
N LYS D 287 -26.13 -18.32 -52.45
CA LYS D 287 -27.29 -17.96 -51.58
C LYS D 287 -28.57 -18.16 -52.40
N GLU D 288 -28.62 -17.57 -53.59
CA GLU D 288 -29.78 -17.61 -54.52
C GLU D 288 -30.11 -19.07 -54.85
N PHE D 289 -29.11 -19.91 -55.14
CA PHE D 289 -29.31 -21.32 -55.52
C PHE D 289 -29.92 -22.08 -54.35
N VAL D 290 -29.28 -22.00 -53.17
CA VAL D 290 -29.70 -22.83 -52.00
C VAL D 290 -31.13 -22.45 -51.62
N GLU D 291 -31.44 -21.16 -51.60
CA GLU D 291 -32.69 -20.61 -51.04
C GLU D 291 -33.83 -20.74 -52.05
N SER D 292 -33.54 -21.05 -53.32
CA SER D 292 -34.56 -21.32 -54.37
C SER D 292 -34.69 -22.82 -54.66
N ALA D 293 -33.90 -23.68 -54.04
CA ALA D 293 -33.98 -25.15 -54.25
C ALA D 293 -35.40 -25.62 -53.89
N ASP D 294 -35.94 -26.57 -54.65
CA ASP D 294 -37.34 -27.07 -54.49
C ASP D 294 -37.33 -28.31 -53.59
N PHE D 295 -36.17 -28.87 -53.27
CA PHE D 295 -36.06 -29.94 -52.24
C PHE D 295 -34.69 -29.85 -51.57
N ILE D 296 -34.67 -29.99 -50.23
CA ILE D 296 -33.42 -29.89 -49.42
C ILE D 296 -33.20 -31.24 -48.74
N LEU D 297 -32.03 -31.85 -48.96
CA LEU D 297 -31.60 -33.03 -48.20
C LEU D 297 -30.47 -32.64 -47.26
N MET D 298 -30.74 -32.56 -45.94
CA MET D 298 -29.74 -32.11 -44.94
C MET D 298 -29.26 -33.34 -44.17
N LEU D 299 -27.96 -33.62 -44.21
CA LEU D 299 -27.38 -34.83 -43.61
C LEU D 299 -26.34 -34.41 -42.54
N GLY D 300 -26.63 -34.67 -41.27
CA GLY D 300 -25.69 -34.42 -40.15
C GLY D 300 -25.45 -32.93 -39.89
N VAL D 301 -26.43 -32.08 -40.17
CA VAL D 301 -26.28 -30.60 -40.03
C VAL D 301 -26.89 -30.14 -38.70
N LYS D 302 -26.26 -29.19 -38.03
CA LYS D 302 -26.90 -28.35 -36.97
C LYS D 302 -26.65 -26.88 -37.32
N LEU D 303 -27.73 -26.08 -37.24
CA LEU D 303 -27.72 -24.67 -37.68
C LEU D 303 -27.38 -23.81 -36.46
N THR D 304 -26.18 -23.23 -36.42
CA THR D 304 -25.67 -22.47 -35.25
C THR D 304 -25.39 -21.04 -35.69
N ASP D 305 -25.18 -20.12 -34.75
CA ASP D 305 -25.06 -18.67 -35.09
C ASP D 305 -23.89 -18.48 -36.06
N SER D 306 -22.72 -19.10 -35.80
CA SER D 306 -21.49 -18.79 -36.54
C SER D 306 -21.55 -19.46 -37.92
N SER D 307 -22.43 -20.44 -38.08
CA SER D 307 -22.59 -21.25 -39.31
C SER D 307 -23.82 -20.83 -40.14
N THR D 308 -24.59 -19.84 -39.69
CA THR D 308 -25.82 -19.40 -40.44
C THR D 308 -25.85 -17.89 -40.65
N GLY D 309 -24.72 -17.19 -40.55
CA GLY D 309 -24.71 -15.71 -40.60
C GLY D 309 -25.62 -15.14 -39.52
N VAL D 310 -25.49 -15.70 -38.33
CA VAL D 310 -26.31 -15.35 -37.12
C VAL D 310 -27.78 -15.50 -37.50
N PHE D 311 -28.16 -16.72 -37.90
CA PHE D 311 -29.56 -17.18 -38.11
C PHE D 311 -30.23 -16.36 -39.21
N THR D 312 -29.50 -16.04 -40.28
CA THR D 312 -30.04 -15.34 -41.47
C THR D 312 -30.22 -16.34 -42.63
N HIS D 313 -30.24 -17.64 -42.31
CA HIS D 313 -30.43 -18.74 -43.28
C HIS D 313 -31.91 -18.79 -43.66
N HIS D 314 -32.19 -19.38 -44.82
CA HIS D 314 -33.58 -19.61 -45.32
C HIS D 314 -33.65 -21.03 -45.87
N LEU D 315 -33.90 -21.99 -44.98
CA LEU D 315 -33.92 -23.44 -45.30
C LEU D 315 -35.28 -24.02 -44.87
N ASN D 316 -36.28 -23.91 -45.75
CA ASN D 316 -37.70 -24.19 -45.42
C ASN D 316 -37.92 -25.69 -45.18
N GLU D 317 -38.40 -26.00 -43.98
CA GLU D 317 -38.56 -27.38 -43.47
C GLU D 317 -39.65 -28.13 -44.24
N ASN D 318 -40.60 -27.41 -44.84
CA ASN D 318 -41.71 -28.04 -45.60
C ASN D 318 -41.17 -28.71 -46.88
N LYS D 319 -39.99 -28.33 -47.38
CA LYS D 319 -39.42 -28.99 -48.59
C LYS D 319 -38.10 -29.68 -48.24
N MET D 320 -37.96 -30.10 -46.97
CA MET D 320 -36.67 -30.59 -46.43
C MET D 320 -36.88 -32.00 -45.88
N ILE D 321 -35.96 -32.91 -46.19
CA ILE D 321 -35.71 -34.12 -45.36
C ILE D 321 -34.37 -33.92 -44.68
N SER D 322 -34.38 -33.88 -43.35
CA SER D 322 -33.15 -33.74 -42.54
C SER D 322 -32.94 -35.03 -41.75
N LEU D 323 -31.69 -35.51 -41.71
CA LEU D 323 -31.29 -36.72 -40.96
C LEU D 323 -30.12 -36.31 -40.05
N ASN D 324 -30.26 -36.56 -38.76
CA ASN D 324 -29.22 -36.35 -37.72
C ASN D 324 -29.03 -37.67 -36.97
N ILE D 325 -27.99 -37.75 -36.15
CA ILE D 325 -27.70 -38.96 -35.33
C ILE D 325 -28.92 -39.25 -34.44
N ASP D 326 -29.47 -38.22 -33.78
CA ASP D 326 -30.45 -38.34 -32.66
C ASP D 326 -31.88 -38.30 -33.20
N GLU D 327 -32.10 -37.70 -34.37
CA GLU D 327 -33.47 -37.44 -34.88
C GLU D 327 -33.46 -37.08 -36.36
N GLY D 328 -34.65 -37.04 -36.95
CA GLY D 328 -34.86 -36.66 -38.36
C GLY D 328 -36.13 -35.88 -38.49
N LYS D 329 -36.32 -35.23 -39.64
CA LYS D 329 -37.55 -34.52 -40.00
C LYS D 329 -37.83 -34.82 -41.47
N ILE D 330 -39.03 -35.37 -41.72
CA ILE D 330 -39.51 -35.64 -43.10
C ILE D 330 -40.61 -34.62 -43.39
N PHE D 331 -40.28 -33.57 -44.14
CA PHE D 331 -41.22 -32.47 -44.46
C PHE D 331 -41.93 -32.06 -43.18
N ASN D 332 -41.14 -31.78 -42.13
CA ASN D 332 -41.59 -31.11 -40.89
C ASN D 332 -42.33 -32.11 -39.97
N GLU D 333 -42.29 -33.41 -40.29
CA GLU D 333 -42.70 -34.51 -39.37
C GLU D 333 -41.46 -35.15 -38.73
N SER D 334 -41.32 -35.06 -37.40
CA SER D 334 -40.23 -35.70 -36.60
C SER D 334 -40.26 -37.22 -36.81
N ILE D 335 -39.09 -37.85 -36.92
CA ILE D 335 -38.90 -39.34 -36.88
C ILE D 335 -37.70 -39.64 -35.98
N GLN D 336 -37.70 -40.80 -35.33
CA GLN D 336 -36.72 -41.15 -34.25
C GLN D 336 -36.10 -42.53 -34.50
N ASN D 337 -36.87 -43.47 -35.08
CA ASN D 337 -36.49 -44.91 -35.23
C ASN D 337 -35.87 -45.13 -36.61
N PHE D 338 -34.58 -44.80 -36.74
CA PHE D 338 -33.70 -45.10 -37.90
C PHE D 338 -32.24 -45.18 -37.41
N ASP D 339 -31.38 -45.82 -38.19
CA ASP D 339 -29.92 -45.83 -37.94
C ASP D 339 -29.26 -44.84 -38.90
N PHE D 340 -28.73 -43.74 -38.36
CA PHE D 340 -28.06 -42.67 -39.12
C PHE D 340 -27.00 -43.25 -40.07
N GLU D 341 -26.00 -43.98 -39.55
CA GLU D 341 -24.84 -44.46 -40.34
C GLU D 341 -25.31 -45.32 -41.53
N SER D 342 -26.14 -46.33 -41.30
CA SER D 342 -26.59 -47.24 -42.40
C SER D 342 -27.52 -46.50 -43.38
N LEU D 343 -28.33 -45.54 -42.92
CA LEU D 343 -29.18 -44.71 -43.81
C LEU D 343 -28.30 -43.92 -44.77
N ILE D 344 -27.29 -43.22 -44.27
CA ILE D 344 -26.34 -42.46 -45.13
C ILE D 344 -25.70 -43.45 -46.12
N SER D 345 -25.18 -44.58 -45.65
CA SER D 345 -24.50 -45.60 -46.49
C SER D 345 -25.47 -46.09 -47.57
N SER D 346 -26.77 -46.19 -47.24
CA SER D 346 -27.82 -46.70 -48.16
C SER D 346 -28.15 -45.69 -49.25
N LEU D 347 -27.71 -44.43 -49.14
CA LEU D 347 -27.88 -43.44 -50.25
C LEU D 347 -27.13 -43.92 -51.50
N LEU D 348 -26.07 -44.73 -51.35
CA LEU D 348 -25.26 -45.27 -52.47
C LEU D 348 -26.07 -46.32 -53.26
N ASP D 349 -27.21 -46.77 -52.71
CA ASP D 349 -28.08 -47.80 -53.34
C ASP D 349 -29.19 -47.14 -54.15
N LEU D 350 -29.50 -45.86 -53.90
CA LEU D 350 -30.54 -45.10 -54.65
C LEU D 350 -30.18 -45.14 -56.13
N SER D 351 -31.09 -45.64 -56.96
CA SER D 351 -30.87 -45.84 -58.42
C SER D 351 -31.56 -44.72 -59.18
N GLU D 352 -31.11 -44.49 -60.41
CA GLU D 352 -31.79 -43.63 -61.41
C GLU D 352 -31.84 -42.19 -60.88
N ILE D 353 -30.83 -41.77 -60.12
CA ILE D 353 -30.64 -40.33 -59.76
C ILE D 353 -29.46 -39.74 -60.53
N GLU D 354 -29.75 -38.76 -61.39
CA GLU D 354 -28.69 -37.94 -62.03
C GLU D 354 -29.27 -36.56 -62.26
N TYR D 355 -28.72 -35.56 -61.56
CA TYR D 355 -29.00 -34.13 -61.80
C TYR D 355 -28.35 -33.71 -63.12
N LYS D 356 -29.13 -33.04 -63.97
CA LYS D 356 -28.74 -32.63 -65.34
C LYS D 356 -28.99 -31.14 -65.47
N GLY D 357 -29.18 -30.43 -64.36
CA GLY D 357 -29.31 -28.97 -64.34
C GLY D 357 -27.96 -28.25 -64.21
N LYS D 358 -28.01 -26.95 -63.94
CA LYS D 358 -26.84 -26.06 -63.79
C LYS D 358 -26.43 -26.00 -62.31
N TYR D 359 -25.19 -25.61 -62.05
CA TYR D 359 -24.72 -25.24 -60.69
C TYR D 359 -24.68 -23.71 -60.64
N ILE D 360 -23.58 -23.11 -60.20
CA ILE D 360 -23.43 -21.63 -60.18
C ILE D 360 -22.12 -21.26 -60.88
N ASP D 361 -22.00 -19.99 -61.26
CA ASP D 361 -20.72 -19.33 -61.62
C ASP D 361 -19.75 -19.46 -60.43
N LYS D 362 -18.67 -20.23 -60.58
CA LYS D 362 -17.61 -20.40 -59.54
C LYS D 362 -16.30 -19.78 -60.07
N LYS D 363 -16.39 -19.00 -61.15
CA LYS D 363 -15.34 -18.05 -61.64
C LYS D 363 -14.16 -18.04 -60.65
N GLN D 364 -13.15 -18.89 -60.88
CA GLN D 364 -11.94 -19.04 -60.03
C GLN D 364 -10.84 -18.09 -60.54
N GLU D 365 -10.42 -17.13 -59.71
CA GLU D 365 -9.53 -16.00 -60.10
C GLU D 365 -8.06 -16.39 -59.93
N ASP D 366 -7.22 -15.95 -60.85
CA ASP D 366 -5.76 -15.85 -60.63
C ASP D 366 -5.52 -15.03 -59.35
N PHE D 367 -4.69 -15.52 -58.43
CA PHE D 367 -4.03 -14.64 -57.42
C PHE D 367 -2.67 -14.21 -57.96
N VAL D 368 -2.53 -12.89 -58.17
CA VAL D 368 -1.23 -12.27 -58.53
C VAL D 368 -0.79 -11.38 -57.37
N PRO D 369 0.27 -11.76 -56.64
CA PRO D 369 0.81 -10.96 -55.55
C PRO D 369 1.51 -9.69 -56.06
N SER D 370 1.50 -8.65 -55.22
CA SER D 370 2.36 -7.45 -55.32
C SER D 370 3.20 -7.36 -54.04
N ASN D 371 3.91 -6.25 -53.86
CA ASN D 371 4.70 -6.02 -52.63
C ASN D 371 3.83 -5.29 -51.60
N ALA D 372 2.52 -5.21 -51.85
CA ALA D 372 1.58 -4.54 -50.91
C ALA D 372 1.66 -5.18 -49.52
N LEU D 373 1.55 -4.35 -48.49
CA LEU D 373 1.36 -4.78 -47.08
C LEU D 373 0.28 -5.85 -47.07
N LEU D 374 0.54 -6.96 -46.38
CA LEU D 374 -0.44 -8.08 -46.28
C LEU D 374 -1.74 -7.56 -45.66
N SER D 375 -2.85 -7.86 -46.30
CA SER D 375 -4.22 -7.56 -45.84
C SER D 375 -4.98 -8.88 -45.79
N GLN D 376 -6.02 -8.94 -44.96
CA GLN D 376 -6.81 -10.14 -44.68
C GLN D 376 -7.42 -10.68 -45.98
N ASP D 377 -8.17 -9.87 -46.72
CA ASP D 377 -8.88 -10.38 -47.91
C ASP D 377 -7.87 -10.96 -48.90
N ARG D 378 -6.72 -10.30 -49.13
CA ARG D 378 -5.71 -10.81 -50.09
C ARG D 378 -5.02 -12.08 -49.55
N LEU D 379 -4.75 -12.15 -48.23
CA LEU D 379 -4.21 -13.37 -47.57
C LEU D 379 -5.10 -14.56 -47.93
N TRP D 380 -6.43 -14.46 -47.75
CA TRP D 380 -7.33 -15.64 -47.93
C TRP D 380 -7.46 -15.97 -49.42
N GLN D 381 -7.43 -14.97 -50.30
CA GLN D 381 -7.31 -15.19 -51.77
C GLN D 381 -6.02 -15.97 -52.08
N ALA D 382 -4.90 -15.59 -51.48
CA ALA D 382 -3.58 -16.24 -51.68
C ALA D 382 -3.65 -17.70 -51.20
N VAL D 383 -4.19 -17.94 -50.01
CA VAL D 383 -4.31 -19.31 -49.45
C VAL D 383 -5.17 -20.16 -50.39
N GLU D 384 -6.31 -19.64 -50.85
CA GLU D 384 -7.19 -20.38 -51.78
C GLU D 384 -6.40 -20.79 -53.04
N ASN D 385 -5.60 -19.86 -53.57
CA ASN D 385 -4.83 -20.04 -54.82
C ASN D 385 -3.76 -21.11 -54.59
N LEU D 386 -3.13 -21.12 -53.40
CA LEU D 386 -1.87 -21.89 -53.22
C LEU D 386 -2.12 -23.25 -52.55
N THR D 387 -3.25 -23.45 -51.86
CA THR D 387 -3.53 -24.75 -51.19
C THR D 387 -3.45 -25.86 -52.25
N GLN D 388 -2.96 -27.03 -51.83
CA GLN D 388 -2.68 -28.18 -52.73
C GLN D 388 -3.56 -29.35 -52.31
N SER D 389 -3.68 -30.37 -53.14
CA SER D 389 -4.31 -31.67 -52.78
CA SER D 389 -4.34 -31.65 -52.75
C SER D 389 -3.63 -32.26 -51.55
N ASN D 390 -4.34 -33.11 -50.79
CA ASN D 390 -3.78 -33.91 -49.68
C ASN D 390 -3.34 -32.95 -48.56
N GLU D 391 -4.08 -31.86 -48.36
CA GLU D 391 -3.82 -30.90 -47.25
C GLU D 391 -5.00 -30.91 -46.27
N THR D 392 -4.71 -30.62 -45.00
CA THR D 392 -5.77 -30.40 -43.99
C THR D 392 -5.57 -28.97 -43.52
N ILE D 393 -6.55 -28.11 -43.77
CA ILE D 393 -6.54 -26.69 -43.31
C ILE D 393 -7.26 -26.63 -41.97
N VAL D 394 -6.58 -26.04 -40.98
CA VAL D 394 -7.12 -25.88 -39.60
C VAL D 394 -7.18 -24.38 -39.31
N ALA D 395 -8.33 -23.87 -38.90
CA ALA D 395 -8.55 -22.42 -38.77
C ALA D 395 -9.23 -22.06 -37.45
N GLU D 396 -8.56 -21.19 -36.69
CA GLU D 396 -8.97 -20.79 -35.33
C GLU D 396 -10.06 -19.72 -35.42
N GLN D 397 -10.97 -19.73 -34.46
CA GLN D 397 -11.95 -18.62 -34.28
C GLN D 397 -11.18 -17.30 -34.26
N GLY D 398 -11.74 -16.30 -34.89
CA GLY D 398 -11.04 -15.04 -35.20
C GLY D 398 -11.01 -14.81 -36.68
N THR D 399 -10.13 -13.90 -37.11
CA THR D 399 -10.02 -13.61 -38.55
C THR D 399 -9.72 -14.90 -39.30
N SER D 400 -8.94 -15.83 -38.73
CA SER D 400 -8.52 -17.05 -39.47
C SER D 400 -9.75 -17.88 -39.91
N PHE D 401 -10.69 -18.16 -39.00
CA PHE D 401 -11.85 -19.01 -39.36
C PHE D 401 -12.72 -18.30 -40.39
N PHE D 402 -13.01 -17.01 -40.18
CA PHE D 402 -13.92 -16.23 -41.05
C PHE D 402 -13.27 -16.04 -42.43
N GLY D 403 -11.94 -15.97 -42.50
CA GLY D 403 -11.22 -15.83 -43.79
C GLY D 403 -11.07 -17.15 -44.51
N ALA D 404 -10.73 -18.21 -43.78
CA ALA D 404 -10.36 -19.52 -44.36
C ALA D 404 -11.59 -20.40 -44.63
N SER D 405 -12.68 -20.29 -43.87
CA SER D 405 -13.79 -21.28 -43.96
C SER D 405 -14.43 -21.23 -45.36
N PRO D 406 -14.52 -20.08 -46.07
CA PRO D 406 -15.11 -20.06 -47.42
C PRO D 406 -14.25 -20.62 -48.55
N ILE D 407 -12.98 -20.94 -48.26
CA ILE D 407 -11.97 -21.28 -49.29
C ILE D 407 -12.33 -22.62 -49.92
N PHE D 408 -12.29 -22.72 -51.25
CA PHE D 408 -12.46 -24.02 -51.95
C PHE D 408 -11.20 -24.86 -51.75
N LEU D 409 -11.38 -26.07 -51.24
CA LEU D 409 -10.28 -27.02 -50.99
C LEU D 409 -9.97 -27.74 -52.29
N LYS D 410 -8.75 -28.24 -52.43
CA LYS D 410 -8.35 -29.15 -53.53
C LYS D 410 -8.78 -30.57 -53.19
N PRO D 411 -8.66 -31.51 -54.15
CA PRO D 411 -8.99 -32.91 -53.90
C PRO D 411 -8.24 -33.49 -52.70
N LYS D 412 -8.80 -34.54 -52.09
CA LYS D 412 -8.22 -35.35 -50.99
C LYS D 412 -7.83 -34.40 -49.84
N SER D 413 -8.63 -33.36 -49.61
CA SER D 413 -8.31 -32.35 -48.57
C SER D 413 -9.38 -32.34 -47.48
N HIS D 414 -9.00 -31.80 -46.33
CA HIS D 414 -9.86 -31.76 -45.12
C HIS D 414 -9.73 -30.38 -44.49
N PHE D 415 -10.70 -30.08 -43.62
CA PHE D 415 -10.76 -28.82 -42.87
C PHE D 415 -11.10 -29.15 -41.42
N ILE D 416 -10.46 -28.45 -40.50
CA ILE D 416 -10.86 -28.48 -39.07
C ILE D 416 -11.13 -27.05 -38.63
N GLY D 417 -12.34 -26.81 -38.15
CA GLY D 417 -12.71 -25.61 -37.40
C GLY D 417 -13.77 -25.98 -36.39
N GLN D 418 -13.98 -25.10 -35.42
CA GLN D 418 -14.78 -25.38 -34.21
C GLN D 418 -15.79 -24.26 -33.98
N PRO D 419 -16.72 -24.04 -34.94
CA PRO D 419 -17.56 -22.86 -34.90
C PRO D 419 -18.67 -22.92 -33.85
N LEU D 420 -19.06 -24.11 -33.41
CA LEU D 420 -20.09 -24.23 -32.34
C LEU D 420 -19.43 -24.03 -30.98
N TRP D 421 -18.47 -24.87 -30.60
CA TRP D 421 -17.87 -24.72 -29.27
C TRP D 421 -17.05 -23.43 -29.24
N GLY D 422 -16.20 -23.22 -30.24
CA GLY D 422 -15.49 -21.95 -30.46
C GLY D 422 -14.51 -21.61 -29.35
N SER D 423 -13.72 -22.57 -28.86
CA SER D 423 -12.75 -22.36 -27.75
C SER D 423 -11.37 -21.99 -28.34
N ILE D 424 -10.99 -20.74 -28.23
CA ILE D 424 -9.72 -20.27 -28.87
C ILE D 424 -8.55 -20.98 -28.20
N GLY D 425 -7.58 -21.37 -29.04
CA GLY D 425 -6.42 -22.17 -28.61
C GLY D 425 -6.59 -23.62 -29.04
N TYR D 426 -7.83 -24.08 -29.15
CA TYR D 426 -8.19 -25.47 -29.55
C TYR D 426 -7.30 -25.87 -30.75
N THR D 427 -7.20 -25.00 -31.76
CA THR D 427 -6.71 -25.40 -33.11
C THR D 427 -5.24 -25.78 -33.09
N PHE D 428 -4.42 -25.25 -32.20
CA PHE D 428 -2.98 -25.60 -32.22
C PHE D 428 -2.81 -27.04 -31.77
N PRO D 429 -3.20 -27.47 -30.56
CA PRO D 429 -3.14 -28.89 -30.25
C PRO D 429 -3.93 -29.79 -31.20
N ALA D 430 -5.09 -29.33 -31.66
CA ALA D 430 -5.96 -30.14 -32.53
C ALA D 430 -5.23 -30.38 -33.87
N ALA D 431 -4.55 -29.38 -34.40
CA ALA D 431 -3.82 -29.51 -35.69
C ALA D 431 -2.71 -30.55 -35.48
N LEU D 432 -2.06 -30.53 -34.32
CA LEU D 432 -0.95 -31.47 -34.06
C LEU D 432 -1.53 -32.87 -33.94
N GLY D 433 -2.66 -33.04 -33.24
CA GLY D 433 -3.33 -34.34 -33.11
C GLY D 433 -3.75 -34.90 -34.45
N SER D 434 -4.35 -34.06 -35.28
CA SER D 434 -4.83 -34.48 -36.63
C SER D 434 -3.61 -34.85 -37.50
N GLN D 435 -2.50 -34.13 -37.37
CA GLN D 435 -1.29 -34.35 -38.20
C GLN D 435 -0.68 -35.70 -37.80
N ILE D 436 -0.68 -36.01 -36.50
CA ILE D 436 -0.23 -37.34 -35.99
C ILE D 436 -1.15 -38.44 -36.52
N ALA D 437 -2.47 -38.20 -36.57
CA ALA D 437 -3.48 -39.17 -37.05
C ALA D 437 -3.25 -39.50 -38.54
N ASP D 438 -2.89 -38.52 -39.38
CA ASP D 438 -2.61 -38.77 -40.82
C ASP D 438 -1.35 -38.03 -41.26
N LYS D 439 -0.20 -38.70 -41.16
CA LYS D 439 1.13 -38.24 -41.59
C LYS D 439 1.15 -37.87 -43.07
N GLU D 440 0.19 -38.36 -43.89
CA GLU D 440 0.19 -38.21 -45.36
C GLU D 440 -0.65 -37.00 -45.80
N SER D 441 -1.29 -36.30 -44.86
CA SER D 441 -2.00 -35.05 -45.15
C SER D 441 -1.18 -33.90 -44.56
N ARG D 442 -0.66 -32.98 -45.39
CA ARG D 442 0.11 -31.81 -44.88
C ARG D 442 -0.89 -30.86 -44.20
N HIS D 443 -0.70 -30.64 -42.90
CA HIS D 443 -1.56 -29.72 -42.11
C HIS D 443 -1.04 -28.29 -42.23
N LEU D 444 -1.94 -27.38 -42.59
CA LEU D 444 -1.75 -25.92 -42.63
C LEU D 444 -2.62 -25.31 -41.54
N LEU D 445 -2.00 -24.76 -40.51
CA LEU D 445 -2.76 -24.19 -39.37
C LEU D 445 -2.73 -22.67 -39.50
N PHE D 446 -3.90 -22.04 -39.36
CA PHE D 446 -4.05 -20.58 -39.29
C PHE D 446 -4.59 -20.27 -37.90
N ILE D 447 -3.74 -19.70 -37.06
CA ILE D 447 -4.09 -19.40 -35.65
C ILE D 447 -3.69 -17.96 -35.36
N GLY D 448 -4.56 -17.24 -34.66
CA GLY D 448 -4.25 -15.86 -34.29
C GLY D 448 -3.28 -15.81 -33.12
N ASP D 449 -2.63 -14.68 -32.98
CA ASP D 449 -1.72 -14.38 -31.84
C ASP D 449 -2.45 -14.63 -30.52
N GLY D 450 -3.66 -14.12 -30.38
CA GLY D 450 -4.41 -14.16 -29.10
C GLY D 450 -4.75 -15.60 -28.73
N SER D 451 -5.06 -16.42 -29.71
CA SER D 451 -5.43 -17.85 -29.55
C SER D 451 -4.19 -18.71 -29.26
N LEU D 452 -3.08 -18.48 -29.94
CA LEU D 452 -1.85 -19.27 -29.75
C LEU D 452 -1.43 -19.17 -28.29
N GLN D 453 -1.57 -17.99 -27.68
CA GLN D 453 -1.12 -17.78 -26.28
C GLN D 453 -1.85 -18.75 -25.35
N LEU D 454 -3.00 -19.31 -25.71
CA LEU D 454 -3.72 -20.22 -24.76
C LEU D 454 -3.07 -21.61 -24.69
N THR D 455 -2.39 -22.05 -25.74
CA THR D 455 -2.03 -23.48 -25.91
C THR D 455 -0.59 -23.66 -26.43
N VAL D 456 0.23 -22.62 -26.38
CA VAL D 456 1.56 -22.56 -27.03
C VAL D 456 2.47 -23.72 -26.57
N GLN D 457 2.29 -24.25 -25.37
CA GLN D 457 3.26 -25.20 -24.78
C GLN D 457 3.33 -26.52 -25.58
N GLU D 458 2.37 -26.85 -26.45
CA GLU D 458 2.45 -28.11 -27.21
C GLU D 458 3.47 -27.98 -28.36
N LEU D 459 4.11 -26.82 -28.52
CA LEU D 459 5.29 -26.70 -29.43
C LEU D 459 6.34 -27.73 -28.99
N GLY D 460 6.44 -28.04 -27.69
CA GLY D 460 7.41 -29.03 -27.19
C GLY D 460 7.12 -30.41 -27.77
N LEU D 461 5.87 -30.84 -27.69
CA LEU D 461 5.39 -32.11 -28.28
C LEU D 461 5.65 -32.07 -29.80
N ALA D 462 5.33 -30.98 -30.49
CA ALA D 462 5.52 -30.89 -31.97
C ALA D 462 6.98 -31.19 -32.32
N ILE D 463 7.90 -30.64 -31.53
CA ILE D 463 9.37 -30.75 -31.77
C ILE D 463 9.77 -32.20 -31.51
N ARG D 464 9.37 -32.74 -30.36
CA ARG D 464 9.74 -34.13 -29.96
C ARG D 464 9.22 -35.12 -30.99
N GLU D 465 7.98 -34.98 -31.43
CA GLU D 465 7.33 -35.95 -32.34
C GLU D 465 7.89 -35.84 -33.76
N LYS D 466 8.63 -34.77 -34.05
CA LYS D 466 9.23 -34.47 -35.37
C LYS D 466 8.13 -34.48 -36.44
N ILE D 467 6.99 -33.87 -36.14
CA ILE D 467 5.89 -33.73 -37.14
C ILE D 467 6.12 -32.41 -37.87
N ASN D 468 5.55 -32.28 -39.06
CA ASN D 468 5.98 -31.23 -40.03
C ASN D 468 4.79 -30.39 -40.49
N PRO D 469 3.88 -29.96 -39.59
CA PRO D 469 2.82 -29.05 -40.01
C PRO D 469 3.39 -27.69 -40.42
N ILE D 470 2.60 -26.95 -41.21
CA ILE D 470 2.89 -25.56 -41.61
C ILE D 470 1.99 -24.65 -40.76
N CYS D 471 2.58 -23.91 -39.83
CA CYS D 471 1.85 -23.12 -38.82
C CYS D 471 1.97 -21.65 -39.17
N PHE D 472 0.85 -21.01 -39.42
CA PHE D 472 0.77 -19.57 -39.70
C PHE D 472 0.16 -18.88 -38.48
N ILE D 473 0.88 -17.91 -37.96
CA ILE D 473 0.43 -17.14 -36.76
C ILE D 473 0.03 -15.77 -37.25
N ILE D 474 -1.25 -15.42 -37.11
CA ILE D 474 -1.73 -14.11 -37.58
C ILE D 474 -1.47 -13.11 -36.45
N ASN D 475 -0.37 -12.39 -36.57
CA ASN D 475 0.07 -11.40 -35.55
C ASN D 475 -0.56 -10.06 -35.92
N ASN D 476 -1.74 -9.79 -35.37
CA ASN D 476 -2.40 -8.46 -35.59
C ASN D 476 -2.50 -7.70 -34.26
N ASP D 477 -1.58 -7.97 -33.34
CA ASP D 477 -1.41 -7.16 -32.10
C ASP D 477 -2.72 -7.19 -31.33
N GLY D 478 -3.29 -8.38 -31.09
CA GLY D 478 -4.43 -8.57 -30.17
C GLY D 478 -5.62 -9.25 -30.79
N TYR D 479 -6.79 -9.01 -30.18
CA TYR D 479 -8.03 -9.77 -30.47
C TYR D 479 -8.87 -9.01 -31.49
N THR D 480 -8.56 -9.17 -32.78
CA THR D 480 -9.22 -8.37 -33.85
C THR D 480 -10.71 -8.71 -33.94
N VAL D 481 -11.08 -10.00 -33.83
CA VAL D 481 -12.52 -10.34 -33.92
C VAL D 481 -13.27 -9.65 -32.78
N GLU D 482 -12.71 -9.60 -31.57
CA GLU D 482 -13.36 -8.90 -30.42
C GLU D 482 -13.42 -7.39 -30.70
N ARG D 483 -12.37 -6.79 -31.26
CA ARG D 483 -12.37 -5.35 -31.64
C ARG D 483 -13.53 -5.07 -32.60
N GLU D 484 -13.81 -6.01 -33.49
CA GLU D 484 -14.86 -5.84 -34.54
C GLU D 484 -16.26 -6.00 -33.91
N ILE D 485 -16.37 -6.59 -32.73
CA ILE D 485 -17.69 -6.78 -32.05
C ILE D 485 -17.93 -5.60 -31.10
N HIS D 486 -16.95 -5.32 -30.23
CA HIS D 486 -17.09 -4.31 -29.15
C HIS D 486 -15.72 -3.85 -28.65
N GLY D 487 -15.56 -2.52 -28.56
CA GLY D 487 -14.39 -1.92 -27.91
C GLY D 487 -13.10 -2.06 -28.73
N PRO D 488 -13.10 -1.58 -30.00
CA PRO D 488 -11.93 -1.70 -30.87
C PRO D 488 -10.67 -1.05 -30.28
N ASN D 489 -10.83 -0.05 -29.40
CA ASN D 489 -9.68 0.69 -28.80
C ASN D 489 -9.56 0.40 -27.31
N GLN D 490 -10.31 -0.56 -26.78
CA GLN D 490 -10.27 -0.87 -25.33
C GLN D 490 -9.05 -1.76 -25.03
N SER D 491 -8.37 -1.50 -23.93
CA SER D 491 -7.14 -2.22 -23.53
C SER D 491 -7.37 -3.72 -23.34
N TYR D 492 -8.60 -4.19 -23.05
CA TYR D 492 -8.85 -5.65 -22.87
C TYR D 492 -8.67 -6.41 -24.18
N ASN D 493 -8.67 -5.73 -25.33
CA ASN D 493 -8.49 -6.36 -26.67
C ASN D 493 -7.00 -6.40 -27.05
N ASP D 494 -6.14 -5.83 -26.21
CA ASP D 494 -4.65 -5.90 -26.37
C ASP D 494 -4.14 -7.12 -25.59
N ILE D 495 -3.06 -7.71 -26.07
CA ILE D 495 -2.35 -8.85 -25.44
C ILE D 495 -0.85 -8.53 -25.46
N PRO D 496 -0.06 -9.16 -24.57
CA PRO D 496 1.39 -8.97 -24.59
C PRO D 496 1.94 -9.45 -25.94
N MET D 497 2.70 -8.63 -26.65
CA MET D 497 3.23 -9.06 -27.95
C MET D 497 4.48 -9.92 -27.71
N TRP D 498 4.35 -11.20 -27.96
CA TRP D 498 5.52 -12.10 -27.95
C TRP D 498 6.31 -11.91 -29.26
N ASN D 499 7.51 -12.50 -29.30
CA ASN D 499 8.28 -12.61 -30.56
C ASN D 499 7.97 -13.97 -31.17
N TYR D 500 6.87 -14.08 -31.89
CA TYR D 500 6.25 -15.39 -32.24
C TYR D 500 7.27 -16.25 -33.01
N SER D 501 8.06 -15.64 -33.91
CA SER D 501 8.98 -16.38 -34.80
C SER D 501 10.16 -16.92 -33.98
N LYS D 502 10.40 -16.41 -32.77
CA LYS D 502 11.51 -16.88 -31.88
C LYS D 502 11.08 -18.04 -30.98
N LEU D 503 9.80 -18.40 -30.96
CA LEU D 503 9.33 -19.39 -29.96
C LEU D 503 9.99 -20.75 -30.20
N PRO D 504 10.05 -21.30 -31.43
CA PRO D 504 10.63 -22.66 -31.61
C PRO D 504 11.99 -22.82 -30.92
N GLU D 505 12.90 -21.86 -31.09
CA GLU D 505 14.23 -21.90 -30.44
C GLU D 505 14.06 -21.98 -28.91
N SER D 506 13.20 -21.16 -28.32
CA SER D 506 12.93 -21.12 -26.85
C SER D 506 12.43 -22.50 -26.36
N PHE D 507 11.67 -23.20 -27.21
CA PHE D 507 11.03 -24.50 -26.87
C PHE D 507 11.92 -25.69 -27.30
N GLY D 508 13.12 -25.40 -27.79
CA GLY D 508 14.22 -26.37 -27.95
C GLY D 508 14.38 -26.87 -29.37
N ALA D 509 13.79 -26.22 -30.36
CA ALA D 509 13.96 -26.67 -31.77
C ALA D 509 15.26 -26.11 -32.35
N THR D 510 15.81 -26.84 -33.30
CA THR D 510 16.88 -26.44 -34.22
C THR D 510 16.25 -26.09 -35.57
N GLU D 511 17.00 -25.39 -36.42
CA GLU D 511 16.67 -25.08 -37.85
C GLU D 511 16.45 -26.37 -38.65
N GLU D 512 17.05 -27.48 -38.22
CA GLU D 512 16.92 -28.80 -38.89
C GLU D 512 15.50 -29.34 -38.71
N ARG D 513 14.75 -28.83 -37.72
CA ARG D 513 13.42 -29.36 -37.33
C ARG D 513 12.34 -28.33 -37.67
N VAL D 514 12.55 -27.06 -37.27
CA VAL D 514 11.54 -25.97 -37.42
C VAL D 514 12.17 -24.79 -38.15
N VAL D 515 11.52 -24.37 -39.24
CA VAL D 515 11.93 -23.17 -40.02
C VAL D 515 11.01 -22.02 -39.61
N SER D 516 11.59 -20.94 -39.08
CA SER D 516 10.82 -19.75 -38.65
C SER D 516 10.92 -18.63 -39.68
N LYS D 517 9.82 -17.94 -39.93
CA LYS D 517 9.75 -16.84 -40.93
C LYS D 517 8.90 -15.71 -40.37
N ILE D 518 9.16 -14.47 -40.81
CA ILE D 518 8.27 -13.30 -40.56
C ILE D 518 7.87 -12.75 -41.92
N VAL D 519 6.58 -12.51 -42.14
CA VAL D 519 6.01 -12.13 -43.46
C VAL D 519 5.26 -10.81 -43.29
N ARG D 520 5.56 -9.84 -44.17
CA ARG D 520 4.92 -8.50 -44.14
C ARG D 520 4.13 -8.24 -45.43
N THR D 521 4.55 -8.79 -46.57
CA THR D 521 3.94 -8.44 -47.88
C THR D 521 3.27 -9.64 -48.55
N GLU D 522 2.43 -9.39 -49.55
CA GLU D 522 1.84 -10.47 -50.38
C GLU D 522 2.96 -11.29 -51.02
N ASN D 523 3.95 -10.66 -51.64
CA ASN D 523 5.07 -11.36 -52.30
C ASN D 523 5.72 -12.34 -51.30
N GLU D 524 5.96 -11.87 -50.07
CA GLU D 524 6.65 -12.69 -49.04
C GLU D 524 5.75 -13.86 -48.67
N PHE D 525 4.45 -13.60 -48.55
CA PHE D 525 3.49 -14.64 -48.14
C PHE D 525 3.53 -15.78 -49.17
N VAL D 526 3.42 -15.42 -50.44
CA VAL D 526 3.36 -16.45 -51.54
C VAL D 526 4.68 -17.23 -51.53
N SER D 527 5.81 -16.56 -51.42
CA SER D 527 7.14 -17.21 -51.45
C SER D 527 7.24 -18.19 -50.27
N VAL D 528 6.86 -17.75 -49.08
CA VAL D 528 7.05 -18.58 -47.85
C VAL D 528 6.06 -19.76 -47.87
N MET D 529 4.82 -19.56 -48.31
CA MET D 529 3.84 -20.68 -48.35
C MET D 529 4.34 -21.74 -49.33
N LYS D 530 4.80 -21.35 -50.52
CA LYS D 530 5.37 -22.31 -51.51
C LYS D 530 6.60 -23.02 -50.94
N GLU D 531 7.51 -22.28 -50.30
CA GLU D 531 8.74 -22.84 -49.66
C GLU D 531 8.34 -23.92 -48.65
N ALA D 532 7.37 -23.64 -47.78
CA ALA D 532 6.88 -24.57 -46.74
C ALA D 532 6.28 -25.82 -47.41
N GLN D 533 5.43 -25.63 -48.42
CA GLN D 533 4.77 -26.77 -49.10
C GLN D 533 5.83 -27.63 -49.82
N ALA D 534 6.93 -27.03 -50.29
CA ALA D 534 8.00 -27.75 -51.04
C ALA D 534 8.97 -28.44 -50.09
N ASP D 535 8.84 -28.25 -48.78
CA ASP D 535 9.73 -28.87 -47.76
C ASP D 535 8.89 -29.68 -46.78
N PRO D 536 8.48 -30.91 -47.14
CA PRO D 536 7.64 -31.72 -46.27
C PRO D 536 8.34 -32.31 -45.06
N ASN D 537 9.65 -32.11 -44.93
CA ASN D 537 10.47 -32.81 -43.91
C ASN D 537 10.78 -31.91 -42.71
N ARG D 538 10.24 -30.68 -42.69
CA ARG D 538 10.38 -29.79 -41.50
C ARG D 538 9.03 -29.12 -41.20
N MET D 539 8.86 -28.78 -39.94
CA MET D 539 7.76 -27.93 -39.44
C MET D 539 8.09 -26.48 -39.79
N TYR D 540 7.08 -25.73 -40.23
CA TYR D 540 7.18 -24.29 -40.53
C TYR D 540 6.39 -23.50 -39.48
N TRP D 541 6.98 -22.39 -39.07
CA TRP D 541 6.47 -21.52 -37.99
C TRP D 541 6.56 -20.10 -38.55
N ILE D 542 5.45 -19.65 -39.13
CA ILE D 542 5.41 -18.45 -40.00
C ILE D 542 4.56 -17.37 -39.32
N GLU D 543 5.21 -16.31 -38.89
CA GLU D 543 4.56 -15.13 -38.25
C GLU D 543 4.10 -14.17 -39.37
N LEU D 544 2.79 -14.01 -39.51
CA LEU D 544 2.19 -13.08 -40.51
C LEU D 544 1.87 -11.78 -39.79
N ILE D 545 2.34 -10.67 -40.32
CA ILE D 545 1.99 -9.35 -39.75
C ILE D 545 0.77 -8.77 -40.49
N LEU D 546 -0.31 -8.52 -39.74
CA LEU D 546 -1.58 -7.93 -40.23
C LEU D 546 -1.91 -6.75 -39.30
N ALA D 547 -2.64 -5.78 -39.78
CA ALA D 547 -3.11 -4.61 -39.00
C ALA D 547 -4.19 -5.07 -38.03
N LYS D 548 -4.19 -4.53 -36.81
CA LYS D 548 -5.26 -4.85 -35.83
C LYS D 548 -6.63 -4.42 -36.38
N GLU D 549 -6.68 -3.40 -37.25
CA GLU D 549 -7.95 -2.83 -37.76
C GLU D 549 -8.48 -3.65 -38.94
N ASP D 550 -7.71 -4.61 -39.44
CA ASP D 550 -8.03 -5.29 -40.71
C ASP D 550 -8.80 -6.60 -40.39
N ALA D 551 -9.99 -6.73 -40.94
CA ALA D 551 -10.78 -7.98 -40.82
C ALA D 551 -11.26 -8.39 -42.19
N PRO D 552 -11.37 -9.71 -42.43
CA PRO D 552 -11.91 -10.23 -43.67
C PRO D 552 -13.32 -9.67 -43.90
N LYS D 553 -13.70 -9.53 -45.17
CA LYS D 553 -15.00 -8.95 -45.62
C LYS D 553 -16.14 -9.54 -44.78
N VAL D 554 -16.13 -10.87 -44.59
CA VAL D 554 -17.20 -11.63 -43.89
C VAL D 554 -17.30 -11.14 -42.44
N LEU D 555 -16.16 -10.94 -41.80
CA LEU D 555 -16.09 -10.65 -40.35
C LEU D 555 -16.54 -9.21 -40.10
N LYS D 556 -16.28 -8.28 -41.03
CA LYS D 556 -16.76 -6.89 -40.91
C LYS D 556 -18.27 -6.94 -40.66
N LYS D 557 -19.01 -7.73 -41.46
CA LYS D 557 -20.49 -7.84 -41.35
C LYS D 557 -20.85 -8.71 -40.13
N MET D 558 -20.17 -9.83 -39.93
CA MET D 558 -20.45 -10.79 -38.83
C MET D 558 -20.26 -10.10 -37.46
N GLY D 559 -19.22 -9.28 -37.30
CA GLY D 559 -18.95 -8.54 -36.05
C GLY D 559 -20.19 -7.77 -35.57
N LYS D 560 -20.86 -7.06 -36.49
CA LYS D 560 -22.04 -6.21 -36.17
C LYS D 560 -23.23 -7.13 -35.88
N LEU D 561 -23.31 -8.31 -36.50
CA LEU D 561 -24.40 -9.28 -36.25
C LEU D 561 -24.23 -9.90 -34.85
N PHE D 562 -22.99 -10.23 -34.45
CA PHE D 562 -22.69 -10.69 -33.06
C PHE D 562 -23.06 -9.59 -32.06
N ALA D 563 -22.66 -8.35 -32.33
CA ALA D 563 -22.95 -7.19 -31.45
C ALA D 563 -24.48 -7.07 -31.27
N GLU D 564 -25.25 -7.18 -32.35
CA GLU D 564 -26.74 -7.13 -32.32
C GLU D 564 -27.30 -8.27 -31.45
N GLN D 565 -26.76 -9.47 -31.60
CA GLN D 565 -27.17 -10.66 -30.82
C GLN D 565 -26.92 -10.40 -29.33
N ASN D 566 -25.93 -9.57 -29.01
CA ASN D 566 -25.55 -9.26 -27.61
C ASN D 566 -26.09 -7.88 -27.23
N LYS D 567 -27.11 -7.36 -27.91
CA LYS D 567 -27.62 -5.98 -27.63
C LYS D 567 -28.32 -6.02 -26.27
N SER D 568 -27.91 -5.12 -25.35
CA SER D 568 -28.35 -5.04 -23.94
C SER D 568 -29.74 -4.38 -23.85
MG MG E . 10.61 17.64 -0.18
N1' TPP F . 6.86 17.49 12.14
C2' TPP F . 8.08 17.45 12.66
CM2 TPP F . 8.48 18.57 13.57
N3' TPP F . 8.97 16.48 12.42
C4' TPP F . 8.61 15.45 11.63
N4' TPP F . 9.50 14.45 11.44
C5' TPP F . 7.34 15.42 11.00
C6' TPP F . 6.51 16.48 11.31
C7' TPP F . 6.94 14.32 10.04
N3 TPP F . 7.82 14.26 8.84
C2 TPP F . 8.91 13.50 8.81
S1 TPP F . 9.74 13.59 7.29
C5 TPP F . 8.60 14.78 6.76
C4 TPP F . 7.62 14.99 7.67
CM4 TPP F . 6.44 15.89 7.47
C6 TPP F . 8.73 15.43 5.42
C7 TPP F . 10.09 15.95 5.04
O7 TPP F . 9.90 16.54 3.74
PA TPP F . 11.10 17.23 2.96
O1A TPP F . 10.55 17.92 1.77
O2A TPP F . 11.93 17.97 3.98
O3A TPP F . 11.99 15.96 2.58
PB TPP F . 11.98 15.10 1.19
O1B TPP F . 13.39 15.24 0.57
O2B TPP F . 11.76 13.66 1.57
O3B TPP F . 10.88 15.67 0.30
MG MG G . 9.45 46.18 16.16
N1' TPP H . 9.28 35.33 22.92
C2' TPP H . 7.97 35.11 22.85
CM2 TPP H . 7.50 33.86 22.20
N3' TPP H . 7.04 35.95 23.33
C4' TPP H . 7.45 37.04 23.96
N4' TPP H . 6.50 37.85 24.45
C5' TPP H . 8.81 37.41 24.03
C6' TPP H . 9.69 36.49 23.48
C7' TPP H . 9.27 38.70 24.68
N3 TPP H . 8.83 39.91 23.95
C2 TPP H . 7.79 40.69 24.37
S1 TPP H . 7.40 41.92 23.19
C5 TPP H . 8.84 41.54 22.33
C4 TPP H . 9.50 40.47 22.86
CM4 TPP H . 10.80 39.93 22.36
C6 TPP H . 9.28 42.39 21.17
C7 TPP H . 8.24 42.51 20.06
O7 TPP H . 8.82 43.39 19.05
PA TPP H . 7.95 43.84 17.78
O1A TPP H . 7.04 42.75 17.36
O2A TPP H . 9.00 44.34 16.85
O3A TPP H . 7.11 45.03 18.43
PB TPP H . 7.38 46.59 18.59
O1B TPP H . 7.25 46.94 20.03
O2B TPP H . 6.27 47.19 17.73
O3B TPP H . 8.75 46.88 18.02
MG MG I . 11.33 -31.69 -13.06
N1' TPP J . -1.47 -32.95 -13.74
C2' TPP J . -1.77 -32.00 -12.84
CM2 TPP J . -2.60 -30.84 -13.31
N3' TPP J . -1.41 -32.00 -11.55
C4' TPP J . -0.69 -33.04 -11.13
N4' TPP J . -0.33 -33.05 -9.83
C5' TPP J . -0.25 -34.05 -12.00
C6' TPP J . -0.70 -33.96 -13.30
C7' TPP J . 0.60 -35.21 -11.52
N3 TPP J . 1.91 -34.77 -11.05
C2 TPP J . 2.19 -34.51 -9.75
S1 TPP J . 3.85 -34.03 -9.53
C5 TPP J . 4.11 -34.20 -11.24
C4 TPP J . 3.00 -34.64 -11.90
CM4 TPP J . 2.88 -34.96 -13.35
C6 TPP J . 5.47 -33.92 -11.82
C7 TPP J . 6.04 -32.57 -11.46
O7 TPP J . 7.35 -32.48 -12.12
PA TPP J . 8.28 -31.19 -11.99
O1A TPP J . 9.33 -31.23 -13.04
O2A TPP J . 7.49 -29.91 -11.86
O3A TPP J . 8.88 -31.49 -10.54
PB TPP J . 10.23 -32.18 -10.04
O1B TPP J . 11.04 -31.08 -9.34
O2B TPP J . 9.73 -33.23 -9.15
O3B TPP J . 10.92 -32.70 -11.29
MG MG K . -5.07 -11.46 -33.23
N1' TPP L . -11.75 -17.84 -24.26
C2' TPP L . -11.93 -18.97 -24.95
CM2 TPP L . -11.36 -20.21 -24.38
N3' TPP L . -12.60 -19.07 -26.11
C4' TPP L . -13.07 -17.93 -26.63
N4' TPP L . -13.76 -18.02 -27.77
C5' TPP L . -12.91 -16.68 -26.01
C6' TPP L . -12.24 -16.72 -24.80
C7' TPP L . -13.49 -15.42 -26.61
N3 TPP L . -12.87 -15.04 -27.89
C2 TPP L . -13.42 -15.34 -29.09
S1 TPP L . -12.40 -14.89 -30.42
C5 TPP L . -11.28 -14.17 -29.28
C4 TPP L . -11.69 -14.29 -27.99
CM4 TPP L . -10.98 -13.76 -26.77
C6 TPP L . -10.06 -13.46 -29.77
C7 TPP L . -9.18 -14.26 -30.71
O7 TPP L . -8.06 -13.41 -31.04
PA TPP L . -6.94 -13.89 -32.11
O1A TPP L . -5.80 -12.95 -32.01
O2A TPP L . -6.72 -15.35 -31.94
O3A TPP L . -7.72 -13.69 -33.51
PB TPP L . -7.87 -12.43 -34.50
O1B TPP L . -7.06 -11.25 -33.99
O2B TPP L . -7.26 -13.01 -35.83
O3B TPP L . -9.33 -12.13 -34.64
#